data_8WM7
#
_entry.id   8WM7
#
_cell.length_a   1.00
_cell.length_b   1.00
_cell.length_c   1.00
_cell.angle_alpha   90.00
_cell.angle_beta   90.00
_cell.angle_gamma   90.00
#
_symmetry.space_group_name_H-M   'P 1'
#
loop_
_entity.id
_entity.type
_entity.pdbx_description
1 polymer 'Nitrate transport permease protein'
2 polymer 'Nitrate transport ATP-binding protein'
3 polymer 'Nitrate transport ATP-binding protein'
4 polymer 'Nitrogen regulatory protein P-II'
5 non-polymer "ADENOSINE-5'-DIPHOSPHATE"
#
loop_
_entity_poly.entity_id
_entity_poly.type
_entity_poly.pdbx_seq_one_letter_code
_entity_poly.pdbx_strand_id
1 'polypeptide(L)'
;MTAVLGNRARVRKSQKAINNFLWKKVVPPLVALGIFLVIWQLLCLNPNFKLPGPIETFSETWDPFIINPFFDNGESDKGL
GWQILSSLGRVGLGFSLAAIAGIILGILIGVNPLVYNAVDPIFQVLRTVPPLAWLPISLAAFQQANPSAIFVIFITSIWP
ILLNTTVGVQQIPQDYINVAKVLRLKGVKYFFKIVFPATVPYIFTGLRIGIGLSWLAIVAAEMLVGGVGIGSFIWDAYNT
TTETNLSEIILALIYVGLVGLLLDRLVGFVASKVVADQK
;
B,A
2 'polypeptide(L)'
;MPTFVEIDHVDRIFDLPNGGRYIALKNIELKIKQGEFVSLIGHSGCGKSTLLNIIAGLDRASIGGVTLEGREIREPSPDR
MVVFQNYSLLPWLTVRENVALAVDEVYQGKSKGERRAIIEEHIDMVGLRLAANKRPSELSGGMKQRVAIARALATRPKLL
LLDEPFGALDALTRGSLQEQLMKICNEHQITCVMVTHDVDEALLLSDRVVMLTNGPEAHIGQILEVPISRPRQRLEVVKH
PSYYNLRNEIIYFLNQQKLAKKRQTQQASAPLGTAKAVIEIGFMPLTDSAPLIVAKEKGFFAKYGLDNVILNRANNWQAI
ATGVVTGKLDAAQMVAGMPIALTLGAGSQTPTPVINALNLSRNANAITFSKRLYNQGVRSLADLKAVIDSSPDQILTLGV
VHSASMQNLILRYWLAAGGIDPDRDVSLTVIPPTQMVSQLKAGNIDGYCAGEPWNYQAVHDDLGFVAATALEIWSGQPKK
VLGVREDWAQKYPETYLNLVKALIEACKYCDDLRNREEILEILCRPEYLDVNPAYVRSGFIDPYDRGDGTPPQQLTAYNQ
FYLNKTNYPNRTEILWMITQMARWGLTPFPKNWVEITERVCRTDIFGAAARDLGLLDIGEDDPIHLFDGKLFNPSEPIEY
LKSLEIRRQIRIEEVFISSGDYKDHDGDYKDHDIDYKDDDDK
;
C
3 'polypeptide(L)'
;MQIINRNNQTNLKPQKTDNFLVVEGVSKIYPTPEGPYTVLDGIDLKVREGEFVCLIGHSGCGKSTLLNMISGFNTPSEGV
VLLQDKPITEPGPDRMMVFQNYCLLPWLNVFENVYLAVDAVFPNKPQAEKRAIVREHLAMVGLTEAAEKKPSQISGGMKQ
RVAIARALSIRPQVLILDEPFGALDAITKEELQEELLQIWSDHQVTVLMITHDIDEALFLADRVVMMTNGPAAQIGEILD
IPFDRPRNRRRIMEDPKYYDLRNYALDFLFNRFAHNE
;
D
4 'polypeptide(L)'
;MKKVEAIIRPFKLDEVKIALVNAGIVGMTVSEVRGFGRQKGQTERYRGSEYTVEFLQKLKVEIVVEDNQVDMVVDKIIAA
ARTGEIGDGKIFISPVEQVIRIRTGEKNTEAVHHHHHH
;
E,F,G
#
loop_
_chem_comp.id
_chem_comp.type
_chem_comp.name
_chem_comp.formula
ADP non-polymer ADENOSINE-5'-DIPHOSPHATE 'C10 H15 N5 O10 P2'
#
# COMPACT_ATOMS: atom_id res chain seq x y z
N LEU A 22 9.38 16.39 -18.09
CA LEU A 22 10.46 16.95 -18.89
C LEU A 22 11.16 18.08 -18.14
N TRP A 23 10.37 19.02 -17.63
CA TRP A 23 10.93 20.16 -16.92
C TRP A 23 11.63 19.76 -15.63
N LYS A 24 11.38 18.55 -15.13
CA LYS A 24 12.01 18.05 -13.92
C LYS A 24 13.28 17.26 -14.17
N LYS A 25 13.66 17.06 -15.44
CA LYS A 25 14.88 16.34 -15.76
C LYS A 25 15.80 17.09 -16.72
N VAL A 26 15.33 18.17 -17.34
CA VAL A 26 16.17 19.00 -18.20
C VAL A 26 16.68 20.23 -17.46
N VAL A 27 15.82 20.88 -16.69
CA VAL A 27 16.24 22.07 -15.95
C VAL A 27 17.39 21.78 -15.00
N PRO A 28 17.37 20.70 -14.22
CA PRO A 28 18.43 20.49 -13.22
C PRO A 28 19.81 20.49 -13.84
N PRO A 29 20.08 19.63 -14.83
CA PRO A 29 21.45 19.59 -15.37
C PRO A 29 21.94 20.92 -15.92
N LEU A 30 21.07 21.69 -16.59
CA LEU A 30 21.49 22.99 -17.08
C LEU A 30 21.87 23.93 -15.95
N VAL A 31 21.29 23.74 -14.77
CA VAL A 31 21.70 24.54 -13.61
C VAL A 31 23.14 24.23 -13.24
N ALA A 32 23.54 22.96 -13.36
CA ALA A 32 24.90 22.58 -13.00
C ALA A 32 25.92 23.31 -13.86
N LEU A 33 25.65 23.43 -15.16
CA LEU A 33 26.58 24.14 -16.04
C LEU A 33 26.76 25.58 -15.57
N GLY A 34 25.66 26.26 -15.25
CA GLY A 34 25.76 27.61 -14.75
C GLY A 34 26.62 27.69 -13.50
N ILE A 35 26.41 26.77 -12.57
CA ILE A 35 27.26 26.70 -11.39
C ILE A 35 28.69 26.32 -11.80
N PHE A 36 28.82 25.37 -12.73
CA PHE A 36 30.15 24.98 -13.18
C PHE A 36 30.85 26.14 -13.87
N LEU A 37 30.13 26.88 -14.72
CA LEU A 37 30.74 27.98 -15.45
C LEU A 37 31.25 29.06 -14.50
N VAL A 38 30.41 29.48 -13.54
CA VAL A 38 30.84 30.50 -12.59
C VAL A 38 32.01 30.00 -11.76
N ILE A 39 31.93 28.74 -11.29
CA ILE A 39 33.05 28.16 -10.57
C ILE A 39 34.27 28.05 -11.47
N TRP A 40 34.06 27.60 -12.71
CA TRP A 40 35.15 27.63 -13.69
C TRP A 40 35.64 29.05 -13.90
N GLN A 41 34.70 30.00 -14.01
CA GLN A 41 35.07 31.40 -14.03
C GLN A 41 35.58 31.82 -12.64
N LEU A 42 36.16 33.02 -12.59
CA LEU A 42 36.72 33.59 -11.36
C LEU A 42 38.02 32.89 -10.97
N LEU A 43 38.39 31.85 -11.72
CA LEU A 43 39.70 31.23 -11.58
C LEU A 43 40.74 31.84 -12.52
N CYS A 44 40.31 32.68 -13.47
CA CYS A 44 41.24 33.37 -14.35
C CYS A 44 41.91 34.55 -13.63
N LEU A 45 41.22 35.16 -12.67
CA LEU A 45 41.78 36.32 -11.98
C LEU A 45 43.10 35.97 -11.29
N ASN A 46 43.29 34.70 -10.93
CA ASN A 46 44.53 34.29 -10.30
C ASN A 46 45.59 34.09 -11.36
N PRO A 47 46.68 34.86 -11.37
CA PRO A 47 47.72 34.64 -12.38
C PRO A 47 48.35 33.25 -12.30
N ASN A 48 48.44 32.68 -11.10
CA ASN A 48 49.01 31.34 -10.96
C ASN A 48 48.18 30.31 -11.70
N PHE A 49 46.85 30.40 -11.61
CA PHE A 49 45.94 29.49 -12.31
C PHE A 49 45.86 29.90 -13.78
N LYS A 50 46.94 29.62 -14.49
CA LYS A 50 47.09 30.06 -15.89
C LYS A 50 46.34 29.09 -16.79
N LEU A 51 45.02 29.24 -16.82
CA LEU A 51 44.16 28.49 -17.73
C LEU A 51 43.13 29.44 -18.34
N PRO A 52 42.67 29.13 -19.56
CA PRO A 52 41.68 30.00 -20.19
C PRO A 52 40.33 29.93 -19.48
N GLY A 53 39.58 31.03 -19.56
CA GLY A 53 38.28 31.10 -18.96
C GLY A 53 37.17 30.93 -19.98
N PRO A 54 35.94 30.72 -19.50
CA PRO A 54 34.82 30.53 -20.43
C PRO A 54 34.60 31.69 -21.38
N ILE A 55 34.85 32.92 -20.92
CA ILE A 55 34.53 34.10 -21.74
C ILE A 55 35.33 34.09 -23.03
N GLU A 56 36.60 33.67 -22.98
CA GLU A 56 37.47 33.72 -24.14
C GLU A 56 37.85 32.35 -24.69
N THR A 57 37.79 31.30 -23.87
CA THR A 57 38.09 29.97 -24.39
C THR A 57 37.15 29.59 -25.52
N PHE A 58 35.94 30.14 -25.53
CA PHE A 58 34.99 29.90 -26.60
C PHE A 58 34.94 31.03 -27.62
N SER A 59 35.53 32.18 -27.33
CA SER A 59 35.36 33.36 -28.18
C SER A 59 36.18 33.25 -29.46
N GLU A 60 37.51 33.22 -29.33
CA GLU A 60 38.35 33.17 -30.52
C GLU A 60 38.22 31.83 -31.23
N THR A 61 37.96 30.77 -30.48
CA THR A 61 37.75 29.45 -31.08
C THR A 61 36.43 29.35 -31.82
N TRP A 62 35.54 30.33 -31.65
CA TRP A 62 34.24 30.27 -32.33
C TRP A 62 34.40 30.26 -33.84
N ASP A 63 35.28 31.11 -34.38
CA ASP A 63 35.37 31.24 -35.83
C ASP A 63 36.10 30.06 -36.46
N PRO A 64 37.33 29.73 -36.08
CA PRO A 64 38.10 28.74 -36.86
C PRO A 64 37.72 27.30 -36.60
N PHE A 65 36.99 27.00 -35.52
CA PHE A 65 36.83 25.62 -35.10
C PHE A 65 35.41 25.25 -34.67
N ILE A 66 34.43 26.14 -34.80
CA ILE A 66 33.06 25.81 -34.41
C ILE A 66 32.12 26.08 -35.59
N ILE A 67 32.11 27.31 -36.10
CA ILE A 67 31.18 27.66 -37.16
C ILE A 67 31.46 26.85 -38.42
N ASN A 68 32.70 26.43 -38.62
CA ASN A 68 33.12 25.69 -39.81
C ASN A 68 33.84 24.41 -39.39
N PRO A 69 33.11 23.43 -38.88
CA PRO A 69 33.77 22.17 -38.49
C PRO A 69 34.54 21.53 -39.61
N PHE A 70 34.00 21.56 -40.83
CA PHE A 70 34.65 20.95 -41.99
C PHE A 70 35.45 22.00 -42.78
N PHE A 71 36.43 22.59 -42.10
CA PHE A 71 37.38 23.49 -42.75
C PHE A 71 38.62 22.71 -43.13
N ASP A 72 38.95 22.69 -44.41
CA ASP A 72 40.04 21.89 -44.95
C ASP A 72 41.15 22.83 -45.42
N ASN A 73 42.36 22.64 -44.88
CA ASN A 73 43.53 23.39 -45.30
C ASN A 73 44.45 22.58 -46.22
N GLY A 74 44.73 21.33 -45.85
CA GLY A 74 45.44 20.44 -46.77
C GLY A 74 46.48 19.52 -46.15
N GLU A 75 47.05 19.90 -45.02
CA GLU A 75 48.16 19.14 -44.43
C GLU A 75 47.90 19.00 -42.93
N SER A 76 47.25 17.90 -42.55
CA SER A 76 47.05 17.54 -41.14
C SER A 76 46.58 18.73 -40.31
N ASP A 77 45.87 19.66 -40.95
CA ASP A 77 45.44 20.88 -40.31
C ASP A 77 44.01 21.25 -40.72
N LYS A 78 43.14 20.26 -40.85
CA LYS A 78 41.75 20.50 -41.22
C LYS A 78 40.96 20.93 -39.98
N GLY A 79 39.63 20.99 -40.10
CA GLY A 79 38.77 21.34 -39.00
C GLY A 79 38.54 20.18 -38.05
N LEU A 80 37.82 20.46 -36.96
CA LEU A 80 37.56 19.44 -35.95
C LEU A 80 36.73 18.30 -36.53
N GLY A 81 35.75 18.63 -37.37
CA GLY A 81 34.90 17.60 -37.93
C GLY A 81 35.69 16.54 -38.67
N TRP A 82 36.63 16.97 -39.51
CA TRP A 82 37.50 16.01 -40.19
C TRP A 82 38.37 15.28 -39.18
N GLN A 83 38.88 16.00 -38.18
CA GLN A 83 39.71 15.36 -37.16
C GLN A 83 38.92 14.29 -36.40
N ILE A 84 37.68 14.60 -36.02
CA ILE A 84 36.86 13.62 -35.30
C ILE A 84 36.53 12.44 -36.22
N LEU A 85 36.06 12.74 -37.43
CA LEU A 85 35.77 11.68 -38.39
C LEU A 85 37.03 10.95 -38.85
N SER A 86 38.19 11.60 -38.77
CA SER A 86 39.42 10.92 -39.13
C SER A 86 39.70 9.76 -38.18
N SER A 87 39.64 10.02 -36.88
CA SER A 87 39.85 8.96 -35.90
C SER A 87 38.64 8.04 -35.80
N LEU A 88 37.44 8.60 -35.84
CA LEU A 88 36.23 7.78 -35.76
C LEU A 88 36.23 6.72 -36.86
N GLY A 89 36.75 7.07 -38.04
CA GLY A 89 36.90 6.07 -39.09
C GLY A 89 37.86 4.96 -38.68
N ARG A 90 38.97 5.33 -38.03
CA ARG A 90 39.94 4.32 -37.62
C ARG A 90 39.34 3.35 -36.61
N VAL A 91 38.60 3.85 -35.62
CA VAL A 91 37.93 2.95 -34.68
C VAL A 91 36.75 2.25 -35.33
N GLY A 92 36.27 2.74 -36.46
CA GLY A 92 35.21 2.08 -37.19
C GLY A 92 35.75 0.99 -38.10
N LEU A 93 36.70 1.36 -38.97
CA LEU A 93 37.37 0.36 -39.79
C LEU A 93 38.08 -0.67 -38.90
N GLY A 94 38.73 -0.21 -37.84
CA GLY A 94 39.20 -1.08 -36.80
C GLY A 94 38.08 -1.41 -35.83
N PHE A 95 38.39 -2.33 -34.92
CA PHE A 95 37.45 -2.78 -33.88
C PHE A 95 36.30 -3.57 -34.49
N SER A 96 36.19 -3.61 -35.82
CA SER A 96 35.26 -4.51 -36.48
C SER A 96 35.86 -5.90 -36.65
N LEU A 97 37.18 -5.97 -36.84
CA LEU A 97 37.88 -7.24 -36.69
C LEU A 97 37.77 -7.74 -35.25
N ALA A 98 37.89 -6.83 -34.30
CA ALA A 98 37.68 -7.19 -32.89
C ALA A 98 36.20 -7.37 -32.58
N ALA A 99 35.31 -6.68 -33.31
CA ALA A 99 33.88 -6.85 -33.08
C ALA A 99 33.49 -8.32 -33.19
N ILE A 100 33.85 -8.95 -34.30
CA ILE A 100 33.70 -10.41 -34.41
C ILE A 100 35.02 -11.01 -33.97
N ALA A 101 35.22 -11.02 -32.65
CA ALA A 101 36.24 -11.83 -32.00
C ALA A 101 35.65 -12.76 -30.96
N GLY A 102 34.89 -12.21 -30.01
CA GLY A 102 34.09 -13.03 -29.13
C GLY A 102 32.83 -13.57 -29.77
N ILE A 103 32.38 -12.94 -30.85
CA ILE A 103 31.24 -13.46 -31.59
C ILE A 103 31.59 -14.81 -32.21
N ILE A 104 32.85 -14.96 -32.64
CA ILE A 104 33.30 -16.21 -33.23
C ILE A 104 34.17 -16.96 -32.23
N LEU A 105 35.32 -16.38 -31.88
CA LEU A 105 36.26 -17.08 -31.03
C LEU A 105 35.70 -17.26 -29.62
N GLY A 106 34.83 -16.35 -29.17
CA GLY A 106 34.27 -16.47 -27.84
C GLY A 106 33.40 -17.71 -27.68
N ILE A 107 32.53 -17.97 -28.64
CA ILE A 107 31.63 -19.11 -28.53
C ILE A 107 32.40 -20.42 -28.68
N LEU A 108 33.41 -20.46 -29.56
CA LEU A 108 34.24 -21.65 -29.66
C LEU A 108 34.82 -22.03 -28.30
N ILE A 109 35.28 -21.04 -27.53
CA ILE A 109 35.61 -21.29 -26.13
C ILE A 109 34.32 -21.34 -25.32
N GLY A 110 34.40 -21.96 -24.14
CA GLY A 110 33.24 -22.11 -23.30
C GLY A 110 32.51 -23.41 -23.54
N VAL A 111 32.06 -23.63 -24.79
CA VAL A 111 31.48 -24.92 -25.14
C VAL A 111 32.47 -26.06 -25.04
N ASN A 112 33.75 -25.74 -24.80
CA ASN A 112 34.81 -26.72 -24.58
C ASN A 112 35.40 -26.43 -23.20
N PRO A 113 34.87 -27.03 -22.13
CA PRO A 113 35.40 -26.71 -20.79
C PRO A 113 36.87 -27.00 -20.64
N LEU A 114 37.40 -27.99 -21.35
CA LEU A 114 38.81 -28.33 -21.21
C LEU A 114 39.71 -27.18 -21.62
N VAL A 115 39.38 -26.51 -22.73
CA VAL A 115 40.24 -25.45 -23.21
C VAL A 115 39.92 -24.12 -22.53
N TYR A 116 38.69 -23.95 -22.04
CA TYR A 116 38.33 -22.70 -21.38
C TYR A 116 39.22 -22.44 -20.17
N ASN A 117 39.45 -23.47 -19.35
CA ASN A 117 40.35 -23.33 -18.21
C ASN A 117 41.81 -23.27 -18.62
N ALA A 118 42.13 -23.62 -19.87
CA ALA A 118 43.50 -23.61 -20.36
C ALA A 118 43.86 -22.32 -21.08
N VAL A 119 42.93 -21.36 -21.18
CA VAL A 119 43.21 -20.09 -21.85
C VAL A 119 42.80 -18.93 -20.95
N ASP A 120 42.02 -19.21 -19.90
CA ASP A 120 41.58 -18.15 -19.01
C ASP A 120 42.74 -17.40 -18.37
N PRO A 121 43.72 -18.07 -17.76
CA PRO A 121 44.82 -17.32 -17.13
C PRO A 121 45.58 -16.44 -18.11
N ILE A 122 45.76 -16.91 -19.35
CA ILE A 122 46.53 -16.13 -20.32
C ILE A 122 45.74 -14.90 -20.74
N PHE A 123 44.45 -15.06 -21.03
CA PHE A 123 43.64 -13.93 -21.47
C PHE A 123 43.39 -12.95 -20.34
N GLN A 124 43.32 -13.43 -19.09
CA GLN A 124 43.18 -12.52 -17.96
C GLN A 124 44.40 -11.61 -17.85
N VAL A 125 45.60 -12.16 -18.02
CA VAL A 125 46.81 -11.34 -17.97
C VAL A 125 46.89 -10.42 -19.19
N LEU A 126 46.60 -10.96 -20.38
CA LEU A 126 46.64 -10.14 -21.57
C LEU A 126 45.57 -9.05 -21.54
N ARG A 127 44.41 -9.35 -20.97
CA ARG A 127 43.33 -8.38 -20.96
C ARG A 127 43.72 -7.14 -20.16
N THR A 128 44.36 -7.32 -19.02
CA THR A 128 44.66 -6.20 -18.12
C THR A 128 45.91 -5.43 -18.53
N VAL A 129 46.64 -5.89 -19.54
CA VAL A 129 47.78 -5.09 -20.00
C VAL A 129 47.28 -3.75 -20.51
N PRO A 130 47.83 -2.62 -20.08
CA PRO A 130 47.24 -1.33 -20.43
C PRO A 130 47.27 -1.09 -21.93
N PRO A 131 46.22 -0.50 -22.49
CA PRO A 131 46.27 -0.12 -23.90
C PRO A 131 47.36 0.91 -24.15
N LEU A 132 47.80 0.97 -25.40
CA LEU A 132 48.87 1.88 -25.83
C LEU A 132 50.24 1.37 -25.37
N ALA A 133 50.25 0.34 -24.51
CA ALA A 133 51.49 -0.37 -24.26
C ALA A 133 51.81 -1.35 -25.37
N TRP A 134 50.84 -1.66 -26.23
CA TRP A 134 51.11 -2.44 -27.43
C TRP A 134 51.73 -1.59 -28.53
N LEU A 135 51.46 -0.30 -28.53
CA LEU A 135 51.93 0.58 -29.60
C LEU A 135 53.43 0.46 -29.86
N PRO A 136 54.30 0.44 -28.86
CA PRO A 136 55.75 0.36 -29.15
C PRO A 136 56.13 -0.83 -30.01
N ILE A 137 55.51 -1.98 -29.80
CA ILE A 137 55.80 -3.15 -30.63
C ILE A 137 54.91 -3.18 -31.88
N SER A 138 53.74 -2.54 -31.83
CA SER A 138 52.90 -2.48 -33.01
C SER A 138 53.60 -1.72 -34.13
N LEU A 139 54.25 -0.60 -33.81
CA LEU A 139 55.04 0.11 -34.81
C LEU A 139 56.26 -0.69 -35.22
N ALA A 140 56.72 -1.61 -34.37
CA ALA A 140 57.83 -2.47 -34.75
C ALA A 140 57.38 -3.54 -35.76
N ALA A 141 56.21 -4.14 -35.52
CA ALA A 141 55.69 -5.13 -36.47
C ALA A 141 55.32 -4.48 -37.79
N PHE A 142 54.60 -3.36 -37.74
CA PHE A 142 54.17 -2.63 -38.93
C PHE A 142 55.05 -1.39 -39.08
N GLN A 143 55.71 -1.28 -40.23
CA GLN A 143 56.53 -0.11 -40.49
C GLN A 143 55.68 1.15 -40.55
N GLN A 144 54.51 1.07 -41.18
CA GLN A 144 53.64 2.23 -41.34
C GLN A 144 52.96 2.56 -40.01
N ALA A 145 52.22 3.67 -40.02
CA ALA A 145 51.49 4.15 -38.85
C ALA A 145 49.99 3.96 -38.95
N ASN A 146 49.41 4.13 -40.13
CA ASN A 146 47.97 3.94 -40.27
C ASN A 146 47.56 2.51 -39.96
N PRO A 147 48.20 1.47 -40.52
CA PRO A 147 47.89 0.11 -40.07
C PRO A 147 48.70 -0.28 -38.85
N SER A 148 48.82 0.65 -37.92
CA SER A 148 49.40 0.42 -36.60
C SER A 148 48.50 0.95 -35.49
N ALA A 149 47.84 2.08 -35.72
CA ALA A 149 46.85 2.59 -34.80
C ALA A 149 45.50 1.87 -34.92
N ILE A 150 45.35 0.99 -35.90
CA ILE A 150 44.18 0.14 -35.98
C ILE A 150 44.40 -1.17 -35.25
N PHE A 151 45.61 -1.73 -35.35
CA PHE A 151 45.90 -2.97 -34.64
C PHE A 151 45.81 -2.78 -33.14
N VAL A 152 46.30 -1.65 -32.63
CA VAL A 152 46.22 -1.38 -31.20
C VAL A 152 44.77 -1.44 -30.72
N ILE A 153 43.86 -0.87 -31.51
CA ILE A 153 42.45 -0.93 -31.15
C ILE A 153 41.94 -2.35 -31.18
N PHE A 154 42.31 -3.12 -32.20
CA PHE A 154 41.82 -4.50 -32.30
C PHE A 154 42.30 -5.35 -31.14
N ILE A 155 43.57 -5.20 -30.76
CA ILE A 155 44.13 -6.07 -29.72
C ILE A 155 43.74 -5.63 -28.32
N THR A 156 43.28 -4.39 -28.14
CA THR A 156 42.85 -3.93 -26.83
C THR A 156 41.37 -4.12 -26.58
N SER A 157 40.54 -4.01 -27.62
CA SER A 157 39.10 -4.18 -27.46
C SER A 157 38.65 -5.62 -27.62
N ILE A 158 39.50 -6.49 -28.16
CA ILE A 158 39.12 -7.89 -28.33
C ILE A 158 38.89 -8.56 -26.98
N TRP A 159 39.77 -8.30 -26.02
CA TRP A 159 39.71 -9.03 -24.75
C TRP A 159 38.39 -8.81 -24.02
N PRO A 160 37.92 -7.59 -23.80
CA PRO A 160 36.64 -7.43 -23.08
C PRO A 160 35.45 -8.04 -23.80
N ILE A 161 35.54 -8.26 -25.10
CA ILE A 161 34.40 -8.80 -25.84
C ILE A 161 34.30 -10.30 -25.66
N LEU A 162 35.39 -11.03 -25.92
CA LEU A 162 35.32 -12.49 -25.82
C LEU A 162 35.29 -12.95 -24.37
N LEU A 163 35.98 -12.24 -23.47
CA LEU A 163 35.91 -12.61 -22.06
C LEU A 163 34.50 -12.47 -21.53
N ASN A 164 33.80 -11.39 -21.89
CA ASN A 164 32.42 -11.20 -21.48
C ASN A 164 31.44 -12.00 -22.32
N THR A 165 31.90 -12.58 -23.44
CA THR A 165 31.08 -13.51 -24.22
C THR A 165 31.33 -14.95 -23.79
N THR A 166 32.59 -15.28 -23.46
CA THR A 166 32.92 -16.62 -22.97
C THR A 166 32.35 -16.88 -21.58
N VAL A 167 31.92 -15.84 -20.87
CA VAL A 167 31.30 -16.06 -19.57
C VAL A 167 29.85 -16.48 -19.71
N GLY A 168 29.18 -16.05 -20.78
CA GLY A 168 27.78 -16.41 -20.96
C GLY A 168 27.58 -17.89 -21.19
N VAL A 169 28.42 -18.48 -22.04
CA VAL A 169 28.29 -19.91 -22.32
C VAL A 169 28.48 -20.71 -21.04
N GLN A 170 29.26 -20.19 -20.09
CA GLN A 170 29.43 -20.81 -18.78
C GLN A 170 28.37 -20.41 -17.78
N GLN A 171 27.43 -19.54 -18.14
CA GLN A 171 26.43 -19.09 -17.19
C GLN A 171 25.04 -19.01 -17.83
N ILE A 172 24.80 -19.78 -18.89
CA ILE A 172 23.42 -19.91 -19.36
C ILE A 172 22.59 -20.58 -18.26
N PRO A 173 21.43 -20.06 -17.89
CA PRO A 173 20.72 -20.60 -16.73
C PRO A 173 20.45 -22.08 -16.88
N GLN A 174 20.56 -22.81 -15.76
CA GLN A 174 20.24 -24.23 -15.77
C GLN A 174 18.79 -24.47 -16.18
N ASP A 175 17.93 -23.46 -16.04
CA ASP A 175 16.54 -23.60 -16.47
C ASP A 175 16.46 -23.84 -17.97
N TYR A 176 17.19 -23.06 -18.76
CA TYR A 176 17.14 -23.20 -20.21
C TYR A 176 17.84 -24.47 -20.68
N ILE A 177 18.74 -25.03 -19.88
CA ILE A 177 19.33 -26.31 -20.23
C ILE A 177 18.29 -27.42 -20.07
N ASN A 178 17.53 -27.40 -18.98
CA ASN A 178 16.54 -28.45 -18.73
C ASN A 178 15.46 -28.45 -19.80
N VAL A 179 14.91 -27.27 -20.12
CA VAL A 179 13.88 -27.19 -21.13
C VAL A 179 14.38 -27.70 -22.48
N ALA A 180 15.69 -27.70 -22.68
CA ALA A 180 16.28 -28.25 -23.89
C ALA A 180 16.55 -29.75 -23.78
N LYS A 181 16.81 -30.24 -22.56
CA LYS A 181 17.06 -31.67 -22.38
C LYS A 181 15.77 -32.47 -22.42
N VAL A 182 14.68 -31.93 -21.87
CA VAL A 182 13.41 -32.66 -21.89
C VAL A 182 13.00 -32.95 -23.33
N LEU A 183 13.17 -31.98 -24.21
CA LEU A 183 13.12 -32.24 -25.65
C LEU A 183 14.46 -32.82 -26.09
N ARG A 184 14.44 -33.49 -27.25
CA ARG A 184 15.66 -34.05 -27.81
C ARG A 184 16.42 -32.99 -28.62
N LEU A 185 16.70 -31.87 -27.98
CA LEU A 185 17.41 -30.77 -28.62
C LEU A 185 18.91 -30.97 -28.45
N LYS A 186 19.62 -31.14 -29.57
CA LYS A 186 21.07 -31.30 -29.54
C LYS A 186 21.62 -30.95 -30.92
N GLY A 187 22.93 -30.72 -30.95
CA GLY A 187 23.58 -30.39 -32.21
C GLY A 187 23.38 -28.93 -32.59
N VAL A 188 23.31 -28.70 -33.90
CA VAL A 188 23.20 -27.33 -34.41
C VAL A 188 21.90 -26.69 -33.93
N LYS A 189 20.79 -27.44 -33.97
CA LYS A 189 19.52 -26.89 -33.55
C LYS A 189 19.58 -26.34 -32.13
N TYR A 190 20.41 -26.95 -31.28
CA TYR A 190 20.54 -26.49 -29.91
C TYR A 190 21.29 -25.16 -29.82
N PHE A 191 22.26 -24.95 -30.71
CA PHE A 191 23.11 -23.76 -30.60
C PHE A 191 22.35 -22.48 -30.88
N PHE A 192 21.59 -22.44 -31.98
CA PHE A 192 20.99 -21.20 -32.44
C PHE A 192 19.67 -20.86 -31.77
N LYS A 193 19.17 -21.71 -30.86
CA LYS A 193 17.91 -21.45 -30.19
C LYS A 193 18.01 -21.46 -28.67
N ILE A 194 19.11 -21.94 -28.10
CA ILE A 194 19.25 -22.02 -26.65
C ILE A 194 20.52 -21.29 -26.22
N VAL A 195 21.65 -21.63 -26.83
CA VAL A 195 22.94 -21.12 -26.35
C VAL A 195 23.19 -19.71 -26.88
N PHE A 196 23.28 -19.55 -28.19
CA PHE A 196 23.68 -18.26 -28.75
C PHE A 196 22.75 -17.13 -28.33
N PRO A 197 21.43 -17.27 -28.40
CA PRO A 197 20.56 -16.19 -27.91
C PRO A 197 20.73 -15.91 -26.42
N ALA A 198 21.26 -16.86 -25.66
CA ALA A 198 21.46 -16.67 -24.22
C ALA A 198 22.73 -15.90 -23.90
N THR A 199 23.60 -15.66 -24.88
CA THR A 199 24.80 -14.86 -24.67
C THR A 199 24.69 -13.46 -25.22
N VAL A 200 23.73 -13.20 -26.10
CA VAL A 200 23.52 -11.89 -26.68
C VAL A 200 23.37 -10.85 -25.57
N PRO A 201 22.59 -11.09 -24.52
CA PRO A 201 22.52 -10.11 -23.42
C PRO A 201 23.85 -9.85 -22.75
N TYR A 202 24.81 -10.78 -22.86
CA TYR A 202 26.14 -10.56 -22.29
C TYR A 202 27.12 -10.02 -23.32
N ILE A 203 26.96 -10.37 -24.60
CA ILE A 203 27.83 -9.80 -25.63
C ILE A 203 27.71 -8.28 -25.62
N PHE A 204 26.49 -7.76 -25.53
CA PHE A 204 26.29 -6.32 -25.54
C PHE A 204 26.79 -5.65 -24.27
N THR A 205 27.05 -6.42 -23.22
CA THR A 205 27.81 -5.87 -22.08
C THR A 205 29.28 -5.76 -22.42
N GLY A 206 29.82 -6.73 -23.17
CA GLY A 206 31.20 -6.63 -23.62
C GLY A 206 31.40 -5.50 -24.61
N LEU A 207 30.47 -5.36 -25.57
CA LEU A 207 30.60 -4.29 -26.55
C LEU A 207 30.53 -2.92 -25.88
N ARG A 208 29.63 -2.76 -24.91
CA ARG A 208 29.55 -1.50 -24.20
C ARG A 208 30.87 -1.18 -23.52
N ILE A 209 31.48 -2.17 -22.86
CA ILE A 209 32.80 -1.97 -22.28
C ILE A 209 33.85 -1.87 -23.36
N GLY A 210 33.77 -2.73 -24.39
CA GLY A 210 34.79 -2.74 -25.41
C GLY A 210 34.85 -1.44 -26.20
N ILE A 211 33.69 -0.94 -26.62
CA ILE A 211 33.66 0.28 -27.43
C ILE A 211 34.21 1.45 -26.63
N GLY A 212 33.81 1.57 -25.36
CA GLY A 212 34.36 2.63 -24.52
C GLY A 212 35.86 2.48 -24.33
N LEU A 213 36.32 1.26 -24.06
CA LEU A 213 37.76 1.02 -23.94
C LEU A 213 38.47 1.22 -25.27
N SER A 214 37.80 0.89 -26.38
CA SER A 214 38.39 1.13 -27.70
C SER A 214 38.61 2.62 -27.92
N TRP A 215 37.63 3.44 -27.54
CA TRP A 215 37.78 4.89 -27.72
C TRP A 215 38.99 5.43 -26.97
N LEU A 216 39.34 4.82 -25.83
CA LEU A 216 40.50 5.26 -25.08
C LEU A 216 41.78 5.08 -25.88
N ALA A 217 41.93 3.92 -26.54
CA ALA A 217 43.18 3.64 -27.23
C ALA A 217 43.37 4.57 -28.42
N ILE A 218 42.32 4.80 -29.21
CA ILE A 218 42.46 5.62 -30.41
C ILE A 218 42.88 7.04 -30.04
N VAL A 219 42.23 7.62 -29.03
CA VAL A 219 42.55 8.99 -28.65
C VAL A 219 44.00 9.09 -28.21
N ALA A 220 44.46 8.15 -27.39
CA ALA A 220 45.83 8.19 -26.89
C ALA A 220 46.81 7.71 -27.95
N ALA A 221 46.39 6.78 -28.81
CA ALA A 221 47.31 6.22 -29.80
C ALA A 221 47.83 7.28 -30.76
N GLU A 222 46.92 8.12 -31.28
CA GLU A 222 47.35 9.14 -32.23
C GLU A 222 48.29 10.15 -31.59
N MET A 223 48.29 10.26 -30.26
CA MET A 223 49.15 11.20 -29.58
C MET A 223 50.62 10.81 -29.65
N LEU A 224 50.93 9.58 -30.07
CA LEU A 224 52.30 9.11 -30.15
C LEU A 224 52.76 8.76 -31.56
N VAL A 225 51.86 8.74 -32.53
CA VAL A 225 52.21 8.45 -33.92
C VAL A 225 51.99 9.64 -34.83
N GLY A 226 51.32 10.69 -34.39
CA GLY A 226 51.11 11.87 -35.21
C GLY A 226 50.10 11.62 -36.32
N GLY A 227 50.08 12.56 -37.26
CA GLY A 227 49.19 12.49 -38.39
C GLY A 227 47.80 13.01 -38.06
N VAL A 228 46.98 13.12 -39.12
CA VAL A 228 45.62 13.60 -38.94
C VAL A 228 44.87 12.69 -37.97
N GLY A 229 43.91 13.26 -37.26
CA GLY A 229 43.09 12.51 -36.32
C GLY A 229 43.09 13.17 -34.95
N ILE A 230 41.95 13.05 -34.27
CA ILE A 230 41.84 13.62 -32.93
C ILE A 230 42.91 12.99 -32.03
N GLY A 231 43.25 13.70 -30.96
CA GLY A 231 44.33 13.28 -30.09
C GLY A 231 45.64 13.93 -30.51
N SER A 232 46.09 13.62 -31.72
CA SER A 232 47.25 14.33 -32.26
C SER A 232 46.98 15.81 -32.36
N PHE A 233 45.71 16.20 -32.52
CA PHE A 233 45.37 17.62 -32.54
C PHE A 233 45.72 18.29 -31.22
N ILE A 234 45.40 17.62 -30.10
CA ILE A 234 45.69 18.21 -28.79
C ILE A 234 47.19 18.35 -28.58
N TRP A 235 47.93 17.27 -28.81
CA TRP A 235 49.38 17.32 -28.65
C TRP A 235 50.02 18.29 -29.64
N ASP A 236 49.53 18.31 -30.89
CA ASP A 236 50.07 19.26 -31.86
C ASP A 236 49.89 20.69 -31.38
N ALA A 237 48.68 21.03 -30.92
CA ALA A 237 48.44 22.37 -30.41
C ALA A 237 49.25 22.64 -29.14
N TYR A 238 49.27 21.67 -28.22
CA TYR A 238 49.95 21.89 -26.95
C TYR A 238 51.44 22.11 -27.14
N ASN A 239 52.09 21.26 -27.95
CA ASN A 239 53.52 21.40 -28.17
C ASN A 239 53.85 22.72 -28.83
N THR A 240 53.05 23.13 -29.82
CA THR A 240 53.25 24.40 -30.51
C THR A 240 52.60 25.50 -29.67
N THR A 241 53.34 25.92 -28.64
CA THR A 241 52.85 26.98 -27.77
C THR A 241 52.57 28.24 -28.59
N THR A 242 51.39 28.83 -28.37
CA THR A 242 50.97 29.99 -29.14
C THR A 242 50.12 30.88 -28.22
N GLU A 243 49.50 31.89 -28.81
CA GLU A 243 48.75 32.87 -28.02
C GLU A 243 47.58 32.22 -27.30
N THR A 244 46.85 31.33 -27.96
CA THR A 244 45.64 30.73 -27.40
C THR A 244 45.58 29.24 -27.73
N ASN A 245 46.71 28.55 -27.57
CA ASN A 245 46.73 27.11 -27.82
C ASN A 245 45.76 26.37 -26.90
N LEU A 246 45.74 26.76 -25.62
CA LEU A 246 44.87 26.10 -24.65
C LEU A 246 43.40 26.39 -24.93
N SER A 247 43.09 27.42 -25.71
CA SER A 247 41.69 27.77 -25.95
C SER A 247 40.95 26.64 -26.65
N GLU A 248 41.58 26.02 -27.65
CA GLU A 248 40.95 24.94 -28.39
C GLU A 248 41.21 23.57 -27.78
N ILE A 249 42.28 23.41 -27.00
CA ILE A 249 42.53 22.13 -26.35
C ILE A 249 41.39 21.79 -25.40
N ILE A 250 40.93 22.77 -24.62
CA ILE A 250 39.79 22.54 -23.75
C ILE A 250 38.54 22.26 -24.57
N LEU A 251 38.38 22.94 -25.70
CA LEU A 251 37.28 22.62 -26.61
C LEU A 251 37.43 21.21 -27.16
N ALA A 252 38.65 20.85 -27.56
CA ALA A 252 38.89 19.48 -28.00
C ALA A 252 38.57 18.48 -26.91
N LEU A 253 38.80 18.85 -25.65
CA LEU A 253 38.41 18.00 -24.53
C LEU A 253 36.90 17.79 -24.52
N ILE A 254 36.13 18.84 -24.81
CA ILE A 254 34.68 18.73 -24.83
C ILE A 254 34.23 17.75 -25.90
N TYR A 255 34.82 17.83 -27.09
CA TYR A 255 34.40 16.96 -28.19
C TYR A 255 34.72 15.50 -27.88
N VAL A 256 35.97 15.22 -27.48
CA VAL A 256 36.36 13.83 -27.22
C VAL A 256 35.48 13.24 -26.11
N GLY A 257 35.22 14.01 -25.06
CA GLY A 257 34.33 13.53 -24.02
C GLY A 257 32.91 13.33 -24.53
N LEU A 258 32.40 14.32 -25.28
CA LEU A 258 31.03 14.22 -25.79
C LEU A 258 30.91 13.10 -26.81
N VAL A 259 31.88 12.98 -27.71
CA VAL A 259 31.79 11.96 -28.76
C VAL A 259 31.73 10.57 -28.13
N GLY A 260 32.59 10.32 -27.14
CA GLY A 260 32.59 9.01 -26.50
C GLY A 260 31.25 8.66 -25.90
N LEU A 261 30.54 9.65 -25.36
CA LEU A 261 29.21 9.40 -24.82
C LEU A 261 28.27 8.89 -25.90
N LEU A 262 28.33 9.48 -27.10
CA LEU A 262 27.49 9.02 -28.19
C LEU A 262 27.78 7.57 -28.54
N LEU A 263 29.06 7.22 -28.66
CA LEU A 263 29.42 5.85 -29.00
C LEU A 263 28.96 4.87 -27.93
N ASP A 264 29.19 5.21 -26.65
CA ASP A 264 28.80 4.31 -25.58
C ASP A 264 27.28 4.15 -25.53
N ARG A 265 26.54 5.25 -25.69
CA ARG A 265 25.10 5.20 -25.52
C ARG A 265 24.39 4.58 -26.72
N LEU A 266 24.89 4.79 -27.93
CA LEU A 266 24.23 4.22 -29.10
C LEU A 266 24.32 2.71 -29.08
N VAL A 267 25.46 2.16 -28.62
CA VAL A 267 25.60 0.71 -28.51
C VAL A 267 24.57 0.17 -27.53
N GLY A 268 24.38 0.86 -26.41
CA GLY A 268 23.32 0.47 -25.49
C GLY A 268 21.95 0.50 -26.13
N PHE A 269 21.72 1.48 -27.02
CA PHE A 269 20.45 1.55 -27.72
C PHE A 269 20.24 0.31 -28.59
N VAL A 270 21.29 -0.15 -29.26
CA VAL A 270 21.20 -1.37 -30.04
C VAL A 270 20.85 -2.55 -29.14
N ALA A 271 21.49 -2.62 -27.97
CA ALA A 271 21.17 -3.67 -27.01
C ALA A 271 19.74 -3.58 -26.54
N SER A 272 19.16 -2.37 -26.52
CA SER A 272 17.78 -2.21 -26.12
C SER A 272 16.84 -2.95 -27.07
N LYS A 273 17.14 -2.90 -28.36
CA LYS A 273 16.29 -3.59 -29.34
C LYS A 273 16.28 -5.10 -29.09
N VAL A 274 17.44 -5.67 -28.78
CA VAL A 274 17.55 -7.09 -28.51
C VAL A 274 18.34 -7.33 -27.24
N LEU B 22 44.16 -29.17 -9.31
CA LEU B 22 45.53 -28.86 -9.67
C LEU B 22 45.84 -29.27 -11.11
N TRP B 23 45.79 -30.58 -11.36
CA TRP B 23 46.07 -31.10 -12.69
C TRP B 23 45.01 -30.71 -13.72
N LYS B 24 43.86 -30.21 -13.28
CA LYS B 24 42.78 -29.82 -14.17
C LYS B 24 42.64 -28.31 -14.35
N LYS B 25 43.28 -27.51 -13.49
CA LYS B 25 43.19 -26.06 -13.59
C LYS B 25 44.54 -25.35 -13.54
N VAL B 26 45.58 -25.96 -12.99
CA VAL B 26 46.91 -25.36 -12.94
C VAL B 26 47.81 -25.92 -14.02
N VAL B 27 47.83 -27.25 -14.18
CA VAL B 27 48.66 -27.86 -15.22
C VAL B 27 48.27 -27.40 -16.62
N PRO B 28 46.99 -27.35 -16.99
CA PRO B 28 46.63 -27.05 -18.38
C PRO B 28 47.25 -25.74 -18.87
N PRO B 29 47.03 -24.62 -18.17
CA PRO B 29 47.54 -23.34 -18.70
C PRO B 29 49.04 -23.35 -18.92
N LEU B 30 49.81 -24.02 -18.05
CA LEU B 30 51.24 -24.13 -18.28
C LEU B 30 51.54 -24.75 -19.64
N VAL B 31 50.71 -25.71 -20.05
CA VAL B 31 50.86 -26.27 -21.40
C VAL B 31 50.52 -25.22 -22.44
N ALA B 32 49.55 -24.35 -22.15
CA ALA B 32 49.18 -23.31 -23.11
C ALA B 32 50.35 -22.40 -23.43
N LEU B 33 51.25 -22.17 -22.46
CA LEU B 33 52.41 -21.33 -22.72
C LEU B 33 53.29 -21.96 -23.80
N GLY B 34 53.56 -23.26 -23.69
CA GLY B 34 54.45 -23.90 -24.65
C GLY B 34 53.91 -23.83 -26.07
N ILE B 35 52.63 -24.15 -26.25
CA ILE B 35 52.03 -24.08 -27.58
C ILE B 35 52.01 -22.64 -28.08
N PHE B 36 51.66 -21.70 -27.21
CA PHE B 36 51.67 -20.30 -27.61
C PHE B 36 53.07 -19.83 -27.95
N LEU B 37 54.06 -20.20 -27.14
CA LEU B 37 55.44 -19.83 -27.43
C LEU B 37 55.93 -20.51 -28.70
N VAL B 38 55.58 -21.78 -28.90
CA VAL B 38 56.08 -22.52 -30.06
C VAL B 38 55.59 -21.88 -31.35
N ILE B 39 54.29 -21.55 -31.41
CA ILE B 39 53.76 -20.91 -32.62
C ILE B 39 54.38 -19.54 -32.80
N TRP B 40 54.65 -18.83 -31.70
CA TRP B 40 55.32 -17.55 -31.78
C TRP B 40 56.69 -17.69 -32.44
N GLN B 41 57.35 -18.83 -32.25
CA GLN B 41 58.63 -19.09 -32.89
C GLN B 41 58.43 -19.26 -34.40
N LEU B 42 59.55 -19.30 -35.11
CA LEU B 42 59.56 -19.48 -36.56
C LEU B 42 59.15 -18.21 -37.30
N LEU B 43 58.72 -17.19 -36.55
CA LEU B 43 58.41 -15.90 -37.17
C LEU B 43 59.65 -15.06 -37.39
N CYS B 44 60.76 -15.39 -36.74
CA CYS B 44 62.00 -14.66 -36.98
C CYS B 44 62.51 -14.88 -38.40
N LEU B 45 62.48 -16.13 -38.87
CA LEU B 45 62.91 -16.42 -40.23
C LEU B 45 62.02 -15.72 -41.25
N ASN B 46 60.72 -15.72 -41.02
CA ASN B 46 59.81 -15.00 -41.89
C ASN B 46 60.08 -13.50 -41.80
N PRO B 47 60.34 -12.82 -42.92
CA PRO B 47 60.65 -11.38 -42.82
C PRO B 47 59.56 -10.57 -42.13
N ASN B 48 58.30 -10.93 -42.35
CA ASN B 48 57.20 -10.20 -41.73
C ASN B 48 57.21 -10.42 -40.21
N PHE B 49 56.64 -9.45 -39.50
CA PHE B 49 56.60 -9.46 -38.04
C PHE B 49 58.01 -9.64 -37.47
N LYS B 50 58.86 -8.66 -37.77
CA LYS B 50 60.27 -8.68 -37.39
C LYS B 50 60.41 -8.36 -35.90
N LEU B 51 59.89 -9.29 -35.08
CA LEU B 51 59.94 -9.15 -33.63
C LEU B 51 60.99 -10.09 -33.05
N PRO B 52 61.55 -9.78 -31.89
CA PRO B 52 62.53 -10.68 -31.28
C PRO B 52 61.92 -12.03 -30.98
N GLY B 53 62.71 -13.08 -31.21
CA GLY B 53 62.25 -14.43 -30.98
C GLY B 53 62.30 -14.81 -29.52
N PRO B 54 61.40 -15.70 -29.09
CA PRO B 54 61.42 -16.10 -27.67
C PRO B 54 62.73 -16.72 -27.24
N ILE B 55 63.42 -17.41 -28.15
CA ILE B 55 64.69 -18.05 -27.80
C ILE B 55 65.73 -17.01 -27.40
N GLU B 56 65.72 -15.86 -28.04
CA GLU B 56 66.72 -14.82 -27.79
C GLU B 56 66.14 -13.61 -27.05
N THR B 57 64.84 -13.61 -26.74
CA THR B 57 64.29 -12.53 -25.92
C THR B 57 64.93 -12.52 -24.54
N PHE B 58 65.14 -13.71 -23.96
CA PHE B 58 65.81 -13.85 -22.67
C PHE B 58 67.31 -14.09 -22.82
N SER B 59 67.87 -13.82 -24.00
CA SER B 59 69.30 -14.03 -24.20
C SER B 59 70.10 -12.84 -23.71
N GLU B 60 69.75 -11.64 -24.17
CA GLU B 60 70.46 -10.42 -23.78
C GLU B 60 69.81 -9.70 -22.63
N THR B 61 68.74 -10.25 -22.06
CA THR B 61 68.05 -9.63 -20.93
C THR B 61 68.16 -10.43 -19.65
N TRP B 62 68.62 -11.68 -19.71
CA TRP B 62 68.73 -12.50 -18.50
C TRP B 62 69.76 -11.92 -17.54
N ASP B 63 70.88 -11.44 -18.04
CA ASP B 63 71.98 -11.01 -17.18
C ASP B 63 71.71 -9.65 -16.56
N PRO B 64 71.40 -8.61 -17.34
CA PRO B 64 71.38 -7.25 -16.78
C PRO B 64 70.05 -6.87 -16.14
N PHE B 65 68.94 -7.44 -16.61
CA PHE B 65 67.62 -6.98 -16.20
C PHE B 65 66.83 -8.04 -15.43
N ILE B 66 66.71 -9.26 -15.97
CA ILE B 66 65.92 -10.27 -15.30
C ILE B 66 66.49 -10.58 -13.91
N ILE B 67 67.80 -10.76 -13.83
CA ILE B 67 68.43 -11.19 -12.58
C ILE B 67 68.40 -10.06 -11.55
N ASN B 68 68.64 -8.83 -11.99
CA ASN B 68 68.73 -7.69 -11.07
C ASN B 68 67.51 -6.79 -11.24
N PRO B 69 66.53 -6.85 -10.34
CA PRO B 69 65.39 -5.92 -10.43
C PRO B 69 65.78 -4.49 -10.12
N PHE B 70 66.46 -4.28 -9.00
CA PHE B 70 66.86 -2.95 -8.56
C PHE B 70 68.28 -2.60 -9.03
N PHE B 71 68.49 -2.70 -10.34
CA PHE B 71 69.80 -2.43 -10.94
C PHE B 71 69.99 -0.92 -11.07
N ASP B 72 70.21 -0.27 -9.93
CA ASP B 72 70.40 1.16 -9.90
C ASP B 72 71.77 1.53 -10.49
N ASN B 73 71.78 2.49 -11.41
CA ASN B 73 73.03 2.98 -12.00
C ASN B 73 73.08 4.49 -12.15
N GLY B 74 72.04 5.23 -11.79
CA GLY B 74 72.07 6.67 -11.93
C GLY B 74 70.67 7.28 -12.02
N GLU B 75 70.47 8.17 -12.98
CA GLU B 75 69.20 8.85 -13.18
C GLU B 75 68.59 8.42 -14.50
N SER B 76 67.32 8.02 -14.46
CA SER B 76 66.59 7.60 -15.66
C SER B 76 67.26 6.39 -16.33
N ASP B 77 68.01 5.60 -15.55
CA ASP B 77 68.62 4.38 -16.07
C ASP B 77 68.52 3.23 -15.07
N LYS B 78 67.60 3.31 -14.11
CA LYS B 78 67.46 2.27 -13.09
C LYS B 78 66.84 1.01 -13.68
N GLY B 79 66.94 -0.08 -12.93
CA GLY B 79 66.42 -1.35 -13.40
C GLY B 79 64.91 -1.37 -13.38
N LEU B 80 64.35 -2.44 -13.95
CA LEU B 80 62.90 -2.51 -14.05
C LEU B 80 62.24 -2.46 -12.68
N GLY B 81 62.92 -2.96 -11.65
CA GLY B 81 62.34 -2.94 -10.32
C GLY B 81 61.97 -1.54 -9.87
N TRP B 82 62.90 -0.59 -10.04
CA TRP B 82 62.62 0.79 -9.65
C TRP B 82 61.49 1.38 -10.47
N GLN B 83 61.46 1.09 -11.77
CA GLN B 83 60.47 1.70 -12.65
C GLN B 83 59.06 1.31 -12.22
N ILE B 84 58.86 0.03 -11.88
CA ILE B 84 57.54 -0.42 -11.45
C ILE B 84 57.13 0.29 -10.16
N LEU B 85 58.05 0.35 -9.20
CA LEU B 85 57.75 1.03 -7.94
C LEU B 85 57.43 2.50 -8.16
N SER B 86 58.23 3.17 -9.00
CA SER B 86 57.98 4.58 -9.26
C SER B 86 56.63 4.79 -9.93
N SER B 87 56.31 3.94 -10.92
CA SER B 87 55.00 4.04 -11.57
C SER B 87 53.89 3.54 -10.66
N LEU B 88 54.10 2.39 -10.01
CA LEU B 88 53.09 1.87 -9.10
C LEU B 88 52.90 2.79 -7.91
N GLY B 89 53.95 3.48 -7.48
CA GLY B 89 53.81 4.42 -6.37
C GLY B 89 52.84 5.53 -6.69
N ARG B 90 52.89 6.05 -7.92
CA ARG B 90 51.98 7.13 -8.30
C ARG B 90 50.53 6.66 -8.23
N VAL B 91 50.25 5.44 -8.69
CA VAL B 91 48.92 4.86 -8.52
C VAL B 91 48.61 4.60 -7.06
N GLY B 92 49.62 4.60 -6.19
CA GLY B 92 49.39 4.48 -4.77
C GLY B 92 48.95 5.79 -4.16
N LEU B 93 49.78 6.82 -4.30
CA LEU B 93 49.38 8.15 -3.84
C LEU B 93 48.12 8.61 -4.56
N GLY B 94 48.08 8.44 -5.88
CA GLY B 94 46.84 8.59 -6.60
C GLY B 94 45.92 7.42 -6.34
N PHE B 95 44.65 7.60 -6.72
CA PHE B 95 43.61 6.58 -6.54
C PHE B 95 43.25 6.41 -5.08
N SER B 96 43.99 7.05 -4.18
CA SER B 96 43.63 7.15 -2.77
C SER B 96 43.02 8.50 -2.44
N LEU B 97 43.54 9.56 -3.05
CA LEU B 97 42.83 10.84 -3.05
C LEU B 97 41.57 10.78 -3.88
N ALA B 98 41.40 9.74 -4.70
CA ALA B 98 40.18 9.51 -5.44
C ALA B 98 39.25 8.57 -4.70
N ALA B 99 39.78 7.50 -4.11
CA ALA B 99 38.97 6.61 -3.28
C ALA B 99 38.40 7.36 -2.09
N ILE B 100 39.21 8.18 -1.42
CA ILE B 100 38.71 9.00 -0.32
C ILE B 100 37.65 9.97 -0.84
N ALA B 101 37.94 10.62 -1.97
CA ALA B 101 37.00 11.55 -2.57
C ALA B 101 35.92 10.87 -3.40
N GLY B 102 36.03 9.56 -3.62
CA GLY B 102 35.00 8.82 -4.31
C GLY B 102 33.91 8.37 -3.37
N ILE B 103 34.29 7.63 -2.33
CA ILE B 103 33.32 7.22 -1.32
C ILE B 103 32.66 8.44 -0.69
N ILE B 104 33.47 9.29 -0.04
CA ILE B 104 32.98 10.60 0.36
C ILE B 104 32.67 11.39 -0.89
N LEU B 105 31.60 12.18 -0.83
CA LEU B 105 31.04 12.91 -1.97
C LEU B 105 30.30 11.98 -2.92
N GLY B 106 30.37 10.67 -2.72
CA GLY B 106 29.60 9.73 -3.51
C GLY B 106 28.32 9.35 -2.80
N ILE B 107 28.39 9.23 -1.47
CA ILE B 107 27.18 9.05 -0.69
C ILE B 107 26.36 10.33 -0.65
N LEU B 108 27.04 11.49 -0.53
CA LEU B 108 26.33 12.76 -0.50
C LEU B 108 25.44 12.93 -1.71
N ILE B 109 25.86 12.41 -2.86
CA ILE B 109 25.02 12.34 -4.05
C ILE B 109 24.35 10.97 -4.05
N GLY B 110 23.04 10.96 -4.31
CA GLY B 110 22.30 9.71 -4.30
C GLY B 110 21.26 9.67 -3.20
N VAL B 111 21.63 10.13 -2.00
CA VAL B 111 20.64 10.25 -0.93
C VAL B 111 19.61 11.31 -1.30
N ASN B 112 20.04 12.36 -1.98
CA ASN B 112 19.14 13.40 -2.45
C ASN B 112 18.89 13.21 -3.94
N PRO B 113 17.70 12.75 -4.36
CA PRO B 113 17.46 12.57 -5.80
C PRO B 113 17.64 13.84 -6.61
N LEU B 114 17.29 15.00 -6.04
CA LEU B 114 17.36 16.24 -6.80
C LEU B 114 18.79 16.52 -7.27
N VAL B 115 19.75 16.49 -6.35
CA VAL B 115 21.13 16.83 -6.72
C VAL B 115 21.70 15.78 -7.67
N TYR B 116 21.35 14.51 -7.47
CA TYR B 116 21.86 13.46 -8.34
C TYR B 116 21.47 13.74 -9.80
N ASN B 117 20.18 13.96 -10.05
CA ASN B 117 19.73 14.22 -11.41
C ASN B 117 20.22 15.57 -11.92
N ALA B 118 20.67 16.45 -11.04
CA ALA B 118 21.19 17.75 -11.44
C ALA B 118 22.65 17.70 -11.85
N VAL B 119 23.36 16.60 -11.59
CA VAL B 119 24.77 16.50 -11.91
C VAL B 119 25.06 15.19 -12.64
N ASP B 120 24.10 14.26 -12.61
CA ASP B 120 24.34 12.96 -13.24
C ASP B 120 24.74 13.07 -14.70
N PRO B 121 24.04 13.83 -15.54
CA PRO B 121 24.46 13.93 -16.95
C PRO B 121 25.85 14.50 -17.12
N ILE B 122 26.29 15.37 -16.21
CA ILE B 122 27.62 15.98 -16.34
C ILE B 122 28.70 14.93 -16.10
N PHE B 123 28.55 14.11 -15.06
CA PHE B 123 29.52 13.05 -14.80
C PHE B 123 29.55 12.05 -15.94
N GLN B 124 28.38 11.73 -16.51
CA GLN B 124 28.34 10.78 -17.62
C GLN B 124 29.23 11.23 -18.76
N VAL B 125 29.17 12.52 -19.12
CA VAL B 125 30.05 13.03 -20.17
C VAL B 125 31.50 13.05 -19.67
N LEU B 126 31.71 13.55 -18.45
CA LEU B 126 33.06 13.64 -17.91
C LEU B 126 33.67 12.27 -17.63
N ARG B 127 32.84 11.26 -17.39
CA ARG B 127 33.34 9.91 -17.14
C ARG B 127 33.90 9.23 -18.38
N THR B 128 33.65 9.78 -19.57
CA THR B 128 34.03 9.12 -20.81
C THR B 128 35.30 9.68 -21.44
N VAL B 129 35.68 10.91 -21.12
CA VAL B 129 36.88 11.50 -21.71
C VAL B 129 38.06 10.60 -21.33
N PRO B 130 38.83 10.12 -22.29
CA PRO B 130 39.85 9.12 -21.98
C PRO B 130 41.02 9.76 -21.25
N PRO B 131 41.79 8.98 -20.49
CA PRO B 131 43.06 9.49 -19.97
C PRO B 131 43.95 9.95 -21.11
N LEU B 132 44.98 10.73 -20.80
CA LEU B 132 45.87 11.37 -21.77
C LEU B 132 45.15 12.46 -22.56
N ALA B 133 43.88 12.72 -22.27
CA ALA B 133 43.23 13.96 -22.68
C ALA B 133 43.19 14.99 -21.57
N TRP B 134 43.25 14.55 -20.30
CA TRP B 134 43.44 15.47 -19.19
C TRP B 134 44.88 15.95 -19.11
N LEU B 135 45.83 15.08 -19.41
CA LEU B 135 47.24 15.41 -19.20
C LEU B 135 47.67 16.69 -19.92
N PRO B 136 47.27 16.96 -21.16
CA PRO B 136 47.71 18.22 -21.79
C PRO B 136 47.34 19.46 -21.01
N ILE B 137 46.16 19.47 -20.38
CA ILE B 137 45.77 20.63 -19.58
C ILE B 137 46.24 20.50 -18.14
N SER B 138 46.40 19.27 -17.63
CA SER B 138 46.88 19.09 -16.27
C SER B 138 48.28 19.69 -16.10
N LEU B 139 49.15 19.47 -17.09
CA LEU B 139 50.48 20.05 -17.03
C LEU B 139 50.42 21.57 -17.01
N ALA B 140 49.47 22.16 -17.74
CA ALA B 140 49.36 23.61 -17.76
C ALA B 140 49.12 24.16 -16.36
N ALA B 141 48.17 23.58 -15.63
CA ALA B 141 47.88 24.05 -14.29
C ALA B 141 49.07 23.83 -13.36
N PHE B 142 49.69 22.65 -13.44
CA PHE B 142 50.82 22.29 -12.59
C PHE B 142 52.06 22.17 -13.48
N GLN B 143 52.96 23.14 -13.37
CA GLN B 143 54.14 23.15 -14.23
C GLN B 143 55.01 21.93 -13.98
N GLN B 144 55.19 21.54 -12.72
CA GLN B 144 56.01 20.38 -12.40
C GLN B 144 55.42 19.12 -13.02
N ALA B 145 56.29 18.21 -13.45
CA ALA B 145 55.83 16.98 -14.07
C ALA B 145 55.25 16.02 -13.04
N ASN B 146 55.90 15.89 -11.89
CA ASN B 146 55.46 14.90 -10.92
C ASN B 146 54.02 15.12 -10.47
N PRO B 147 53.59 16.33 -10.08
CA PRO B 147 52.21 16.51 -9.65
C PRO B 147 51.25 16.73 -10.80
N SER B 148 51.42 15.97 -11.86
CA SER B 148 50.50 15.96 -13.00
C SER B 148 50.02 14.57 -13.33
N ALA B 149 50.87 13.55 -13.18
CA ALA B 149 50.42 12.17 -13.34
C ALA B 149 49.43 11.80 -12.24
N ILE B 150 49.60 12.36 -11.04
CA ILE B 150 48.67 12.09 -9.96
C ILE B 150 47.30 12.71 -10.26
N PHE B 151 47.29 13.95 -10.76
CA PHE B 151 46.02 14.61 -11.02
C PHE B 151 45.22 13.87 -12.09
N VAL B 152 45.86 13.54 -13.21
CA VAL B 152 45.16 12.82 -14.27
C VAL B 152 44.61 11.50 -13.74
N ILE B 153 45.40 10.80 -12.93
CA ILE B 153 44.93 9.55 -12.33
C ILE B 153 43.78 9.84 -11.36
N PHE B 154 43.92 10.88 -10.55
CA PHE B 154 42.85 11.20 -9.59
C PHE B 154 41.58 11.58 -10.31
N ILE B 155 41.68 12.37 -11.38
CA ILE B 155 40.48 12.84 -12.07
C ILE B 155 39.90 11.79 -13.00
N THR B 156 40.69 10.82 -13.44
CA THR B 156 40.20 9.75 -14.31
C THR B 156 39.81 8.50 -13.53
N SER B 157 39.90 8.53 -12.20
CA SER B 157 39.57 7.38 -11.37
C SER B 157 38.39 7.61 -10.44
N ILE B 158 38.05 8.87 -10.13
CA ILE B 158 36.89 9.12 -9.28
C ILE B 158 35.61 8.77 -10.02
N TRP B 159 35.57 9.03 -11.33
CA TRP B 159 34.33 8.80 -12.08
C TRP B 159 33.83 7.37 -11.97
N PRO B 160 34.64 6.33 -12.23
CA PRO B 160 34.13 4.97 -12.04
C PRO B 160 33.70 4.67 -10.61
N ILE B 161 34.43 5.22 -9.62
CA ILE B 161 34.05 5.00 -8.23
C ILE B 161 32.77 5.75 -7.89
N LEU B 162 32.68 7.01 -8.31
CA LEU B 162 31.55 7.84 -7.93
C LEU B 162 30.24 7.30 -8.50
N LEU B 163 30.27 6.87 -9.77
CA LEU B 163 29.04 6.37 -10.40
C LEU B 163 28.60 5.07 -9.76
N ASN B 164 29.53 4.19 -9.41
CA ASN B 164 29.17 2.92 -8.79
C ASN B 164 28.72 3.10 -7.35
N THR B 165 29.28 4.08 -6.64
CA THR B 165 28.87 4.32 -5.26
C THR B 165 27.50 4.99 -5.21
N THR B 166 27.28 6.00 -6.05
CA THR B 166 26.02 6.72 -6.02
C THR B 166 24.85 5.83 -6.42
N VAL B 167 25.05 4.98 -7.44
CA VAL B 167 23.98 4.08 -7.85
C VAL B 167 23.64 3.11 -6.73
N GLY B 168 24.66 2.59 -6.04
CA GLY B 168 24.41 1.66 -4.96
C GLY B 168 23.53 2.25 -3.88
N VAL B 169 23.69 3.55 -3.61
CA VAL B 169 22.89 4.19 -2.57
C VAL B 169 21.41 4.14 -2.90
N GLN B 170 21.07 4.39 -4.16
CA GLN B 170 19.67 4.39 -4.58
C GLN B 170 19.16 3.02 -5.02
N GLN B 171 20.02 2.00 -5.03
CA GLN B 171 19.57 0.63 -5.24
C GLN B 171 19.45 -0.13 -3.93
N ILE B 172 19.46 0.57 -2.79
CA ILE B 172 19.17 -0.09 -1.52
C ILE B 172 17.76 -0.63 -1.57
N PRO B 173 17.51 -1.91 -1.28
CA PRO B 173 16.14 -2.42 -1.33
C PRO B 173 15.23 -1.67 -0.38
N GLN B 174 13.98 -1.47 -0.79
CA GLN B 174 13.00 -0.83 0.08
C GLN B 174 12.78 -1.64 1.35
N ASP B 175 13.14 -2.92 1.35
CA ASP B 175 12.99 -3.74 2.55
C ASP B 175 13.83 -3.21 3.69
N TYR B 176 15.07 -2.81 3.41
CA TYR B 176 15.97 -2.36 4.47
C TYR B 176 15.59 -0.97 4.97
N ILE B 177 15.03 -0.13 4.10
CA ILE B 177 14.63 1.21 4.53
C ILE B 177 13.48 1.11 5.52
N ASN B 178 12.47 0.30 5.21
CA ASN B 178 11.30 0.20 6.08
C ASN B 178 11.65 -0.40 7.43
N VAL B 179 12.43 -1.49 7.43
CA VAL B 179 12.85 -2.08 8.69
C VAL B 179 13.73 -1.11 9.48
N ALA B 180 14.35 -0.15 8.79
CA ALA B 180 15.08 0.93 9.44
C ALA B 180 14.21 2.11 9.81
N LYS B 181 12.91 2.04 9.49
CA LYS B 181 11.95 3.08 9.84
C LYS B 181 11.08 2.70 11.02
N VAL B 182 10.53 1.47 11.01
CA VAL B 182 9.76 1.00 12.16
C VAL B 182 10.62 1.05 13.41
N LEU B 183 11.88 0.64 13.29
CA LEU B 183 12.88 1.02 14.27
C LEU B 183 13.32 2.45 13.99
N ARG B 184 13.25 3.29 15.02
CA ARG B 184 13.60 4.70 14.82
C ARG B 184 15.11 4.84 14.68
N LEU B 185 15.65 4.35 13.56
CA LEU B 185 17.08 4.39 13.29
C LEU B 185 17.52 5.66 12.58
N LYS B 186 16.59 6.57 12.27
CA LYS B 186 16.94 7.78 11.55
C LYS B 186 18.02 8.55 12.30
N GLY B 187 19.05 8.97 11.58
CA GLY B 187 20.16 9.71 12.14
C GLY B 187 21.48 9.15 11.64
N VAL B 188 22.54 9.42 12.41
CA VAL B 188 23.87 8.95 12.02
C VAL B 188 23.91 7.43 12.03
N LYS B 189 23.22 6.80 13.00
CA LYS B 189 23.22 5.34 13.07
C LYS B 189 22.64 4.72 11.80
N TYR B 190 21.76 5.44 11.12
CA TYR B 190 21.17 4.92 9.88
C TYR B 190 22.24 4.71 8.82
N PHE B 191 23.18 5.65 8.70
CA PHE B 191 24.18 5.61 7.63
C PHE B 191 25.34 4.68 7.93
N PHE B 192 25.41 4.10 9.13
CA PHE B 192 26.47 3.17 9.48
C PHE B 192 25.96 1.75 9.71
N LYS B 193 24.66 1.51 9.59
CA LYS B 193 24.09 0.19 9.78
C LYS B 193 23.18 -0.26 8.65
N ILE B 194 22.73 0.65 7.79
CA ILE B 194 21.80 0.30 6.71
C ILE B 194 22.38 0.75 5.37
N VAL B 195 22.76 2.02 5.28
CA VAL B 195 23.18 2.59 4.01
C VAL B 195 24.59 2.16 3.66
N PHE B 196 25.57 2.52 4.51
CA PHE B 196 26.96 2.26 4.16
C PHE B 196 27.25 0.78 3.96
N PRO B 197 26.84 -0.14 4.85
CA PRO B 197 27.12 -1.56 4.59
C PRO B 197 26.42 -2.09 3.36
N ALA B 198 25.34 -1.44 2.91
CA ALA B 198 24.63 -1.91 1.72
C ALA B 198 25.37 -1.55 0.44
N THR B 199 26.06 -0.41 0.42
CA THR B 199 26.77 0.04 -0.77
C THR B 199 28.21 -0.47 -0.83
N VAL B 200 28.72 -1.09 0.23
CA VAL B 200 30.06 -1.66 0.18
C VAL B 200 30.20 -2.62 -0.99
N PRO B 201 29.25 -3.52 -1.28
CA PRO B 201 29.39 -4.36 -2.48
C PRO B 201 29.48 -3.54 -3.76
N TYR B 202 28.80 -2.39 -3.83
CA TYR B 202 28.86 -1.58 -5.03
C TYR B 202 30.16 -0.81 -5.13
N ILE B 203 30.70 -0.35 -3.99
CA ILE B 203 31.96 0.38 -4.02
C ILE B 203 33.06 -0.48 -4.60
N PHE B 204 33.18 -1.72 -4.14
CA PHE B 204 34.22 -2.60 -4.65
C PHE B 204 34.02 -2.92 -6.12
N THR B 205 32.77 -2.91 -6.58
CA THR B 205 32.54 -2.95 -8.02
C THR B 205 33.06 -1.69 -8.69
N GLY B 206 32.88 -0.53 -8.06
CA GLY B 206 33.47 0.68 -8.57
C GLY B 206 34.99 0.66 -8.50
N LEU B 207 35.54 0.18 -7.38
CA LEU B 207 36.98 0.06 -7.26
C LEU B 207 37.55 -1.01 -8.18
N ARG B 208 36.73 -1.97 -8.62
CA ARG B 208 37.22 -3.00 -9.52
C ARG B 208 37.73 -2.40 -10.82
N ILE B 209 36.97 -1.46 -11.39
CA ILE B 209 37.38 -0.82 -12.63
C ILE B 209 38.19 0.46 -12.40
N GLY B 210 38.03 1.09 -11.24
CA GLY B 210 38.82 2.28 -10.95
C GLY B 210 40.31 1.96 -10.82
N ILE B 211 40.64 0.88 -10.12
CA ILE B 211 42.04 0.50 -9.96
C ILE B 211 42.64 0.13 -11.31
N GLY B 212 41.92 -0.66 -12.11
CA GLY B 212 42.42 -0.99 -13.43
C GLY B 212 42.55 0.22 -14.33
N LEU B 213 41.56 1.12 -14.29
CA LEU B 213 41.61 2.31 -15.12
C LEU B 213 42.73 3.24 -14.68
N SER B 214 43.04 3.28 -13.38
CA SER B 214 44.17 4.08 -12.92
C SER B 214 45.48 3.54 -13.48
N TRP B 215 45.65 2.22 -13.47
CA TRP B 215 46.83 1.61 -14.07
C TRP B 215 46.87 1.84 -15.58
N LEU B 216 45.69 1.98 -16.20
CA LEU B 216 45.64 2.20 -17.65
C LEU B 216 46.25 3.55 -18.03
N ALA B 217 46.31 4.50 -17.09
CA ALA B 217 46.76 5.85 -17.40
C ALA B 217 48.18 6.10 -16.93
N ILE B 218 48.56 5.54 -15.78
CA ILE B 218 49.90 5.75 -15.26
C ILE B 218 50.94 5.29 -16.26
N VAL B 219 50.74 4.11 -16.86
CA VAL B 219 51.69 3.61 -17.85
C VAL B 219 51.74 4.52 -19.07
N ALA B 220 50.59 5.10 -19.45
CA ALA B 220 50.52 5.99 -20.60
C ALA B 220 50.66 7.46 -20.22
N ALA B 221 50.65 7.79 -18.92
CA ALA B 221 50.82 9.16 -18.46
C ALA B 221 52.28 9.54 -18.31
N GLU B 222 53.21 8.60 -18.53
CA GLU B 222 54.63 8.89 -18.47
C GLU B 222 55.32 8.94 -19.83
N MET B 223 54.96 8.07 -20.78
CA MET B 223 55.65 8.07 -22.05
C MET B 223 55.44 9.36 -22.85
N LEU B 224 54.47 10.18 -22.48
CA LEU B 224 54.35 11.51 -23.08
C LEU B 224 55.21 12.53 -22.33
N VAL B 225 55.15 12.53 -21.00
CA VAL B 225 55.93 13.47 -20.20
C VAL B 225 57.27 12.89 -19.78
N GLY B 226 57.56 11.64 -20.14
CA GLY B 226 58.83 11.06 -19.75
C GLY B 226 58.90 10.82 -18.24
N GLY B 227 60.13 10.83 -17.75
CA GLY B 227 60.38 10.65 -16.33
C GLY B 227 60.51 9.20 -15.94
N VAL B 228 61.07 8.96 -14.76
CA VAL B 228 61.26 7.61 -14.25
C VAL B 228 59.91 6.94 -14.10
N GLY B 229 59.88 5.61 -14.22
CA GLY B 229 58.67 4.83 -14.17
C GLY B 229 58.59 3.84 -15.31
N ILE B 230 57.57 3.00 -15.25
CA ILE B 230 57.40 1.98 -16.29
C ILE B 230 57.27 2.65 -17.65
N GLY B 231 56.52 3.75 -17.74
CA GLY B 231 56.53 4.55 -18.94
C GLY B 231 57.83 5.31 -19.06
N SER B 232 58.17 5.66 -20.29
CA SER B 232 59.44 6.29 -20.63
C SER B 232 60.59 5.30 -20.56
N PHE B 233 60.30 4.08 -20.08
CA PHE B 233 61.25 2.98 -20.24
C PHE B 233 60.90 2.17 -21.48
N ILE B 234 59.62 1.85 -21.66
CA ILE B 234 59.16 1.22 -22.88
C ILE B 234 59.25 2.19 -24.05
N TRP B 235 58.79 3.43 -23.83
CA TRP B 235 58.72 4.39 -24.93
C TRP B 235 60.11 4.80 -25.41
N ASP B 236 61.00 5.15 -24.49
CA ASP B 236 62.33 5.59 -24.89
C ASP B 236 63.08 4.49 -25.62
N ALA B 237 62.81 3.22 -25.27
CA ALA B 237 63.46 2.12 -25.96
C ALA B 237 63.11 2.12 -27.44
N TYR B 238 61.85 2.40 -27.78
CA TYR B 238 61.44 2.45 -29.18
C TYR B 238 62.18 3.56 -29.92
N ASN B 239 62.32 4.73 -29.29
CA ASN B 239 62.98 5.85 -29.95
C ASN B 239 64.42 5.52 -30.28
N THR B 240 65.15 4.92 -29.33
CA THR B 240 66.55 4.58 -29.50
C THR B 240 66.67 3.13 -29.93
N THR B 241 67.08 2.91 -31.17
CA THR B 241 67.19 1.56 -31.73
C THR B 241 68.55 0.98 -31.37
N THR B 242 68.54 -0.19 -30.74
CA THR B 242 69.76 -0.89 -30.36
C THR B 242 69.56 -2.38 -30.61
N GLU B 243 70.49 -3.19 -30.11
CA GLU B 243 70.37 -4.64 -30.24
C GLU B 243 69.46 -5.26 -29.18
N THR B 244 69.02 -4.47 -28.20
CA THR B 244 68.17 -4.99 -27.13
C THR B 244 66.94 -4.14 -26.88
N ASN B 245 66.65 -3.16 -27.76
CA ASN B 245 65.50 -2.29 -27.53
C ASN B 245 64.20 -3.09 -27.55
N LEU B 246 63.98 -3.87 -28.60
CA LEU B 246 62.72 -4.61 -28.73
C LEU B 246 62.59 -5.67 -27.65
N SER B 247 63.68 -6.36 -27.32
CA SER B 247 63.59 -7.39 -26.28
C SER B 247 63.17 -6.81 -24.94
N GLU B 248 63.71 -5.64 -24.59
CA GLU B 248 63.36 -4.99 -23.33
C GLU B 248 61.94 -4.44 -23.33
N ILE B 249 61.44 -3.98 -24.49
CA ILE B 249 60.05 -3.57 -24.60
C ILE B 249 59.09 -4.72 -24.34
N ILE B 250 59.34 -5.90 -24.90
CA ILE B 250 58.51 -7.08 -24.65
C ILE B 250 58.64 -7.55 -23.21
N LEU B 251 59.87 -7.57 -22.67
CA LEU B 251 60.03 -7.90 -21.26
C LEU B 251 59.29 -6.91 -20.36
N ALA B 252 59.40 -5.62 -20.66
CA ALA B 252 58.60 -4.64 -19.92
C ALA B 252 57.12 -4.84 -20.20
N LEU B 253 56.76 -5.16 -21.44
CA LEU B 253 55.37 -5.31 -21.82
C LEU B 253 54.68 -6.46 -21.09
N ILE B 254 55.43 -7.39 -20.50
CA ILE B 254 54.80 -8.52 -19.80
C ILE B 254 54.67 -8.20 -18.31
N TYR B 255 55.62 -7.43 -17.77
CA TYR B 255 55.51 -7.00 -16.38
C TYR B 255 54.31 -6.10 -16.16
N VAL B 256 54.01 -5.22 -17.11
CA VAL B 256 52.82 -4.38 -16.97
C VAL B 256 51.59 -5.27 -16.87
N GLY B 257 51.56 -6.36 -17.61
CA GLY B 257 50.43 -7.28 -17.52
C GLY B 257 50.31 -7.92 -16.15
N LEU B 258 51.44 -8.41 -15.62
CA LEU B 258 51.39 -9.08 -14.32
C LEU B 258 50.99 -8.11 -13.22
N VAL B 259 51.67 -6.97 -13.13
CA VAL B 259 51.37 -6.01 -12.07
C VAL B 259 49.93 -5.54 -12.17
N GLY B 260 49.44 -5.37 -13.41
CA GLY B 260 48.03 -5.04 -13.58
C GLY B 260 47.12 -6.12 -13.04
N LEU B 261 47.45 -7.38 -13.28
CA LEU B 261 46.64 -8.48 -12.77
C LEU B 261 46.65 -8.49 -11.24
N LEU B 262 47.84 -8.46 -10.63
CA LEU B 262 47.91 -8.48 -9.18
C LEU B 262 47.25 -7.26 -8.57
N LEU B 263 47.49 -6.08 -9.17
CA LEU B 263 46.88 -4.86 -8.65
C LEU B 263 45.36 -4.94 -8.72
N ASP B 264 44.82 -5.43 -9.83
CA ASP B 264 43.38 -5.60 -9.94
C ASP B 264 42.89 -6.75 -9.07
N ARG B 265 43.63 -7.87 -9.06
CA ARG B 265 43.24 -9.01 -8.25
C ARG B 265 43.42 -8.76 -6.76
N LEU B 266 44.24 -7.77 -6.38
CA LEU B 266 44.33 -7.40 -4.97
C LEU B 266 42.99 -6.92 -4.46
N VAL B 267 42.30 -6.08 -5.24
CA VAL B 267 40.95 -5.65 -4.89
C VAL B 267 39.94 -6.79 -5.01
N GLY B 268 40.28 -7.85 -5.73
CA GLY B 268 39.42 -9.02 -5.81
C GLY B 268 39.49 -9.93 -4.62
N PHE B 269 40.47 -9.76 -3.75
CA PHE B 269 40.59 -10.55 -2.53
C PHE B 269 39.90 -9.88 -1.36
N VAL B 270 40.15 -8.58 -1.16
CA VAL B 270 39.48 -7.85 -0.08
C VAL B 270 37.97 -7.85 -0.31
N ALA B 271 37.52 -7.94 -1.56
CA ALA B 271 36.09 -8.00 -1.84
C ALA B 271 35.47 -9.25 -1.23
N SER B 272 36.18 -10.38 -1.29
CA SER B 272 35.65 -11.61 -0.73
C SER B 272 35.44 -11.49 0.77
N LYS B 273 36.39 -10.86 1.48
CA LYS B 273 36.26 -10.73 2.93
C LYS B 273 35.03 -9.89 3.29
N VAL B 274 34.79 -8.81 2.56
CA VAL B 274 33.64 -7.95 2.82
C VAL B 274 32.90 -7.67 1.52
N THR C 3 -10.25 2.54 25.42
CA THR C 3 -10.01 1.20 24.90
C THR C 3 -8.59 1.09 24.33
N PHE C 4 -8.24 -0.11 23.90
CA PHE C 4 -6.96 -0.34 23.24
C PHE C 4 -7.07 0.11 21.79
N VAL C 5 -6.14 -0.31 20.94
CA VAL C 5 -6.08 0.13 19.55
C VAL C 5 -7.48 0.10 18.95
N GLU C 6 -7.90 1.22 18.38
CA GLU C 6 -9.20 1.36 17.73
C GLU C 6 -9.00 2.12 16.44
N ILE C 7 -9.35 1.49 15.32
CA ILE C 7 -9.19 2.13 14.02
C ILE C 7 -10.38 3.06 13.80
N ASP C 8 -10.23 4.32 14.19
CA ASP C 8 -11.27 5.30 13.95
C ASP C 8 -11.56 5.39 12.45
N HIS C 9 -12.63 6.11 12.12
CA HIS C 9 -13.06 6.18 10.74
C HIS C 9 -11.93 6.68 9.86
N VAL C 10 -11.40 5.80 9.01
CA VAL C 10 -10.25 6.08 8.17
C VAL C 10 -10.70 5.98 6.72
N ASP C 11 -10.36 6.98 5.92
CA ASP C 11 -10.90 7.10 4.57
C ASP C 11 -9.77 7.38 3.57
N ARG C 12 -8.70 6.59 3.63
CA ARG C 12 -7.53 6.83 2.80
C ARG C 12 -7.92 7.06 1.34
N ILE C 13 -7.64 8.27 0.84
CA ILE C 13 -7.81 8.60 -0.57
C ILE C 13 -6.46 8.52 -1.26
N PHE C 14 -6.41 7.88 -2.42
CA PHE C 14 -5.21 7.82 -3.23
C PHE C 14 -5.30 8.85 -4.34
N ASP C 15 -4.26 9.67 -4.48
CA ASP C 15 -4.20 10.65 -5.54
C ASP C 15 -3.57 10.05 -6.79
N LEU C 16 -4.16 10.34 -7.93
CA LEU C 16 -3.75 9.79 -9.22
C LEU C 16 -3.61 10.91 -10.23
N PRO C 17 -2.91 10.66 -11.34
CA PRO C 17 -2.80 11.68 -12.38
C PRO C 17 -4.18 12.10 -12.87
N ASN C 18 -4.32 13.40 -13.13
CA ASN C 18 -5.59 14.00 -13.52
C ASN C 18 -6.61 13.99 -12.39
N GLY C 19 -6.16 13.94 -11.15
CA GLY C 19 -7.05 13.95 -10.01
C GLY C 19 -7.96 12.75 -9.95
N GLY C 20 -7.39 11.55 -10.14
CA GLY C 20 -8.21 10.35 -10.13
C GLY C 20 -8.98 10.18 -8.83
N ARG C 21 -8.33 10.43 -7.70
CA ARG C 21 -8.97 10.33 -6.39
C ARG C 21 -9.57 8.94 -6.19
N TYR C 22 -8.78 7.90 -6.51
CA TYR C 22 -9.21 6.53 -6.34
C TYR C 22 -9.32 6.23 -4.85
N ILE C 23 -10.54 6.14 -4.34
CA ILE C 23 -10.77 5.94 -2.92
C ILE C 23 -10.55 4.46 -2.60
N ALA C 24 -9.59 4.18 -1.72
CA ALA C 24 -9.25 2.81 -1.35
C ALA C 24 -10.11 2.30 -0.20
N LEU C 25 -10.25 3.08 0.85
CA LEU C 25 -11.04 2.72 2.02
C LEU C 25 -11.96 3.86 2.39
N LYS C 26 -13.11 3.53 2.99
CA LYS C 26 -14.05 4.55 3.43
C LYS C 26 -14.79 4.05 4.65
N ASN C 27 -14.65 4.77 5.76
CA ASN C 27 -15.40 4.52 6.98
C ASN C 27 -15.18 3.09 7.48
N ILE C 28 -13.92 2.82 7.82
CA ILE C 28 -13.52 1.56 8.41
C ILE C 28 -13.46 1.76 9.92
N GLU C 29 -14.50 1.32 10.62
CA GLU C 29 -14.57 1.39 12.07
C GLU C 29 -14.34 0.02 12.65
N LEU C 30 -13.37 -0.07 13.57
CA LEU C 30 -13.00 -1.35 14.15
C LEU C 30 -12.22 -1.15 15.44
N LYS C 31 -12.71 -1.70 16.54
CA LYS C 31 -12.09 -1.57 17.85
C LYS C 31 -11.45 -2.90 18.24
N ILE C 32 -10.18 -2.85 18.60
CA ILE C 32 -9.41 -4.03 18.97
C ILE C 32 -9.10 -3.95 20.46
N LYS C 33 -9.47 -4.99 21.20
CA LYS C 33 -9.15 -5.06 22.62
C LYS C 33 -7.75 -5.59 22.82
N GLN C 34 -7.30 -5.62 24.08
CA GLN C 34 -6.01 -6.21 24.40
C GLN C 34 -6.09 -7.73 24.29
N GLY C 35 -4.97 -8.33 23.92
CA GLY C 35 -4.94 -9.78 23.74
C GLY C 35 -5.88 -10.26 22.64
N GLU C 36 -5.89 -9.54 21.51
CA GLU C 36 -6.73 -9.89 20.37
C GLU C 36 -5.86 -10.16 19.16
N PHE C 37 -6.38 -10.95 18.23
CA PHE C 37 -5.64 -11.38 17.05
C PHE C 37 -6.49 -11.17 15.80
N VAL C 38 -7.05 -9.98 15.66
CA VAL C 38 -7.91 -9.69 14.52
C VAL C 38 -7.16 -9.99 13.24
N SER C 39 -7.81 -10.73 12.34
CA SER C 39 -7.25 -11.08 11.04
C SER C 39 -8.06 -10.43 9.94
N LEU C 40 -7.39 -9.68 9.07
CA LEU C 40 -8.07 -8.89 8.03
C LEU C 40 -8.11 -9.67 6.72
N ILE C 41 -8.90 -10.75 6.73
CA ILE C 41 -9.15 -11.46 5.48
C ILE C 41 -9.83 -10.51 4.50
N GLY C 42 -9.56 -10.70 3.22
CA GLY C 42 -10.18 -9.89 2.20
C GLY C 42 -9.70 -10.21 0.80
N HIS C 43 -10.62 -10.18 -0.17
CA HIS C 43 -10.26 -10.46 -1.55
C HIS C 43 -9.27 -9.41 -2.05
N SER C 44 -8.29 -9.85 -2.83
CA SER C 44 -7.29 -8.93 -3.36
C SER C 44 -7.96 -7.85 -4.20
N GLY C 45 -7.44 -6.63 -4.08
CA GLY C 45 -8.04 -5.48 -4.73
C GLY C 45 -8.49 -4.45 -3.73
N CYS C 46 -9.09 -4.90 -2.64
CA CYS C 46 -9.44 -4.01 -1.55
C CYS C 46 -8.17 -3.58 -0.81
N GLY C 47 -8.32 -2.63 0.10
CA GLY C 47 -7.19 -2.12 0.85
C GLY C 47 -6.91 -2.92 2.10
N LYS C 48 -5.95 -3.84 2.02
CA LYS C 48 -5.49 -4.60 3.18
C LYS C 48 -4.12 -4.13 3.64
N SER C 49 -3.13 -4.12 2.74
CA SER C 49 -1.83 -3.57 3.09
C SER C 49 -1.94 -2.08 3.38
N THR C 50 -2.79 -1.38 2.63
CA THR C 50 -3.02 0.03 2.90
C THR C 50 -3.58 0.24 4.30
N LEU C 51 -4.54 -0.59 4.71
CA LEU C 51 -5.07 -0.50 6.06
C LEU C 51 -4.00 -0.83 7.09
N LEU C 52 -3.20 -1.86 6.83
CA LEU C 52 -2.15 -2.24 7.77
C LEU C 52 -1.06 -1.18 7.83
N ASN C 53 -0.67 -0.64 6.67
CA ASN C 53 0.33 0.44 6.67
C ASN C 53 -0.14 1.61 7.52
N ILE C 54 -1.43 1.95 7.44
CA ILE C 54 -1.96 3.01 8.28
C ILE C 54 -1.81 2.66 9.74
N ILE C 55 -2.14 1.42 10.12
CA ILE C 55 -1.95 0.99 11.49
C ILE C 55 -0.47 0.97 11.85
N ALA C 56 0.37 0.48 10.93
CA ALA C 56 1.81 0.46 11.19
C ALA C 56 2.38 1.87 11.28
N GLY C 57 1.70 2.85 10.68
CA GLY C 57 2.16 4.22 10.69
C GLY C 57 3.01 4.62 9.51
N LEU C 58 3.40 3.66 8.66
CA LEU C 58 4.22 3.99 7.50
C LEU C 58 3.48 4.89 6.51
N ASP C 59 2.15 4.97 6.60
CA ASP C 59 1.35 5.79 5.72
C ASP C 59 0.45 6.69 6.55
N ARG C 60 0.06 7.82 5.97
CA ARG C 60 -0.79 8.80 6.63
C ARG C 60 -2.22 8.67 6.13
N ALA C 61 -3.15 8.51 7.06
CA ALA C 61 -4.56 8.45 6.70
C ALA C 61 -5.05 9.82 6.25
N SER C 62 -5.79 9.85 5.15
CA SER C 62 -6.31 11.12 4.65
C SER C 62 -7.32 11.74 5.61
N ILE C 63 -8.20 10.91 6.19
CA ILE C 63 -9.22 11.37 7.11
C ILE C 63 -9.20 10.46 8.33
N GLY C 64 -9.36 11.05 9.51
CA GLY C 64 -9.33 10.25 10.71
C GLY C 64 -7.94 9.63 10.89
N GLY C 65 -7.91 8.56 11.67
CA GLY C 65 -6.67 7.84 11.89
C GLY C 65 -6.73 6.87 13.05
N VAL C 66 -5.96 5.79 12.94
CA VAL C 66 -5.87 4.83 14.03
C VAL C 66 -5.35 5.52 15.29
N THR C 67 -5.78 5.02 16.44
CA THR C 67 -5.36 5.55 17.72
C THR C 67 -5.04 4.41 18.67
N LEU C 68 -3.87 4.46 19.29
CA LEU C 68 -3.41 3.41 20.20
C LEU C 68 -3.42 3.94 21.62
N GLU C 69 -4.11 3.24 22.51
CA GLU C 69 -4.19 3.61 23.92
C GLU C 69 -4.75 5.03 24.11
N GLY C 70 -5.59 5.46 23.17
CA GLY C 70 -6.18 6.79 23.27
C GLY C 70 -5.25 7.91 22.88
N ARG C 71 -4.22 7.62 22.09
CA ARG C 71 -3.29 8.66 21.64
C ARG C 71 -2.90 8.32 20.20
N GLU C 72 -3.19 9.22 19.28
CA GLU C 72 -2.97 8.95 17.86
C GLU C 72 -1.53 8.56 17.60
N ILE C 73 -1.32 7.79 16.54
CA ILE C 73 0.01 7.50 16.01
C ILE C 73 0.14 8.19 14.66
N ARG C 74 1.21 8.96 14.48
CA ARG C 74 1.44 9.68 13.24
C ARG C 74 2.73 9.29 12.54
N GLU C 75 3.67 8.67 13.23
CA GLU C 75 4.93 8.21 12.66
C GLU C 75 5.20 6.79 13.14
N PRO C 76 5.96 6.01 12.37
CA PRO C 76 6.33 4.68 12.83
C PRO C 76 7.17 4.75 14.10
N SER C 77 7.03 3.74 14.94
CA SER C 77 7.73 3.70 16.22
C SER C 77 7.92 2.24 16.60
N PRO C 78 8.86 1.95 17.51
CA PRO C 78 9.06 0.56 17.94
C PRO C 78 8.08 0.14 19.01
N ASP C 79 6.80 0.50 18.83
CA ASP C 79 5.71 -0.02 19.63
C ASP C 79 4.68 -0.78 18.83
N ARG C 80 4.67 -0.62 17.50
CA ARG C 80 3.83 -1.39 16.59
C ARG C 80 4.74 -1.93 15.51
N MET C 81 5.36 -3.08 15.79
CA MET C 81 6.25 -3.68 14.82
C MET C 81 5.45 -4.27 13.66
N VAL C 82 6.17 -4.67 12.61
CA VAL C 82 5.57 -5.26 11.43
C VAL C 82 6.42 -6.43 10.97
N VAL C 83 5.84 -7.25 10.10
CA VAL C 83 6.57 -8.34 9.46
C VAL C 83 6.21 -8.31 7.98
N PHE C 84 7.08 -7.72 7.17
CA PHE C 84 6.73 -7.41 5.79
C PHE C 84 6.56 -8.68 4.98
N GLN C 85 5.78 -8.56 3.90
CA GLN C 85 5.59 -9.70 3.00
C GLN C 85 6.93 -10.20 2.45
N ASN C 86 7.76 -9.27 1.98
CA ASN C 86 9.12 -9.62 1.61
C ASN C 86 9.94 -9.93 2.87
N TYR C 87 10.98 -10.76 2.68
CA TYR C 87 11.71 -11.28 3.83
C TYR C 87 12.30 -10.16 4.67
N SER C 88 12.96 -9.19 4.02
CA SER C 88 13.45 -8.00 4.70
C SER C 88 14.37 -8.34 5.86
N LEU C 89 15.48 -9.00 5.55
CA LEU C 89 16.53 -9.28 6.52
C LEU C 89 17.84 -8.71 6.01
N LEU C 90 18.65 -8.18 6.94
CA LEU C 90 19.94 -7.62 6.59
C LEU C 90 20.91 -8.75 6.26
N PRO C 91 21.23 -8.98 4.99
CA PRO C 91 22.05 -10.15 4.65
C PRO C 91 23.43 -10.14 5.29
N TRP C 92 23.99 -8.96 5.57
CA TRP C 92 25.35 -8.85 6.09
C TRP C 92 25.40 -8.98 7.61
N LEU C 93 24.40 -9.58 8.23
CA LEU C 93 24.37 -9.76 9.67
C LEU C 93 23.85 -11.15 10.00
N THR C 94 24.45 -11.78 10.99
CA THR C 94 23.98 -13.09 11.44
C THR C 94 22.62 -12.95 12.09
N VAL C 95 21.92 -14.09 12.20
CA VAL C 95 20.57 -14.08 12.77
C VAL C 95 20.59 -13.49 14.17
N ARG C 96 21.58 -13.85 14.98
CA ARG C 96 21.70 -13.25 16.31
C ARG C 96 21.88 -11.74 16.21
N GLU C 97 22.70 -11.29 15.27
CA GLU C 97 22.89 -9.85 15.10
C GLU C 97 21.67 -9.21 14.44
N ASN C 98 20.95 -9.96 13.60
CA ASN C 98 19.70 -9.45 13.04
C ASN C 98 18.68 -9.19 14.14
N VAL C 99 18.54 -10.13 15.07
CA VAL C 99 17.68 -9.91 16.23
C VAL C 99 18.25 -8.83 17.12
N ALA C 100 19.58 -8.79 17.26
CA ALA C 100 20.22 -7.77 18.09
C ALA C 100 19.99 -6.37 17.55
N LEU C 101 19.64 -6.23 16.27
CA LEU C 101 19.42 -4.91 15.71
C LEU C 101 18.28 -4.20 16.43
N ALA C 102 17.17 -4.90 16.67
CA ALA C 102 16.01 -4.27 17.28
C ALA C 102 16.25 -3.98 18.76
N VAL C 103 16.80 -4.95 19.48
CA VAL C 103 16.95 -4.80 20.92
C VAL C 103 18.02 -3.76 21.25
N ASP C 104 19.13 -3.79 20.50
CA ASP C 104 20.21 -2.84 20.77
C ASP C 104 19.74 -1.40 20.58
N GLU C 105 18.76 -1.18 19.73
CA GLU C 105 18.24 0.16 19.47
C GLU C 105 17.13 0.54 20.42
N VAL C 106 16.19 -0.36 20.70
CA VAL C 106 15.06 -0.03 21.55
C VAL C 106 15.48 0.04 23.01
N TYR C 107 16.10 -1.04 23.52
CA TYR C 107 16.52 -1.11 24.91
C TYR C 107 17.88 -0.43 25.09
N GLN C 108 17.90 0.88 24.82
CA GLN C 108 19.12 1.66 25.00
C GLN C 108 19.46 1.87 26.47
N GLY C 109 18.48 1.68 27.37
CA GLY C 109 18.71 1.81 28.79
C GLY C 109 19.27 0.59 29.48
N LYS C 110 19.56 -0.47 28.73
CA LYS C 110 20.10 -1.70 29.28
C LYS C 110 21.44 -1.98 28.60
N SER C 111 22.46 -2.26 29.40
CA SER C 111 23.80 -2.49 28.89
C SER C 111 23.96 -3.95 28.48
N LYS C 112 25.19 -4.30 28.07
CA LYS C 112 25.47 -5.68 27.68
C LYS C 112 25.34 -6.61 28.88
N GLY C 113 25.04 -7.86 28.60
CA GLY C 113 24.79 -8.84 29.65
C GLY C 113 23.33 -8.98 30.00
N GLU C 114 22.67 -7.88 30.34
CA GLU C 114 21.23 -7.90 30.56
C GLU C 114 20.44 -7.85 29.26
N ARG C 115 21.10 -7.61 28.13
CA ARG C 115 20.48 -7.70 26.82
C ARG C 115 20.86 -8.96 26.06
N ARG C 116 21.96 -9.62 26.43
CA ARG C 116 22.30 -10.88 25.81
C ARG C 116 21.25 -11.94 26.09
N ALA C 117 20.68 -11.94 27.30
CA ALA C 117 19.62 -12.89 27.63
C ALA C 117 18.40 -12.66 26.75
N ILE C 118 18.06 -11.39 26.49
CA ILE C 118 16.88 -11.09 25.68
C ILE C 118 17.01 -11.74 24.30
N ILE C 119 18.15 -11.52 23.63
CA ILE C 119 18.34 -12.11 22.31
C ILE C 119 18.36 -13.63 22.40
N GLU C 120 19.05 -14.18 23.40
CA GLU C 120 19.22 -15.62 23.48
C GLU C 120 17.88 -16.33 23.66
N GLU C 121 17.02 -15.80 24.53
CA GLU C 121 15.76 -16.47 24.81
C GLU C 121 14.75 -16.27 23.69
N HIS C 122 14.71 -15.06 23.10
CA HIS C 122 13.77 -14.80 22.01
C HIS C 122 14.07 -15.69 20.81
N ILE C 123 15.35 -15.85 20.47
CA ILE C 123 15.74 -16.74 19.40
C ILE C 123 15.41 -18.19 19.70
N ASP C 124 15.11 -18.52 20.96
CA ASP C 124 14.83 -19.88 21.37
C ASP C 124 13.33 -20.21 21.37
N MET C 125 12.49 -19.28 21.80
CA MET C 125 11.06 -19.56 21.85
C MET C 125 10.50 -19.81 20.45
N VAL C 126 10.97 -19.06 19.46
CA VAL C 126 10.48 -19.19 18.10
C VAL C 126 10.99 -20.49 17.49
N GLY C 127 11.91 -21.16 18.19
CA GLY C 127 12.46 -22.41 17.73
C GLY C 127 13.66 -22.30 16.83
N LEU C 128 14.10 -21.09 16.50
CA LEU C 128 15.28 -20.89 15.66
C LEU C 128 16.54 -20.94 16.51
N ARG C 129 16.76 -22.11 17.12
CA ARG C 129 17.84 -22.29 18.08
C ARG C 129 19.14 -22.74 17.40
N LEU C 130 19.09 -23.87 16.69
CA LEU C 130 20.30 -24.42 16.11
C LEU C 130 20.95 -23.45 15.14
N ALA C 131 20.17 -22.84 14.26
CA ALA C 131 20.68 -21.87 13.31
C ALA C 131 20.70 -20.48 13.94
N ALA C 132 21.66 -20.29 14.84
CA ALA C 132 21.83 -19.03 15.55
C ALA C 132 23.04 -18.23 15.08
N ASN C 133 23.95 -18.82 14.32
CA ASN C 133 25.12 -18.13 13.80
C ASN C 133 25.17 -18.09 12.28
N LYS C 134 24.18 -18.67 11.60
CA LYS C 134 24.18 -18.69 10.15
C LYS C 134 23.92 -17.29 9.61
N ARG C 135 23.92 -17.18 8.28
CA ARG C 135 23.65 -15.93 7.58
C ARG C 135 22.36 -16.06 6.79
N PRO C 136 21.62 -14.95 6.60
CA PRO C 136 20.32 -15.06 5.91
C PRO C 136 20.40 -15.73 4.56
N SER C 137 21.50 -15.52 3.81
CA SER C 137 21.65 -16.22 2.54
C SER C 137 21.69 -17.73 2.75
N GLU C 138 22.40 -18.20 3.77
CA GLU C 138 22.47 -19.63 4.04
C GLU C 138 21.10 -20.20 4.38
N LEU C 139 20.33 -19.48 5.20
CA LEU C 139 19.05 -19.99 5.67
C LEU C 139 18.07 -20.15 4.50
N SER C 140 17.26 -21.18 4.59
CA SER C 140 16.21 -21.40 3.60
C SER C 140 15.04 -20.46 3.86
N GLY C 141 14.19 -20.32 2.83
CA GLY C 141 13.06 -19.42 2.96
C GLY C 141 12.15 -19.75 4.12
N GLY C 142 12.13 -21.02 4.53
CA GLY C 142 11.26 -21.45 5.60
C GLY C 142 11.41 -20.64 6.88
N MET C 143 12.56 -20.75 7.54
CA MET C 143 12.80 -20.04 8.78
C MET C 143 13.43 -18.67 8.58
N LYS C 144 13.64 -18.24 7.33
CA LYS C 144 14.08 -16.87 7.11
C LYS C 144 13.00 -15.87 7.48
N GLN C 145 11.75 -16.31 7.56
CA GLN C 145 10.65 -15.48 8.05
C GLN C 145 10.43 -15.64 9.54
N ARG C 146 11.10 -16.60 10.19
CA ARG C 146 11.04 -16.70 11.64
C ARG C 146 11.85 -15.61 12.32
N VAL C 147 12.97 -15.22 11.72
CA VAL C 147 13.77 -14.14 12.29
C VAL C 147 12.97 -12.86 12.36
N ALA C 148 12.20 -12.57 11.31
CA ALA C 148 11.39 -11.35 11.31
C ALA C 148 10.38 -11.38 12.45
N ILE C 149 9.74 -12.53 12.67
CA ILE C 149 8.85 -12.66 13.82
C ILE C 149 9.63 -12.59 15.12
N ALA C 150 10.79 -13.27 15.18
CA ALA C 150 11.60 -13.22 16.38
C ALA C 150 12.08 -11.81 16.67
N ARG C 151 12.52 -11.09 15.64
CA ARG C 151 12.95 -9.71 15.83
C ARG C 151 11.80 -8.84 16.31
N ALA C 152 10.61 -9.01 15.72
CA ALA C 152 9.47 -8.20 16.12
C ALA C 152 9.08 -8.47 17.56
N LEU C 153 9.11 -9.73 17.98
CA LEU C 153 8.77 -10.07 19.36
C LEU C 153 9.90 -9.72 20.32
N ALA C 154 11.12 -9.53 19.83
CA ALA C 154 12.24 -9.25 20.72
C ALA C 154 12.04 -7.93 21.45
N THR C 155 11.56 -6.91 20.75
CA THR C 155 11.38 -5.60 21.34
C THR C 155 10.15 -5.52 22.24
N ARG C 156 9.43 -6.62 22.45
CA ARG C 156 8.22 -6.64 23.26
C ARG C 156 7.27 -5.52 22.84
N PRO C 157 6.77 -5.55 21.62
CA PRO C 157 5.89 -4.48 21.13
C PRO C 157 4.48 -4.64 21.69
N LYS C 158 3.63 -3.67 21.36
CA LYS C 158 2.26 -3.65 21.85
C LYS C 158 1.23 -4.02 20.79
N LEU C 159 1.52 -3.80 19.51
CA LEU C 159 0.58 -4.08 18.43
C LEU C 159 1.28 -4.78 17.28
N LEU C 160 2.01 -5.85 17.58
CA LEU C 160 2.73 -6.61 16.56
C LEU C 160 1.83 -6.88 15.36
N LEU C 161 2.20 -6.31 14.21
CA LEU C 161 1.45 -6.48 12.99
C LEU C 161 2.11 -7.54 12.11
N LEU C 162 1.32 -8.12 11.21
CA LEU C 162 1.78 -9.21 10.34
C LEU C 162 1.25 -8.95 8.94
N ASP C 163 2.07 -8.33 8.09
CA ASP C 163 1.67 -7.99 6.72
C ASP C 163 1.89 -9.20 5.81
N GLU C 164 1.03 -10.19 5.99
CA GLU C 164 1.11 -11.45 5.26
C GLU C 164 2.54 -11.98 5.30
N PRO C 165 3.11 -12.17 6.48
CA PRO C 165 4.54 -12.46 6.58
C PRO C 165 4.99 -13.70 5.82
N PHE C 166 4.19 -14.75 5.85
CA PHE C 166 4.51 -16.01 5.18
C PHE C 166 3.38 -16.34 4.20
N GLY C 167 3.50 -15.79 3.00
CA GLY C 167 2.58 -16.10 1.92
C GLY C 167 3.32 -16.70 0.74
N ALA C 168 4.59 -16.33 0.58
CA ALA C 168 5.40 -16.93 -0.48
C ALA C 168 5.70 -18.39 -0.20
N LEU C 169 5.80 -18.77 1.07
CA LEU C 169 6.12 -20.14 1.43
C LEU C 169 5.02 -21.09 1.00
N ASP C 170 5.40 -22.32 0.68
CA ASP C 170 4.44 -23.31 0.25
C ASP C 170 3.46 -23.64 1.38
N ALA C 171 2.44 -24.42 1.05
CA ALA C 171 1.39 -24.72 2.03
C ALA C 171 1.94 -25.50 3.22
N LEU C 172 2.81 -26.48 2.97
CA LEU C 172 3.38 -27.25 4.08
C LEU C 172 4.18 -26.35 5.01
N THR C 173 5.02 -25.47 4.45
CA THR C 173 5.75 -24.53 5.30
C THR C 173 4.85 -23.41 5.79
N ARG C 174 3.80 -23.07 5.03
CA ARG C 174 2.76 -22.19 5.56
C ARG C 174 2.25 -22.74 6.88
N GLY C 175 1.96 -24.04 6.91
CA GLY C 175 1.80 -24.74 8.15
C GLY C 175 3.14 -25.05 8.79
N SER C 176 3.09 -25.56 10.02
CA SER C 176 4.30 -25.80 10.78
C SER C 176 5.06 -24.51 11.05
N LEU C 177 4.45 -23.37 10.69
CA LEU C 177 4.97 -22.06 11.03
C LEU C 177 3.87 -21.30 11.76
N GLN C 178 2.62 -21.53 11.36
CA GLN C 178 1.50 -21.11 12.18
C GLN C 178 1.51 -21.83 13.51
N GLU C 179 1.80 -23.13 13.49
CA GLU C 179 1.87 -23.89 14.74
C GLU C 179 2.90 -23.29 15.68
N GLN C 180 4.06 -22.89 15.15
CA GLN C 180 5.02 -22.17 15.97
C GLN C 180 4.45 -20.84 16.44
N LEU C 181 3.71 -20.15 15.56
CA LEU C 181 3.11 -18.88 15.94
C LEU C 181 1.93 -19.04 16.89
N MET C 182 1.37 -20.25 16.99
CA MET C 182 0.31 -20.47 17.97
C MET C 182 0.90 -20.55 19.38
N LYS C 183 2.03 -21.25 19.54
CA LYS C 183 2.62 -21.40 20.86
C LYS C 183 2.99 -20.05 21.45
N ILE C 184 3.50 -19.14 20.62
CA ILE C 184 3.85 -17.80 21.10
C ILE C 184 2.59 -17.11 21.64
N CYS C 185 1.49 -17.18 20.90
CA CYS C 185 0.26 -16.54 21.35
C CYS C 185 -0.24 -17.15 22.65
N ASN C 186 -0.20 -18.48 22.76
CA ASN C 186 -0.67 -19.14 23.97
C ASN C 186 0.32 -18.94 25.12
N GLU C 187 1.61 -19.11 24.86
CA GLU C 187 2.60 -18.97 25.91
C GLU C 187 2.66 -17.53 26.43
N HIS C 188 2.65 -16.56 25.52
CA HIS C 188 2.75 -15.16 25.87
C HIS C 188 1.39 -14.50 25.81
N GLN C 189 1.35 -13.18 25.99
CA GLN C 189 0.13 -12.38 25.91
C GLN C 189 0.41 -11.24 24.93
N ILE C 190 0.17 -11.51 23.64
CA ILE C 190 0.47 -10.56 22.58
C ILE C 190 -0.75 -10.40 21.69
N THR C 191 -1.05 -9.15 21.34
CA THR C 191 -2.10 -8.82 20.38
C THR C 191 -1.48 -8.63 19.01
N CYS C 192 -2.33 -8.69 17.98
CA CYS C 192 -1.85 -8.60 16.61
C CYS C 192 -2.97 -8.18 15.68
N VAL C 193 -2.58 -7.78 14.48
CA VAL C 193 -3.52 -7.47 13.40
C VAL C 193 -2.96 -8.13 12.14
N MET C 194 -3.38 -9.36 11.88
CA MET C 194 -2.84 -10.13 10.78
C MET C 194 -3.57 -9.80 9.49
N VAL C 195 -2.85 -9.88 8.37
CA VAL C 195 -3.40 -9.68 7.04
C VAL C 195 -3.03 -10.90 6.21
N THR C 196 -4.02 -11.71 5.86
CA THR C 196 -3.80 -12.97 5.18
C THR C 196 -4.76 -13.11 4.01
N HIS C 197 -4.35 -13.91 3.02
CA HIS C 197 -5.19 -14.25 1.88
C HIS C 197 -5.81 -15.63 1.99
N ASP C 198 -5.13 -16.57 2.63
CA ASP C 198 -5.66 -17.92 2.79
C ASP C 198 -6.59 -17.98 3.99
N VAL C 199 -7.78 -18.56 3.79
CA VAL C 199 -8.75 -18.64 4.87
C VAL C 199 -8.22 -19.49 6.01
N ASP C 200 -7.57 -20.62 5.69
CA ASP C 200 -7.09 -21.50 6.75
C ASP C 200 -6.03 -20.82 7.60
N GLU C 201 -5.27 -19.87 7.03
CA GLU C 201 -4.31 -19.12 7.81
C GLU C 201 -5.01 -18.44 8.99
N ALA C 202 -5.94 -17.54 8.70
CA ALA C 202 -6.84 -17.04 9.72
C ALA C 202 -7.82 -18.15 10.10
N LEU C 203 -8.75 -17.83 11.00
CA LEU C 203 -9.75 -18.79 11.45
C LEU C 203 -9.11 -19.96 12.20
N LEU C 204 -7.80 -19.94 12.33
CA LEU C 204 -7.06 -21.04 12.93
C LEU C 204 -6.19 -20.59 14.08
N LEU C 205 -5.57 -19.41 13.97
CA LEU C 205 -4.85 -18.79 15.08
C LEU C 205 -5.41 -17.40 15.39
N SER C 206 -6.58 -17.06 14.87
CA SER C 206 -7.18 -15.75 15.05
C SER C 206 -8.31 -15.82 16.08
N ASP C 207 -8.78 -14.64 16.49
CA ASP C 207 -9.84 -14.52 17.46
C ASP C 207 -11.07 -13.79 16.93
N ARG C 208 -10.93 -12.99 15.87
CA ARG C 208 -12.08 -12.30 15.28
C ARG C 208 -11.70 -11.91 13.86
N VAL C 209 -12.33 -12.54 12.89
CA VAL C 209 -12.00 -12.29 11.48
C VAL C 209 -12.78 -11.07 11.00
N VAL C 210 -12.08 -10.12 10.40
CA VAL C 210 -12.67 -8.91 9.85
C VAL C 210 -12.52 -9.00 8.34
N MET C 211 -13.60 -9.41 7.67
CA MET C 211 -13.57 -9.62 6.22
C MET C 211 -13.96 -8.34 5.50
N LEU C 212 -13.06 -7.83 4.67
CA LEU C 212 -13.30 -6.59 3.96
C LEU C 212 -14.10 -6.84 2.68
N THR C 213 -14.71 -5.77 2.17
CA THR C 213 -15.42 -5.82 0.90
C THR C 213 -14.42 -5.70 -0.23
N ASN C 214 -14.90 -5.51 -1.46
CA ASN C 214 -14.05 -5.52 -2.64
C ASN C 214 -14.24 -4.23 -3.45
N GLY C 215 -13.23 -3.90 -4.24
CA GLY C 215 -13.32 -2.81 -5.19
C GLY C 215 -13.14 -1.45 -4.55
N PRO C 216 -13.37 -0.39 -5.33
CA PRO C 216 -13.23 0.96 -4.79
C PRO C 216 -14.20 1.21 -3.65
N GLU C 217 -13.78 2.05 -2.71
CA GLU C 217 -14.57 2.37 -1.53
C GLU C 217 -14.84 1.09 -0.73
N ALA C 218 -13.75 0.49 -0.24
CA ALA C 218 -13.85 -0.72 0.55
C ALA C 218 -14.26 -0.41 1.98
N HIS C 219 -14.76 -1.44 2.66
CA HIS C 219 -15.18 -1.31 4.04
C HIS C 219 -15.50 -2.68 4.62
N ILE C 220 -15.32 -2.85 5.93
CA ILE C 220 -15.59 -4.13 6.59
C ILE C 220 -17.03 -4.55 6.28
N GLY C 221 -17.21 -5.81 5.89
CA GLY C 221 -18.51 -6.31 5.51
C GLY C 221 -19.14 -7.17 6.58
N GLN C 222 -18.34 -8.02 7.22
CA GLN C 222 -18.86 -8.95 8.23
C GLN C 222 -17.73 -9.31 9.17
N ILE C 223 -17.86 -8.93 10.44
CA ILE C 223 -16.84 -9.24 11.45
C ILE C 223 -17.20 -10.61 12.00
N LEU C 224 -16.74 -11.65 11.30
CA LEU C 224 -16.97 -13.01 11.76
C LEU C 224 -16.22 -13.26 13.06
N GLU C 225 -16.85 -13.98 13.97
CA GLU C 225 -16.28 -14.32 15.26
C GLU C 225 -16.01 -15.82 15.32
N VAL C 226 -14.86 -16.18 15.86
CA VAL C 226 -14.45 -17.59 15.94
C VAL C 226 -14.55 -18.04 17.40
N PRO C 227 -15.59 -18.80 17.78
CA PRO C 227 -15.73 -19.26 19.18
C PRO C 227 -15.01 -20.57 19.48
N ILE C 228 -13.70 -20.49 19.68
CA ILE C 228 -12.88 -21.63 20.02
C ILE C 228 -12.04 -21.29 21.25
N SER C 229 -11.92 -22.24 22.17
CA SER C 229 -11.11 -22.02 23.36
C SER C 229 -9.70 -21.61 22.97
N ARG C 230 -9.19 -20.57 23.63
CA ARG C 230 -7.96 -19.94 23.15
C ARG C 230 -6.78 -20.89 23.13
N PRO C 231 -6.51 -21.70 24.17
CA PRO C 231 -5.45 -22.71 24.04
C PRO C 231 -5.72 -23.60 22.84
N ARG C 232 -4.87 -23.52 21.83
CA ARG C 232 -5.16 -24.12 20.54
C ARG C 232 -4.01 -24.99 20.08
N GLN C 233 -4.36 -26.10 19.42
CA GLN C 233 -3.40 -26.96 18.74
C GLN C 233 -3.88 -27.13 17.30
N ARG C 234 -2.97 -26.97 16.34
CA ARG C 234 -3.38 -26.97 14.94
C ARG C 234 -4.13 -28.24 14.57
N LEU C 235 -3.81 -29.37 15.20
CA LEU C 235 -4.46 -30.64 14.89
C LEU C 235 -5.58 -30.98 15.86
N GLU C 236 -5.88 -30.10 16.81
CA GLU C 236 -7.03 -30.26 17.69
C GLU C 236 -8.14 -29.27 17.40
N VAL C 237 -7.82 -28.06 16.95
CA VAL C 237 -8.85 -27.13 16.52
C VAL C 237 -9.52 -27.63 15.25
N VAL C 238 -8.76 -28.25 14.35
CA VAL C 238 -9.33 -28.76 13.10
C VAL C 238 -10.45 -29.73 13.39
N LYS C 239 -10.27 -30.60 14.39
CA LYS C 239 -11.29 -31.56 14.77
C LYS C 239 -12.39 -30.95 15.63
N HIS C 240 -12.37 -29.63 15.83
CA HIS C 240 -13.43 -28.99 16.58
C HIS C 240 -14.76 -29.19 15.86
N PRO C 241 -15.86 -29.42 16.60
CA PRO C 241 -17.12 -29.74 15.91
C PRO C 241 -17.57 -28.67 14.92
N SER C 242 -17.35 -27.41 15.22
CA SER C 242 -17.87 -26.30 14.42
C SER C 242 -16.74 -25.42 13.88
N TYR C 243 -15.63 -26.04 13.47
CA TYR C 243 -14.57 -25.30 12.79
C TYR C 243 -14.72 -25.30 11.28
N TYR C 244 -15.11 -26.43 10.69
CA TYR C 244 -15.32 -26.46 9.24
C TYR C 244 -16.56 -25.67 8.85
N ASN C 245 -17.53 -25.54 9.74
CA ASN C 245 -18.68 -24.69 9.46
C ASN C 245 -18.26 -23.25 9.25
N LEU C 246 -17.35 -22.75 10.10
CA LEU C 246 -16.86 -21.38 9.95
C LEU C 246 -16.07 -21.22 8.66
N ARG C 247 -15.22 -22.20 8.33
CA ARG C 247 -14.40 -22.09 7.12
C ARG C 247 -15.24 -22.01 5.87
N ASN C 248 -16.44 -22.60 5.87
CA ASN C 248 -17.33 -22.45 4.73
C ASN C 248 -18.02 -21.10 4.71
N GLU C 249 -18.09 -20.41 5.84
CA GLU C 249 -18.65 -19.07 5.86
C GLU C 249 -17.69 -18.06 5.24
N ILE C 250 -16.39 -18.18 5.56
CA ILE C 250 -15.41 -17.29 4.96
C ILE C 250 -15.23 -17.60 3.48
N ILE C 251 -15.13 -18.89 3.14
CA ILE C 251 -14.97 -19.27 1.75
C ILE C 251 -16.16 -18.81 0.93
N TYR C 252 -17.36 -18.98 1.46
CA TYR C 252 -18.55 -18.53 0.75
C TYR C 252 -18.52 -17.03 0.52
N PHE C 253 -18.16 -16.27 1.56
CA PHE C 253 -18.12 -14.82 1.43
C PHE C 253 -17.10 -14.39 0.38
N LEU C 254 -15.87 -14.90 0.47
CA LEU C 254 -14.85 -14.53 -0.49
C LEU C 254 -15.25 -14.90 -1.91
N ASN C 255 -16.02 -15.97 -2.06
CA ASN C 255 -16.51 -16.33 -3.40
C ASN C 255 -17.45 -15.28 -3.94
N GLN C 256 -18.32 -14.73 -3.08
CA GLN C 256 -19.28 -13.73 -3.54
C GLN C 256 -18.57 -12.50 -4.10
N GLN C 257 -17.51 -12.04 -3.43
CA GLN C 257 -16.75 -10.91 -3.96
C GLN C 257 -16.14 -11.25 -5.31
N LYS C 258 -15.61 -12.46 -5.46
CA LYS C 258 -15.12 -12.89 -6.76
C LYS C 258 -16.23 -12.87 -7.80
N LEU C 259 -17.39 -13.42 -7.45
CA LEU C 259 -18.52 -13.43 -8.39
C LEU C 259 -19.04 -12.02 -8.61
N ALA C 260 -19.29 -11.27 -7.54
CA ALA C 260 -19.82 -9.92 -7.65
C ALA C 260 -18.70 -8.88 -7.70
N LYS C 261 -17.73 -9.14 -8.55
CA LYS C 261 -16.75 -8.14 -8.99
C LYS C 261 -16.63 -8.12 -10.50
N LYS C 262 -16.72 -9.28 -11.15
CA LYS C 262 -16.85 -9.31 -12.60
C LYS C 262 -18.16 -8.68 -13.05
N ARG C 263 -19.21 -8.83 -12.24
CA ARG C 263 -20.46 -8.15 -12.53
C ARG C 263 -20.28 -6.64 -12.50
N GLN C 264 -19.52 -6.12 -11.53
CA GLN C 264 -19.25 -4.70 -11.49
C GLN C 264 -18.49 -4.24 -12.72
N THR C 265 -17.48 -5.02 -13.13
CA THR C 265 -16.77 -4.70 -14.37
C THR C 265 -17.70 -4.79 -15.57
N GLN C 266 -18.56 -5.81 -15.60
CA GLN C 266 -19.52 -5.94 -16.69
C GLN C 266 -20.49 -4.75 -16.72
N GLN C 267 -20.94 -4.32 -15.54
CA GLN C 267 -21.88 -3.20 -15.48
C GLN C 267 -21.26 -1.93 -16.06
N ALA C 268 -20.00 -1.67 -15.72
CA ALA C 268 -19.34 -0.47 -16.23
C ALA C 268 -19.21 -0.51 -17.76
N SER C 269 -18.83 -1.66 -18.30
CA SER C 269 -18.67 -1.82 -19.74
C SER C 269 -19.98 -2.29 -20.37
N ALA C 270 -20.92 -1.35 -20.43
CA ALA C 270 -22.23 -1.58 -21.01
C ALA C 270 -22.62 -0.36 -21.84
N PRO C 271 -23.54 -0.53 -22.78
CA PRO C 271 -23.93 0.62 -23.62
C PRO C 271 -24.48 1.76 -22.78
N LEU C 272 -24.13 2.97 -23.17
CA LEU C 272 -24.62 4.15 -22.47
C LEU C 272 -26.06 4.46 -22.87
N GLY C 273 -26.72 5.28 -22.07
CA GLY C 273 -28.09 5.65 -22.33
C GLY C 273 -28.22 6.74 -23.37
N THR C 274 -29.45 7.00 -23.76
CA THR C 274 -29.75 8.04 -24.74
C THR C 274 -29.79 9.40 -24.05
N ALA C 275 -30.26 10.43 -24.76
CA ALA C 275 -30.40 11.77 -24.20
C ALA C 275 -31.87 11.97 -23.85
N LYS C 276 -32.22 11.64 -22.62
CA LYS C 276 -33.61 11.75 -22.19
C LYS C 276 -34.07 13.20 -22.24
N ALA C 277 -35.27 13.41 -22.78
CA ALA C 277 -35.82 14.75 -22.85
C ALA C 277 -36.49 15.14 -21.54
N VAL C 278 -37.31 14.24 -20.99
CA VAL C 278 -38.02 14.49 -19.74
C VAL C 278 -37.87 13.26 -18.85
N ILE C 279 -37.61 13.50 -17.57
CA ILE C 279 -37.47 12.44 -16.58
C ILE C 279 -38.74 12.43 -15.74
N GLU C 280 -39.51 11.35 -15.84
CA GLU C 280 -40.75 11.23 -15.08
C GLU C 280 -40.45 10.68 -13.70
N ILE C 281 -40.85 11.42 -12.67
CA ILE C 281 -40.62 11.04 -11.27
C ILE C 281 -41.98 10.86 -10.62
N GLY C 282 -42.16 9.74 -9.93
CA GLY C 282 -43.41 9.43 -9.26
C GLY C 282 -43.29 9.67 -7.76
N PHE C 283 -44.38 10.15 -7.16
CA PHE C 283 -44.43 10.40 -5.73
C PHE C 283 -45.83 10.08 -5.23
N MET C 284 -46.04 10.25 -3.93
CA MET C 284 -47.29 9.95 -3.28
C MET C 284 -47.69 11.14 -2.43
N PRO C 285 -48.99 11.44 -2.29
CA PRO C 285 -49.37 12.65 -1.54
C PRO C 285 -49.11 12.51 -0.04
N LEU C 286 -48.05 13.16 0.42
CA LEU C 286 -47.66 13.12 1.83
C LEU C 286 -46.74 14.31 2.09
N THR C 287 -46.97 15.02 3.19
CA THR C 287 -46.13 16.16 3.50
C THR C 287 -44.66 15.74 3.61
N ASP C 288 -44.42 14.49 4.01
CA ASP C 288 -43.06 13.97 4.07
C ASP C 288 -42.39 13.96 2.70
N SER C 289 -43.18 14.00 1.62
CA SER C 289 -42.64 14.09 0.27
C SER C 289 -42.27 15.52 -0.13
N ALA C 290 -42.16 16.42 0.85
CA ALA C 290 -41.82 17.80 0.53
C ALA C 290 -40.52 17.93 -0.25
N PRO C 291 -39.45 17.21 0.05
CA PRO C 291 -38.19 17.44 -0.68
C PRO C 291 -38.34 17.30 -2.18
N LEU C 292 -39.15 16.35 -2.65
CA LEU C 292 -39.35 16.19 -4.08
C LEU C 292 -40.14 17.36 -4.66
N ILE C 293 -41.20 17.79 -3.99
CA ILE C 293 -42.06 18.84 -4.52
C ILE C 293 -41.33 20.18 -4.50
N VAL C 294 -40.70 20.52 -3.38
CA VAL C 294 -39.97 21.78 -3.29
C VAL C 294 -38.79 21.78 -4.24
N ALA C 295 -38.24 20.61 -4.54
CA ALA C 295 -37.15 20.54 -5.51
C ALA C 295 -37.57 21.03 -6.89
N LYS C 296 -38.87 21.02 -7.18
CA LYS C 296 -39.40 21.46 -8.48
C LYS C 296 -39.92 22.89 -8.42
N GLU C 297 -40.85 23.16 -7.49
CA GLU C 297 -41.47 24.49 -7.44
C GLU C 297 -40.44 25.59 -7.22
N LYS C 298 -39.38 25.31 -6.47
CA LYS C 298 -38.32 26.27 -6.23
C LYS C 298 -37.22 26.22 -7.29
N GLY C 299 -37.35 25.35 -8.29
CA GLY C 299 -36.38 25.32 -9.37
C GLY C 299 -35.04 24.74 -9.02
N PHE C 300 -34.96 23.94 -7.95
CA PHE C 300 -33.67 23.34 -7.59
C PHE C 300 -33.17 22.42 -8.69
N PHE C 301 -34.08 21.69 -9.34
CA PHE C 301 -33.68 20.86 -10.47
C PHE C 301 -33.08 21.71 -11.58
N ALA C 302 -33.69 22.87 -11.87
CA ALA C 302 -33.16 23.75 -12.89
C ALA C 302 -31.78 24.28 -12.49
N LYS C 303 -31.60 24.60 -11.21
CA LYS C 303 -30.32 25.16 -10.77
C LYS C 303 -29.16 24.23 -11.11
N TYR C 304 -29.40 22.91 -11.14
CA TYR C 304 -28.38 21.94 -11.52
C TYR C 304 -28.54 21.47 -12.95
N GLY C 305 -29.31 22.19 -13.76
CA GLY C 305 -29.44 21.87 -15.18
C GLY C 305 -30.11 20.56 -15.48
N LEU C 306 -31.15 20.20 -14.72
CA LEU C 306 -31.96 19.04 -15.03
C LEU C 306 -33.12 19.37 -15.95
N ASP C 307 -33.35 20.65 -16.24
CA ASP C 307 -34.35 21.09 -17.21
C ASP C 307 -35.71 20.49 -16.80
N ASN C 308 -36.54 20.07 -17.75
CA ASN C 308 -37.90 19.65 -17.44
C ASN C 308 -37.89 18.35 -16.65
N VAL C 309 -38.72 18.31 -15.61
CA VAL C 309 -38.98 17.09 -14.85
C VAL C 309 -40.47 17.05 -14.53
N ILE C 310 -41.11 15.90 -14.75
CA ILE C 310 -42.55 15.74 -14.56
C ILE C 310 -42.77 14.87 -13.33
N LEU C 311 -43.56 15.38 -12.39
CA LEU C 311 -43.90 14.67 -11.17
C LEU C 311 -45.25 13.99 -11.37
N ASN C 312 -45.21 12.68 -11.65
CA ASN C 312 -46.43 11.91 -11.91
C ASN C 312 -46.98 11.41 -10.58
N ARG C 313 -47.85 12.23 -9.98
CA ARG C 313 -48.47 11.85 -8.72
C ARG C 313 -49.25 10.55 -8.87
N ALA C 314 -49.07 9.65 -7.91
CA ALA C 314 -49.74 8.36 -7.91
C ALA C 314 -50.95 8.39 -6.98
N ASN C 315 -51.73 7.30 -7.02
CA ASN C 315 -52.90 7.15 -6.17
C ASN C 315 -52.76 6.03 -5.15
N ASN C 316 -52.10 4.93 -5.49
CA ASN C 316 -51.84 3.84 -4.58
C ASN C 316 -50.37 3.47 -4.64
N TRP C 317 -49.83 2.99 -3.52
CA TRP C 317 -48.41 2.72 -3.44
C TRP C 317 -47.97 1.62 -4.41
N GLN C 318 -48.90 0.79 -4.88
CA GLN C 318 -48.53 -0.25 -5.85
C GLN C 318 -48.19 0.35 -7.20
N ALA C 319 -48.75 1.52 -7.53
CA ALA C 319 -48.45 2.14 -8.82
C ALA C 319 -46.98 2.50 -8.92
N ILE C 320 -46.39 3.03 -7.85
CA ILE C 320 -44.99 3.40 -7.88
C ILE C 320 -44.12 2.16 -8.11
N ALA C 321 -44.43 1.08 -7.40
CA ALA C 321 -43.66 -0.15 -7.57
C ALA C 321 -43.76 -0.67 -9.00
N THR C 322 -44.98 -0.69 -9.54
CA THR C 322 -45.16 -1.17 -10.90
C THR C 322 -44.50 -0.25 -11.92
N GLY C 323 -44.63 1.06 -11.73
CA GLY C 323 -44.11 1.99 -12.72
C GLY C 323 -42.60 1.91 -12.88
N VAL C 324 -41.88 1.88 -11.77
CA VAL C 324 -40.42 1.91 -11.84
C VAL C 324 -39.88 0.59 -12.38
N VAL C 325 -40.45 -0.53 -11.96
CA VAL C 325 -39.95 -1.82 -12.42
C VAL C 325 -40.25 -2.02 -13.89
N THR C 326 -41.42 -1.56 -14.34
CA THR C 326 -41.82 -1.72 -15.74
C THR C 326 -41.20 -0.67 -16.65
N GLY C 327 -40.49 0.32 -16.11
CA GLY C 327 -39.85 1.33 -16.91
C GLY C 327 -40.72 2.50 -17.28
N LYS C 328 -42.01 2.50 -16.91
CA LYS C 328 -42.86 3.64 -17.22
C LYS C 328 -42.33 4.91 -16.57
N LEU C 329 -42.01 4.84 -15.28
CA LEU C 329 -41.43 5.95 -14.55
C LEU C 329 -39.94 5.68 -14.34
N ASP C 330 -39.28 6.56 -13.59
CA ASP C 330 -37.90 6.32 -13.15
C ASP C 330 -37.54 7.33 -12.08
N ALA C 331 -36.83 6.87 -11.04
CA ALA C 331 -36.48 7.71 -9.90
C ALA C 331 -37.74 8.24 -9.21
N ALA C 332 -38.55 7.31 -8.73
CA ALA C 332 -39.76 7.63 -8.00
C ALA C 332 -39.49 7.51 -6.50
N GLN C 333 -39.77 8.57 -5.76
CA GLN C 333 -39.59 8.53 -4.31
C GLN C 333 -40.54 7.49 -3.72
N MET C 334 -39.95 6.49 -3.06
CA MET C 334 -40.70 5.30 -2.64
C MET C 334 -40.35 4.96 -1.20
N VAL C 335 -41.23 4.18 -0.57
CA VAL C 335 -41.11 3.93 0.85
C VAL C 335 -39.77 3.24 1.14
N ALA C 336 -39.34 3.31 2.40
CA ALA C 336 -37.99 2.89 2.76
C ALA C 336 -37.75 1.41 2.51
N GLY C 337 -38.72 0.56 2.81
CA GLY C 337 -38.48 -0.88 2.81
C GLY C 337 -38.84 -1.62 1.54
N MET C 338 -39.52 -1.00 0.58
CA MET C 338 -39.91 -1.72 -0.62
C MET C 338 -38.74 -1.94 -1.57
N PRO C 339 -37.77 -1.02 -1.68
CA PRO C 339 -36.65 -1.27 -2.60
C PRO C 339 -35.91 -2.56 -2.29
N ILE C 340 -35.76 -2.90 -1.01
CA ILE C 340 -35.12 -4.15 -0.62
C ILE C 340 -36.11 -5.29 -0.78
N ALA C 341 -37.40 -4.95 -0.83
CA ALA C 341 -38.44 -5.94 -1.10
C ALA C 341 -38.53 -6.32 -2.57
N LEU C 342 -38.34 -5.37 -3.48
CA LEU C 342 -38.33 -5.69 -4.90
C LEU C 342 -37.04 -6.36 -5.34
N THR C 343 -35.92 -6.07 -4.67
CA THR C 343 -34.66 -6.73 -5.00
C THR C 343 -34.65 -8.18 -4.53
N LEU C 344 -35.57 -8.55 -3.64
CA LEU C 344 -35.71 -9.92 -3.18
C LEU C 344 -37.04 -10.55 -3.58
N GLY C 345 -37.93 -9.78 -4.20
CA GLY C 345 -39.22 -10.32 -4.61
C GLY C 345 -40.04 -10.84 -3.45
N ALA C 346 -40.47 -9.93 -2.58
CA ALA C 346 -41.31 -10.29 -1.43
C ALA C 346 -42.69 -10.63 -1.96
N GLY C 347 -42.94 -11.91 -2.19
CA GLY C 347 -44.19 -12.36 -2.79
C GLY C 347 -43.96 -13.24 -4.00
N SER C 348 -42.75 -13.79 -4.13
CA SER C 348 -42.36 -14.70 -5.19
C SER C 348 -42.25 -14.02 -6.56
N GLN C 349 -42.29 -12.70 -6.61
CA GLN C 349 -42.17 -12.00 -7.88
C GLN C 349 -40.72 -12.01 -8.35
N THR C 350 -40.54 -11.66 -9.62
CA THR C 350 -39.20 -11.66 -10.21
C THR C 350 -38.32 -10.62 -9.53
N PRO C 351 -37.17 -11.00 -8.98
CA PRO C 351 -36.30 -9.99 -8.37
C PRO C 351 -35.71 -9.04 -9.39
N THR C 352 -36.14 -7.78 -9.35
CA THR C 352 -35.61 -6.74 -10.23
C THR C 352 -34.79 -5.76 -9.40
N PRO C 353 -33.49 -5.61 -9.62
CA PRO C 353 -32.71 -4.72 -8.76
C PRO C 353 -33.25 -3.30 -8.78
N VAL C 354 -33.31 -2.70 -7.59
CA VAL C 354 -33.72 -1.31 -7.43
C VAL C 354 -32.85 -0.68 -6.35
N ILE C 355 -31.84 0.07 -6.77
CA ILE C 355 -30.84 0.58 -5.84
C ILE C 355 -31.40 1.75 -5.05
N ASN C 356 -30.86 1.94 -3.86
CA ASN C 356 -31.22 3.05 -2.98
C ASN C 356 -29.96 3.84 -2.67
N ALA C 357 -30.00 5.15 -2.86
CA ALA C 357 -28.83 5.99 -2.62
C ALA C 357 -29.10 7.27 -1.84
N LEU C 358 -30.33 7.76 -1.76
CA LEU C 358 -30.59 9.07 -1.17
C LEU C 358 -31.81 9.02 -0.26
N ASN C 359 -31.82 8.08 0.68
CA ASN C 359 -32.78 8.13 1.78
C ASN C 359 -32.99 9.57 2.21
N LEU C 360 -34.23 10.05 2.15
CA LEU C 360 -34.49 11.49 2.21
C LEU C 360 -35.62 11.85 3.15
N SER C 361 -35.83 11.07 4.21
CA SER C 361 -36.76 11.47 5.27
C SER C 361 -36.75 10.39 6.35
N ARG C 362 -37.23 10.77 7.54
CA ARG C 362 -37.25 9.86 8.66
C ARG C 362 -38.30 10.34 9.67
N ASN C 363 -38.68 9.44 10.58
CA ASN C 363 -39.46 9.79 11.77
C ASN C 363 -40.75 10.52 11.40
N ALA C 364 -41.56 9.92 10.53
CA ALA C 364 -42.80 10.54 10.09
C ALA C 364 -43.94 9.53 10.02
N ASN C 365 -44.09 8.71 11.07
CA ASN C 365 -45.16 7.73 11.13
C ASN C 365 -45.87 7.83 12.47
N ALA C 366 -47.18 7.61 12.44
CA ALA C 366 -48.01 7.65 13.64
C ALA C 366 -49.05 6.55 13.55
N ILE C 367 -49.06 5.64 14.53
CA ILE C 367 -49.97 4.50 14.53
C ILE C 367 -51.19 4.92 15.36
N THR C 368 -52.16 5.55 14.69
CA THR C 368 -53.37 6.00 15.36
C THR C 368 -54.44 4.92 15.35
N PHE C 369 -55.18 4.83 16.44
CA PHE C 369 -56.27 3.87 16.58
C PHE C 369 -57.61 4.60 16.56
N SER C 370 -58.68 3.81 16.46
CA SER C 370 -60.03 4.36 16.43
C SER C 370 -60.50 4.68 17.84
N LYS C 371 -61.56 5.49 17.92
CA LYS C 371 -62.13 5.87 19.21
C LYS C 371 -62.72 4.68 19.95
N ARG C 372 -63.09 3.61 19.24
CA ARG C 372 -63.68 2.46 19.90
C ARG C 372 -62.72 1.87 20.93
N LEU C 373 -61.45 1.74 20.56
CA LEU C 373 -60.44 1.28 21.53
C LEU C 373 -60.22 2.33 22.61
N TYR C 374 -60.27 3.62 22.24
CA TYR C 374 -60.06 4.67 23.22
C TYR C 374 -61.06 4.58 24.36
N ASN C 375 -62.35 4.48 24.01
CA ASN C 375 -63.38 4.37 25.05
C ASN C 375 -63.32 3.01 25.74
N GLN C 376 -62.86 1.97 25.02
CA GLN C 376 -62.77 0.65 25.65
C GLN C 376 -61.78 0.65 26.80
N GLY C 377 -60.65 1.36 26.64
CA GLY C 377 -59.65 1.43 27.68
C GLY C 377 -58.23 1.31 27.15
N VAL C 378 -58.08 1.18 25.85
CA VAL C 378 -56.77 1.02 25.24
C VAL C 378 -56.07 2.37 25.23
N ARG C 379 -54.88 2.42 25.84
CA ARG C 379 -54.08 3.64 25.84
C ARG C 379 -52.59 3.38 25.62
N SER C 380 -52.19 2.14 25.40
CA SER C 380 -50.78 1.81 25.18
C SER C 380 -50.71 0.36 24.70
N LEU C 381 -49.49 -0.13 24.50
CA LEU C 381 -49.30 -1.49 24.04
C LEU C 381 -49.86 -2.50 25.03
N ALA C 382 -49.58 -2.30 26.32
CA ALA C 382 -50.04 -3.25 27.33
C ALA C 382 -51.55 -3.34 27.37
N ASP C 383 -52.24 -2.20 27.27
CA ASP C 383 -53.70 -2.21 27.32
C ASP C 383 -54.28 -3.02 26.17
N LEU C 384 -53.74 -2.84 24.97
CA LEU C 384 -54.25 -3.57 23.81
C LEU C 384 -54.08 -5.07 23.98
N LYS C 385 -52.93 -5.49 24.51
CA LYS C 385 -52.65 -6.92 24.65
C LYS C 385 -53.71 -7.59 25.52
N ALA C 386 -54.07 -6.97 26.63
CA ALA C 386 -55.10 -7.55 27.49
C ALA C 386 -56.46 -7.54 26.80
N VAL C 387 -56.77 -6.47 26.06
CA VAL C 387 -58.09 -6.35 25.45
C VAL C 387 -58.32 -7.48 24.45
N ILE C 388 -57.32 -7.72 23.59
CA ILE C 388 -57.49 -8.77 22.58
C ILE C 388 -57.59 -10.14 23.24
N ASP C 389 -56.87 -10.35 24.35
CA ASP C 389 -56.90 -11.63 25.03
C ASP C 389 -58.28 -11.94 25.63
N SER C 390 -59.11 -10.91 25.83
CA SER C 390 -60.42 -11.12 26.44
C SER C 390 -61.26 -12.09 25.61
N SER C 391 -61.31 -11.86 24.30
CA SER C 391 -62.06 -12.72 23.39
C SER C 391 -61.81 -12.22 21.97
N PRO C 392 -62.10 -13.04 20.95
CA PRO C 392 -61.91 -12.59 19.56
C PRO C 392 -62.72 -11.34 19.27
N ASP C 393 -64.03 -11.43 19.41
CA ASP C 393 -64.94 -10.28 19.29
C ASP C 393 -64.57 -9.42 18.09
N GLN C 394 -64.70 -10.01 16.90
CA GLN C 394 -64.36 -9.33 15.65
C GLN C 394 -62.90 -8.87 15.67
N ILE C 395 -62.02 -9.87 15.64
CA ILE C 395 -60.59 -9.68 15.84
C ILE C 395 -60.13 -8.43 15.11
N LEU C 396 -59.42 -7.56 15.83
CA LEU C 396 -59.04 -6.26 15.28
C LEU C 396 -58.19 -6.43 14.03
N THR C 397 -58.48 -5.63 13.01
CA THR C 397 -57.77 -5.66 11.74
C THR C 397 -57.11 -4.29 11.54
N LEU C 398 -55.79 -4.26 11.68
CA LEU C 398 -55.03 -3.03 11.53
C LEU C 398 -54.92 -2.69 10.04
N GLY C 399 -54.17 -1.64 9.73
CA GLY C 399 -53.97 -1.23 8.35
C GLY C 399 -52.57 -0.74 8.14
N VAL C 400 -52.08 -0.91 6.90
CA VAL C 400 -50.73 -0.48 6.54
C VAL C 400 -50.76 0.02 5.09
N VAL C 401 -49.93 1.01 4.80
CA VAL C 401 -49.92 1.60 3.47
C VAL C 401 -49.46 0.59 2.44
N HIS C 402 -48.42 -0.17 2.74
CA HIS C 402 -47.86 -1.13 1.80
C HIS C 402 -47.54 -2.42 2.52
N SER C 403 -47.51 -3.52 1.76
CA SER C 403 -47.26 -4.84 2.34
C SER C 403 -45.85 -4.93 2.92
N ALA C 404 -44.85 -4.54 2.13
CA ALA C 404 -43.45 -4.65 2.53
C ALA C 404 -42.81 -3.27 2.53
N SER C 405 -42.61 -2.72 3.72
CA SER C 405 -41.99 -1.41 3.89
C SER C 405 -41.76 -1.22 5.39
N MET C 406 -41.22 -0.07 5.77
CA MET C 406 -41.11 0.27 7.18
C MET C 406 -42.40 0.88 7.73
N GLN C 407 -43.52 0.24 7.41
CA GLN C 407 -44.79 0.43 8.08
C GLN C 407 -45.41 -0.89 8.48
N ASN C 408 -45.22 -1.94 7.68
CA ASN C 408 -45.68 -3.28 7.99
C ASN C 408 -44.63 -4.11 8.72
N LEU C 409 -43.42 -3.57 8.90
CA LEU C 409 -42.37 -4.24 9.65
C LEU C 409 -42.25 -3.71 11.08
N ILE C 410 -42.06 -2.39 11.24
CA ILE C 410 -41.95 -1.82 12.57
C ILE C 410 -43.26 -1.99 13.33
N LEU C 411 -44.40 -1.78 12.67
CA LEU C 411 -45.68 -2.00 13.31
C LEU C 411 -45.77 -3.43 13.83
N ARG C 412 -45.37 -4.40 13.00
CA ARG C 412 -45.36 -5.79 13.45
C ARG C 412 -44.38 -5.99 14.61
N TYR C 413 -43.20 -5.36 14.53
CA TYR C 413 -42.25 -5.47 15.63
C TYR C 413 -42.83 -4.91 16.91
N TRP C 414 -43.48 -3.75 16.84
CA TRP C 414 -44.11 -3.19 18.03
C TRP C 414 -45.19 -4.10 18.57
N LEU C 415 -46.02 -4.65 17.68
CA LEU C 415 -47.03 -5.60 18.12
C LEU C 415 -46.40 -6.88 18.63
N ALA C 416 -45.37 -7.39 17.94
CA ALA C 416 -44.75 -8.64 18.34
C ALA C 416 -44.11 -8.52 19.72
N ALA C 417 -43.42 -7.41 19.98
CA ALA C 417 -42.80 -7.22 21.29
C ALA C 417 -43.83 -7.20 22.41
N GLY C 418 -45.09 -6.90 22.10
CA GLY C 418 -46.16 -6.91 23.07
C GLY C 418 -46.80 -8.26 23.29
N GLY C 419 -46.29 -9.31 22.66
CA GLY C 419 -46.86 -10.64 22.81
C GLY C 419 -48.05 -10.92 21.92
N ILE C 420 -48.17 -10.21 20.80
CA ILE C 420 -49.30 -10.37 19.88
C ILE C 420 -48.75 -10.79 18.52
N ASP C 421 -49.33 -11.83 17.95
CA ASP C 421 -48.92 -12.29 16.63
C ASP C 421 -49.62 -11.44 15.57
N PRO C 422 -48.87 -10.70 14.73
CA PRO C 422 -49.55 -9.81 13.77
C PRO C 422 -50.47 -10.53 12.81
N ASP C 423 -50.11 -11.72 12.34
CA ASP C 423 -50.89 -12.42 11.33
C ASP C 423 -51.88 -13.42 11.90
N ARG C 424 -51.87 -13.65 13.22
CA ARG C 424 -52.81 -14.56 13.85
C ARG C 424 -53.73 -13.86 14.83
N ASP C 425 -53.18 -13.12 15.79
CA ASP C 425 -54.01 -12.44 16.78
C ASP C 425 -54.66 -11.18 16.23
N VAL C 426 -54.13 -10.62 15.15
CA VAL C 426 -54.71 -9.46 14.48
C VAL C 426 -54.56 -9.66 12.98
N SER C 427 -55.04 -8.68 12.21
CA SER C 427 -54.99 -8.75 10.75
C SER C 427 -54.46 -7.42 10.23
N LEU C 428 -53.48 -7.48 9.33
CA LEU C 428 -52.94 -6.29 8.67
C LEU C 428 -53.36 -6.32 7.20
N THR C 429 -54.18 -5.36 6.80
CA THR C 429 -54.69 -5.27 5.44
C THR C 429 -54.12 -4.03 4.76
N VAL C 430 -53.50 -4.23 3.59
CA VAL C 430 -52.93 -3.12 2.86
C VAL C 430 -54.04 -2.25 2.31
N ILE C 431 -53.99 -0.95 2.60
CA ILE C 431 -55.02 -0.01 2.19
C ILE C 431 -54.36 1.28 1.72
N PRO C 432 -54.68 1.81 0.55
CA PRO C 432 -54.10 3.08 0.12
C PRO C 432 -54.44 4.19 1.11
N PRO C 433 -53.47 5.06 1.44
CA PRO C 433 -53.77 6.15 2.38
C PRO C 433 -54.78 7.15 1.87
N THR C 434 -54.92 7.32 0.55
CA THR C 434 -55.74 8.40 0.01
C THR C 434 -57.16 8.34 0.58
N GLN C 435 -57.79 7.16 0.55
CA GLN C 435 -59.16 7.00 1.03
C GLN C 435 -59.24 6.24 2.34
N MET C 436 -58.10 5.96 2.98
CA MET C 436 -58.13 5.28 4.26
C MET C 436 -58.76 6.13 5.35
N VAL C 437 -58.87 7.44 5.14
CA VAL C 437 -59.55 8.30 6.11
C VAL C 437 -61.01 7.89 6.23
N SER C 438 -61.66 7.60 5.10
CA SER C 438 -63.03 7.11 5.12
C SER C 438 -63.10 5.66 5.57
N GLN C 439 -62.00 4.92 5.46
CA GLN C 439 -62.02 3.51 5.83
C GLN C 439 -62.34 3.32 7.31
N LEU C 440 -61.73 4.16 8.17
CA LEU C 440 -61.95 4.01 9.60
C LEU C 440 -63.42 4.26 9.95
N LYS C 441 -64.04 5.27 9.33
CA LYS C 441 -65.44 5.55 9.62
C LYS C 441 -66.32 4.35 9.31
N ALA C 442 -66.03 3.64 8.22
CA ALA C 442 -66.81 2.45 7.88
C ALA C 442 -66.68 1.38 8.95
N GLY C 443 -65.49 1.24 9.54
CA GLY C 443 -65.23 0.24 10.54
C GLY C 443 -64.52 -0.99 10.06
N ASN C 444 -64.06 -1.02 8.81
CA ASN C 444 -63.34 -2.19 8.31
C ASN C 444 -62.08 -2.44 9.10
N ILE C 445 -61.34 -1.37 9.43
CA ILE C 445 -60.13 -1.48 10.23
C ILE C 445 -60.26 -0.58 11.45
N ASP C 446 -59.23 -0.57 12.30
CA ASP C 446 -59.24 0.26 13.49
C ASP C 446 -57.95 1.03 13.72
N GLY C 447 -56.87 0.77 12.97
CA GLY C 447 -55.61 1.41 13.20
C GLY C 447 -54.96 1.84 11.90
N TYR C 448 -53.88 2.61 12.04
CA TYR C 448 -53.16 3.18 10.92
C TYR C 448 -51.68 2.93 11.06
N CYS C 449 -50.96 3.08 9.94
CA CYS C 449 -49.53 3.32 9.98
C CYS C 449 -49.14 4.31 8.89
N ALA C 450 -50.05 5.23 8.55
CA ALA C 450 -49.86 6.14 7.43
C ALA C 450 -48.95 7.30 7.85
N GLY C 451 -48.82 8.27 6.94
CA GLY C 451 -47.94 9.40 7.14
C GLY C 451 -48.58 10.48 8.00
N GLU C 452 -48.00 11.69 7.89
CA GLU C 452 -48.45 12.79 8.74
C GLU C 452 -49.82 13.30 8.35
N PRO C 453 -50.05 13.81 7.14
CA PRO C 453 -51.30 14.55 6.89
C PRO C 453 -52.56 13.72 7.14
N TRP C 454 -52.53 12.44 6.81
CA TRP C 454 -53.74 11.63 6.93
C TRP C 454 -54.04 11.22 8.37
N ASN C 455 -53.00 10.97 9.17
CA ASN C 455 -53.23 10.55 10.55
C ASN C 455 -53.95 11.64 11.35
N TYR C 456 -53.56 12.89 11.14
CA TYR C 456 -54.18 14.00 11.87
C TYR C 456 -55.66 14.15 11.54
N GLN C 457 -56.11 13.56 10.42
CA GLN C 457 -57.52 13.66 10.07
C GLN C 457 -58.41 13.08 11.15
N ALA C 458 -58.03 11.91 11.69
CA ALA C 458 -58.81 11.31 12.76
C ALA C 458 -58.83 12.20 14.00
N VAL C 459 -57.69 12.81 14.33
CA VAL C 459 -57.62 13.68 15.50
C VAL C 459 -58.55 14.87 15.34
N HIS C 460 -58.51 15.51 14.17
CA HIS C 460 -59.33 16.69 13.95
C HIS C 460 -60.81 16.34 13.88
N ASP C 461 -61.14 15.21 13.26
CA ASP C 461 -62.52 14.75 13.14
C ASP C 461 -62.97 13.95 14.35
N ASP C 462 -62.11 13.76 15.35
CA ASP C 462 -62.44 12.99 16.55
C ASP C 462 -62.83 11.55 16.20
N LEU C 463 -62.21 10.99 15.18
CA LEU C 463 -62.44 9.61 14.77
C LEU C 463 -61.38 8.66 15.31
N GLY C 464 -60.40 9.15 16.08
CA GLY C 464 -59.39 8.28 16.63
C GLY C 464 -58.36 9.10 17.39
N PHE C 465 -57.44 8.40 18.03
CA PHE C 465 -56.35 9.01 18.77
C PHE C 465 -55.03 8.43 18.30
N VAL C 466 -53.98 9.26 18.32
CA VAL C 466 -52.72 8.88 17.71
C VAL C 466 -52.11 7.67 18.39
N ALA C 467 -52.42 7.46 19.67
CA ALA C 467 -51.88 6.32 20.40
C ALA C 467 -50.36 6.36 20.40
N ALA C 468 -49.73 5.61 19.50
CA ALA C 468 -48.27 5.51 19.44
C ALA C 468 -47.72 6.57 18.48
N THR C 469 -46.39 6.65 18.39
CA THR C 469 -45.73 7.59 17.52
C THR C 469 -44.39 7.01 17.09
N ALA C 470 -43.86 7.52 15.97
CA ALA C 470 -42.59 7.04 15.48
C ALA C 470 -41.46 7.35 16.45
N LEU C 471 -41.49 8.53 17.08
CA LEU C 471 -40.40 8.92 17.96
C LEU C 471 -40.30 7.98 19.16
N GLU C 472 -41.43 7.58 19.73
CA GLU C 472 -41.45 6.73 20.92
C GLU C 472 -41.37 5.25 20.57
N ILE C 473 -41.28 4.90 19.29
CA ILE C 473 -40.99 3.53 18.85
C ILE C 473 -39.56 3.40 18.36
N TRP C 474 -39.14 4.28 17.46
CA TRP C 474 -37.77 4.29 16.97
C TRP C 474 -37.53 5.65 16.33
N SER C 475 -36.62 6.44 16.91
CA SER C 475 -36.37 7.79 16.43
C SER C 475 -35.25 7.82 15.39
N GLY C 476 -35.33 6.89 14.43
CA GLY C 476 -34.52 6.92 13.24
C GLY C 476 -35.28 6.36 12.06
N GLN C 477 -36.57 6.12 12.27
CA GLN C 477 -37.43 5.36 11.37
C GLN C 477 -37.43 5.92 9.96
N PRO C 478 -36.79 5.25 8.99
CA PRO C 478 -36.90 5.70 7.61
C PRO C 478 -38.33 5.60 7.11
N LYS C 479 -38.71 6.54 6.24
CA LYS C 479 -40.04 6.53 5.63
C LYS C 479 -40.03 6.72 4.13
N LYS C 480 -39.04 7.40 3.56
CA LYS C 480 -38.99 7.59 2.11
C LYS C 480 -37.54 7.43 1.65
N VAL C 481 -37.39 6.92 0.42
CA VAL C 481 -36.07 6.72 -0.17
C VAL C 481 -36.21 6.88 -1.68
N LEU C 482 -35.14 7.35 -2.31
CA LEU C 482 -35.11 7.52 -3.76
C LEU C 482 -34.61 6.23 -4.40
N GLY C 483 -35.50 5.54 -5.11
CA GLY C 483 -35.14 4.27 -5.73
C GLY C 483 -35.17 4.33 -7.24
N VAL C 484 -34.06 3.95 -7.86
CA VAL C 484 -33.93 3.91 -9.32
C VAL C 484 -33.50 2.51 -9.72
N ARG C 485 -34.12 1.98 -10.78
CA ARG C 485 -33.74 0.68 -11.29
C ARG C 485 -32.24 0.64 -11.56
N GLU C 486 -31.60 -0.44 -11.13
CA GLU C 486 -30.16 -0.57 -11.37
C GLU C 486 -29.85 -0.52 -12.86
N ASP C 487 -30.81 -0.91 -13.70
CA ASP C 487 -30.64 -0.73 -15.14
C ASP C 487 -30.48 0.74 -15.49
N TRP C 488 -31.29 1.61 -14.87
CA TRP C 488 -31.21 3.05 -15.12
C TRP C 488 -30.22 3.71 -14.16
N ALA C 489 -29.05 3.11 -14.01
CA ALA C 489 -27.94 3.69 -13.26
C ALA C 489 -26.63 3.63 -14.04
N GLN C 490 -26.36 2.54 -14.74
CA GLN C 490 -25.20 2.50 -15.63
C GLN C 490 -25.47 3.35 -16.87
N LYS C 491 -26.67 3.23 -17.43
CA LYS C 491 -27.15 4.24 -18.36
C LYS C 491 -27.43 5.52 -17.59
N TYR C 492 -27.16 6.65 -18.23
CA TYR C 492 -27.40 7.94 -17.61
C TYR C 492 -26.58 8.09 -16.33
N PRO C 493 -25.26 7.91 -16.37
CA PRO C 493 -24.47 8.21 -15.16
C PRO C 493 -24.71 9.63 -14.67
N GLU C 494 -24.80 10.58 -15.59
CA GLU C 494 -25.32 11.89 -15.27
C GLU C 494 -26.84 11.85 -15.30
N THR C 495 -27.47 12.94 -14.86
CA THR C 495 -28.91 13.03 -14.62
C THR C 495 -29.32 12.22 -13.40
N TYR C 496 -28.40 11.47 -12.79
CA TYR C 496 -28.63 10.80 -11.52
C TYR C 496 -27.91 11.49 -10.38
N LEU C 497 -26.60 11.72 -10.51
CA LEU C 497 -25.90 12.54 -9.53
C LEU C 497 -26.50 13.94 -9.47
N ASN C 498 -26.80 14.54 -10.62
CA ASN C 498 -27.51 15.81 -10.64
C ASN C 498 -28.91 15.66 -10.08
N LEU C 499 -29.51 14.48 -10.17
CA LEU C 499 -30.78 14.24 -9.50
C LEU C 499 -30.58 14.01 -8.01
N VAL C 500 -29.51 13.32 -7.63
CA VAL C 500 -29.20 13.14 -6.21
C VAL C 500 -28.86 14.49 -5.58
N LYS C 501 -28.04 15.29 -6.27
CA LYS C 501 -27.64 16.59 -5.73
C LYS C 501 -28.84 17.50 -5.56
N ALA C 502 -29.76 17.49 -6.52
CA ALA C 502 -30.90 18.41 -6.47
C ALA C 502 -31.74 18.16 -5.22
N LEU C 503 -32.00 16.90 -4.90
CA LEU C 503 -32.85 16.60 -3.75
C LEU C 503 -32.16 16.99 -2.45
N ILE C 504 -30.85 16.79 -2.36
CA ILE C 504 -30.13 17.12 -1.13
C ILE C 504 -30.32 18.60 -0.80
N GLU C 505 -30.16 19.47 -1.79
CA GLU C 505 -30.40 20.89 -1.57
C GLU C 505 -31.85 21.15 -1.22
N ALA C 506 -32.78 20.43 -1.87
CA ALA C 506 -34.18 20.58 -1.55
C ALA C 506 -34.45 20.20 -0.09
N CYS C 507 -33.82 19.11 0.37
CA CYS C 507 -33.97 18.73 1.78
C CYS C 507 -33.44 19.83 2.70
N LYS C 508 -32.26 20.38 2.36
CA LYS C 508 -31.68 21.42 3.21
C LYS C 508 -32.58 22.65 3.28
N TYR C 509 -33.13 23.07 2.13
CA TYR C 509 -33.94 24.28 2.11
C TYR C 509 -35.20 24.10 2.97
N CYS C 510 -35.83 22.94 2.90
CA CYS C 510 -37.09 22.68 3.57
C CYS C 510 -36.91 22.27 5.03
N ASP C 511 -35.68 22.15 5.51
CA ASP C 511 -35.44 21.71 6.88
C ASP C 511 -35.33 22.88 7.86
N ASP C 512 -34.92 24.05 7.39
CA ASP C 512 -34.86 25.22 8.25
C ASP C 512 -36.27 25.63 8.67
N LEU C 513 -36.42 25.95 9.96
CA LEU C 513 -37.73 26.33 10.47
C LEU C 513 -38.25 27.61 9.83
N ARG C 514 -37.36 28.48 9.34
CA ARG C 514 -37.79 29.75 8.77
C ARG C 514 -38.49 29.54 7.43
N ASN C 515 -37.94 28.67 6.58
CA ASN C 515 -38.49 28.47 5.24
C ASN C 515 -39.66 27.49 5.21
N ARG C 516 -39.92 26.77 6.31
CA ARG C 516 -40.98 25.78 6.29
C ARG C 516 -42.35 26.40 6.05
N GLU C 517 -42.53 27.66 6.47
CA GLU C 517 -43.82 28.32 6.27
C GLU C 517 -44.14 28.45 4.79
N GLU C 518 -43.15 28.80 3.97
CA GLU C 518 -43.37 28.93 2.54
C GLU C 518 -43.78 27.60 1.93
N ILE C 519 -43.13 26.52 2.36
CA ILE C 519 -43.45 25.19 1.82
C ILE C 519 -44.87 24.79 2.12
N LEU C 520 -45.48 25.35 3.18
CA LEU C 520 -46.84 24.98 3.53
C LEU C 520 -47.80 25.27 2.39
N GLU C 521 -47.68 26.45 1.77
CA GLU C 521 -48.57 26.80 0.66
C GLU C 521 -48.35 25.87 -0.53
N ILE C 522 -47.10 25.54 -0.83
CA ILE C 522 -46.80 24.74 -2.02
C ILE C 522 -47.45 23.37 -1.93
N LEU C 523 -47.66 22.85 -0.72
CA LEU C 523 -48.24 21.53 -0.53
C LEU C 523 -49.76 21.57 -0.36
N CYS C 524 -50.42 22.55 -0.97
CA CYS C 524 -51.87 22.69 -0.87
C CYS C 524 -52.45 23.05 -2.23
N ARG C 525 -51.98 22.38 -3.28
CA ARG C 525 -52.43 22.61 -4.65
C ARG C 525 -53.07 21.35 -5.22
N PRO C 526 -53.95 21.48 -6.21
CA PRO C 526 -54.56 20.28 -6.80
C PRO C 526 -53.54 19.32 -7.38
N GLU C 527 -52.47 19.84 -7.99
CA GLU C 527 -51.45 18.98 -8.57
C GLU C 527 -50.56 18.32 -7.53
N TYR C 528 -50.65 18.74 -6.27
CA TYR C 528 -49.90 18.12 -5.18
C TYR C 528 -50.86 17.73 -4.08
N LEU C 529 -50.33 17.36 -2.91
CA LEU C 529 -51.19 17.02 -1.78
C LEU C 529 -52.25 18.09 -1.60
N ASP C 530 -53.50 17.71 -1.80
CA ASP C 530 -54.63 18.65 -1.84
C ASP C 530 -55.45 18.48 -0.57
N VAL C 531 -55.24 19.39 0.38
CA VAL C 531 -55.99 19.40 1.63
C VAL C 531 -56.07 20.83 2.13
N ASN C 532 -57.02 21.09 3.02
CA ASN C 532 -57.12 22.40 3.63
C ASN C 532 -55.81 22.71 4.37
N PRO C 533 -55.18 23.87 4.13
CA PRO C 533 -53.89 24.14 4.76
C PRO C 533 -53.88 23.87 6.27
N ALA C 534 -55.02 24.03 6.93
CA ALA C 534 -55.11 23.76 8.37
C ALA C 534 -55.37 22.29 8.65
N TYR C 535 -54.67 21.41 7.94
CA TYR C 535 -54.61 19.97 8.20
C TYR C 535 -53.18 19.47 8.34
N VAL C 536 -52.24 20.04 7.57
CA VAL C 536 -50.85 19.62 7.63
C VAL C 536 -50.04 20.48 8.59
N ARG C 537 -50.63 21.51 9.19
CA ARG C 537 -49.89 22.36 10.11
C ARG C 537 -49.37 21.56 11.29
N SER C 538 -50.21 20.69 11.87
CA SER C 538 -49.80 19.90 13.01
C SER C 538 -48.60 19.03 12.63
N GLY C 539 -47.57 19.07 13.49
CA GLY C 539 -46.38 18.28 13.28
C GLY C 539 -45.36 18.88 12.33
N PHE C 540 -45.73 19.93 11.59
CA PHE C 540 -44.82 20.57 10.65
C PHE C 540 -44.34 21.92 11.17
N ILE C 541 -45.27 22.82 11.51
CA ILE C 541 -44.93 24.14 12.01
C ILE C 541 -45.76 24.46 13.24
N ASP C 542 -46.44 23.45 13.78
CA ASP C 542 -47.32 23.60 14.92
C ASP C 542 -47.04 22.45 15.88
N PRO C 543 -47.20 22.66 17.20
CA PRO C 543 -47.01 21.53 18.13
C PRO C 543 -47.97 20.40 17.81
N TYR C 544 -47.46 19.17 17.90
CA TYR C 544 -48.24 18.00 17.53
C TYR C 544 -49.41 17.82 18.49
N ASP C 545 -50.58 17.53 17.94
CA ASP C 545 -51.79 17.26 18.71
C ASP C 545 -52.02 15.75 18.72
N ARG C 546 -51.64 15.10 19.82
CA ARG C 546 -51.78 13.66 19.91
C ARG C 546 -53.25 13.23 19.91
N GLY C 547 -54.17 14.13 20.25
CA GLY C 547 -55.58 13.80 20.24
C GLY C 547 -55.95 12.67 21.18
N ASP C 548 -55.38 12.66 22.38
CA ASP C 548 -55.69 11.65 23.38
C ASP C 548 -55.87 12.30 24.75
N GLY C 549 -56.49 13.47 24.77
CA GLY C 549 -56.72 14.18 26.03
C GLY C 549 -55.45 14.63 26.70
N THR C 550 -54.46 15.06 25.93
CA THR C 550 -53.20 15.57 26.46
C THR C 550 -52.83 16.87 25.76
N PRO C 551 -52.10 17.77 26.44
CA PRO C 551 -51.73 19.02 25.80
C PRO C 551 -50.79 18.76 24.62
N PRO C 552 -50.84 19.58 23.58
CA PRO C 552 -49.91 19.39 22.46
C PRO C 552 -48.46 19.53 22.92
N GLN C 553 -47.58 18.73 22.33
CA GLN C 553 -46.16 18.76 22.62
C GLN C 553 -45.40 19.07 21.34
N GLN C 554 -44.58 20.11 21.38
CA GLN C 554 -43.80 20.51 20.21
C GLN C 554 -42.77 19.44 19.91
N LEU C 555 -42.98 18.70 18.83
CA LEU C 555 -42.04 17.65 18.41
C LEU C 555 -40.96 18.30 17.56
N THR C 556 -39.78 18.48 18.15
CA THR C 556 -38.72 19.22 17.48
C THR C 556 -38.30 18.55 16.17
N ALA C 557 -38.11 17.22 16.18
CA ALA C 557 -37.65 16.48 15.01
C ALA C 557 -38.66 15.37 14.73
N TYR C 558 -39.70 15.71 13.97
CA TYR C 558 -40.74 14.76 13.59
C TYR C 558 -40.89 14.74 12.07
N ASN C 559 -40.15 15.59 11.38
CA ASN C 559 -40.12 15.59 9.93
C ASN C 559 -38.70 15.79 9.43
N GLN C 560 -37.74 15.07 10.01
CA GLN C 560 -36.34 15.26 9.67
C GLN C 560 -36.13 15.07 8.17
N PHE C 561 -35.36 15.98 7.58
CA PHE C 561 -34.93 15.87 6.19
C PHE C 561 -33.43 16.00 6.02
N TYR C 562 -32.78 16.85 6.83
CA TYR C 562 -31.35 17.07 6.74
C TYR C 562 -30.68 16.90 8.10
N LEU C 563 -31.40 17.24 9.16
CA LEU C 563 -30.82 17.23 10.49
C LEU C 563 -30.54 15.81 10.95
N ASN C 564 -29.56 15.66 11.83
CA ASN C 564 -29.21 14.38 12.44
C ASN C 564 -28.72 13.36 11.41
N LYS C 565 -28.26 13.83 10.25
CA LYS C 565 -27.63 12.95 9.26
C LYS C 565 -28.61 11.92 8.71
N THR C 566 -29.78 12.41 8.26
CA THR C 566 -30.78 11.50 7.70
C THR C 566 -30.36 11.00 6.33
N ASN C 567 -29.82 11.88 5.50
CA ASN C 567 -29.53 11.55 4.10
C ASN C 567 -28.30 10.65 4.04
N TYR C 568 -28.53 9.36 4.21
CA TYR C 568 -27.49 8.36 3.99
C TYR C 568 -28.11 6.97 3.92
N PRO C 569 -27.79 6.16 2.91
CA PRO C 569 -28.35 4.80 2.84
C PRO C 569 -27.47 3.79 3.57
N ASN C 570 -27.42 3.91 4.89
CA ASN C 570 -26.56 3.05 5.70
C ASN C 570 -27.02 1.60 5.59
N ARG C 571 -26.07 0.69 5.44
CA ARG C 571 -26.39 -0.73 5.28
C ARG C 571 -27.01 -1.31 6.54
N THR C 572 -26.52 -0.88 7.72
CA THR C 572 -26.89 -1.56 8.95
C THR C 572 -28.39 -1.61 9.17
N GLU C 573 -29.14 -0.61 8.69
CA GLU C 573 -30.59 -0.59 8.90
C GLU C 573 -31.39 -1.15 7.73
N ILE C 574 -30.84 -1.13 6.50
CA ILE C 574 -31.50 -1.84 5.43
C ILE C 574 -31.43 -3.34 5.66
N LEU C 575 -30.33 -3.82 6.24
CA LEU C 575 -30.17 -5.22 6.59
C LEU C 575 -31.12 -5.64 7.71
N TRP C 576 -31.53 -4.70 8.56
CA TRP C 576 -32.52 -4.97 9.59
C TRP C 576 -33.89 -5.26 9.00
N MET C 577 -34.20 -4.70 7.82
CA MET C 577 -35.41 -5.05 7.10
C MET C 577 -35.40 -6.48 6.59
N ILE C 578 -34.27 -6.97 6.09
CA ILE C 578 -34.18 -8.34 5.64
C ILE C 578 -34.45 -9.31 6.79
N THR C 579 -33.94 -9.01 7.98
CA THR C 579 -34.16 -9.85 9.15
C THR C 579 -35.52 -9.60 9.80
N GLN C 580 -36.44 -8.94 9.09
CA GLN C 580 -37.80 -8.79 9.57
C GLN C 580 -38.78 -9.26 8.49
N MET C 581 -38.41 -9.07 7.22
CA MET C 581 -39.17 -9.72 6.15
C MET C 581 -39.04 -11.23 6.24
N ALA C 582 -37.82 -11.71 6.55
CA ALA C 582 -37.63 -13.15 6.75
C ALA C 582 -38.31 -13.62 8.04
N ARG C 583 -38.34 -12.77 9.07
CA ARG C 583 -38.94 -13.18 10.33
C ARG C 583 -40.40 -13.55 10.17
N TRP C 584 -41.11 -12.92 9.23
CA TRP C 584 -42.53 -13.17 9.01
C TRP C 584 -42.78 -14.07 7.82
N GLY C 585 -41.74 -14.64 7.22
CA GLY C 585 -41.90 -15.56 6.12
C GLY C 585 -42.16 -14.93 4.78
N LEU C 586 -42.14 -13.60 4.68
CA LEU C 586 -42.37 -12.94 3.40
C LEU C 586 -41.31 -13.28 2.38
N THR C 587 -40.13 -13.75 2.81
CA THR C 587 -39.05 -14.07 1.89
C THR C 587 -38.03 -14.90 2.63
N PRO C 588 -37.39 -15.88 1.99
CA PRO C 588 -36.28 -16.58 2.64
C PRO C 588 -35.16 -15.61 2.98
N PHE C 589 -34.55 -15.80 4.14
CA PHE C 589 -33.43 -14.95 4.51
C PHE C 589 -32.28 -15.22 3.54
N PRO C 590 -31.82 -14.23 2.78
CA PRO C 590 -30.74 -14.49 1.83
C PRO C 590 -29.50 -15.01 2.55
N LYS C 591 -28.85 -15.99 1.93
CA LYS C 591 -27.60 -16.52 2.45
C LYS C 591 -26.41 -15.66 2.07
N ASN C 592 -26.58 -14.71 1.17
CA ASN C 592 -25.53 -13.79 0.73
C ASN C 592 -25.94 -12.35 1.00
N TRP C 593 -26.51 -12.08 2.17
CA TRP C 593 -26.92 -10.74 2.51
C TRP C 593 -25.76 -9.76 2.44
N VAL C 594 -24.53 -10.23 2.65
CA VAL C 594 -23.37 -9.36 2.62
C VAL C 594 -23.18 -8.74 1.25
N GLU C 595 -23.72 -9.35 0.20
CA GLU C 595 -23.60 -8.83 -1.16
C GLU C 595 -24.85 -8.09 -1.63
N ILE C 596 -26.04 -8.62 -1.35
CA ILE C 596 -27.26 -7.91 -1.73
C ILE C 596 -27.32 -6.56 -1.03
N THR C 597 -26.92 -6.51 0.24
CA THR C 597 -27.02 -5.27 1.00
C THR C 597 -26.16 -4.17 0.40
N GLU C 598 -24.92 -4.49 0.02
CA GLU C 598 -24.05 -3.50 -0.59
C GLU C 598 -24.39 -3.27 -2.06
N ARG C 599 -25.35 -4.01 -2.61
CA ARG C 599 -25.85 -3.80 -3.96
C ARG C 599 -27.07 -2.88 -3.99
N VAL C 600 -27.99 -3.04 -3.03
CA VAL C 600 -29.15 -2.17 -2.97
C VAL C 600 -28.74 -0.78 -2.50
N CYS C 601 -27.88 -0.69 -1.48
CA CYS C 601 -27.42 0.59 -0.95
C CYS C 601 -26.19 1.03 -1.74
N ARG C 602 -26.42 1.81 -2.79
CA ARG C 602 -25.34 2.36 -3.60
C ARG C 602 -24.86 3.64 -2.93
N THR C 603 -23.98 3.49 -1.95
CA THR C 603 -23.39 4.63 -1.27
C THR C 603 -22.29 5.28 -2.08
N ASP C 604 -21.81 4.62 -3.13
CA ASP C 604 -20.82 5.24 -4.02
C ASP C 604 -21.39 6.50 -4.66
N ILE C 605 -22.64 6.44 -5.12
CA ILE C 605 -23.27 7.60 -5.72
C ILE C 605 -23.37 8.73 -4.71
N PHE C 606 -23.86 8.42 -3.51
CA PHE C 606 -24.05 9.46 -2.51
C PHE C 606 -22.72 10.09 -2.09
N GLY C 607 -21.68 9.26 -1.93
CA GLY C 607 -20.38 9.80 -1.56
C GLY C 607 -19.89 10.84 -2.54
N ALA C 608 -20.05 10.58 -3.84
CA ALA C 608 -19.68 11.56 -4.85
C ALA C 608 -20.62 12.75 -4.87
N ALA C 609 -21.84 12.59 -4.39
CA ALA C 609 -22.83 13.67 -4.37
C ALA C 609 -22.85 14.44 -3.06
N ALA C 610 -22.01 14.06 -2.10
CA ALA C 610 -21.91 14.75 -0.82
C ALA C 610 -20.60 15.53 -0.69
N ARG C 611 -19.48 14.91 -1.03
CA ARG C 611 -18.20 15.62 -0.99
C ARG C 611 -18.21 16.81 -1.96
N ASP C 612 -18.73 16.59 -3.17
CA ASP C 612 -18.80 17.68 -4.14
C ASP C 612 -19.73 18.79 -3.65
N LEU C 613 -20.89 18.42 -3.10
CA LEU C 613 -21.85 19.41 -2.63
C LEU C 613 -21.41 20.04 -1.32
N GLY C 614 -20.81 19.25 -0.44
CA GLY C 614 -20.50 19.70 0.90
C GLY C 614 -21.50 19.18 1.90
N LEU C 615 -21.14 18.11 2.60
CA LEU C 615 -22.06 17.42 3.48
C LEU C 615 -21.29 16.32 4.21
N LEU C 616 -21.74 15.97 5.41
CA LEU C 616 -21.09 14.92 6.17
C LEU C 616 -21.39 13.57 5.54
N ASP C 617 -20.51 13.12 4.64
CA ASP C 617 -20.77 11.91 3.87
C ASP C 617 -20.72 10.65 4.73
N ILE C 618 -19.98 10.67 5.83
CA ILE C 618 -19.83 9.48 6.67
C ILE C 618 -21.11 9.24 7.44
N GLY C 619 -21.94 8.33 6.96
CA GLY C 619 -23.15 7.98 7.67
C GLY C 619 -22.84 7.32 9.01
N GLU C 620 -23.72 7.56 9.97
CA GLU C 620 -23.54 7.03 11.31
C GLU C 620 -23.61 5.51 11.29
N ASP C 621 -22.84 4.89 12.17
CA ASP C 621 -23.06 3.49 12.52
C ASP C 621 -24.37 3.43 13.29
N ASP C 622 -25.38 2.82 12.68
CA ASP C 622 -26.75 2.95 13.18
C ASP C 622 -27.20 1.67 13.86
N PRO C 623 -26.91 1.47 15.13
CA PRO C 623 -27.60 0.40 15.87
C PRO C 623 -29.10 0.67 15.82
N ILE C 624 -29.87 -0.36 15.50
CA ILE C 624 -31.30 -0.18 15.28
C ILE C 624 -31.96 -0.15 16.63
N HIS C 625 -32.05 1.04 17.22
CA HIS C 625 -32.47 1.21 18.61
C HIS C 625 -33.97 1.50 18.64
N LEU C 626 -34.75 0.51 19.03
CA LEU C 626 -36.18 0.67 19.22
C LEU C 626 -36.45 1.04 20.68
N PHE C 627 -37.73 1.07 21.06
CA PHE C 627 -38.07 1.36 22.45
C PHE C 627 -37.38 0.39 23.39
N ASP C 628 -37.27 -0.87 23.01
CA ASP C 628 -36.59 -1.89 23.79
C ASP C 628 -35.34 -2.33 23.00
N GLY C 629 -34.25 -1.60 23.19
CA GLY C 629 -33.02 -1.90 22.48
C GLY C 629 -32.51 -3.30 22.74
N LYS C 630 -32.57 -4.15 21.72
CA LYS C 630 -32.08 -5.52 21.83
C LYS C 630 -30.64 -5.66 21.36
N LEU C 631 -29.97 -4.54 21.04
CA LEU C 631 -28.57 -4.54 20.63
C LEU C 631 -28.38 -5.40 19.37
N PHE C 632 -28.99 -4.92 18.29
CA PHE C 632 -28.80 -5.56 17.00
C PHE C 632 -27.32 -5.51 16.62
N ASN C 633 -26.78 -6.65 16.21
CA ASN C 633 -25.38 -6.77 15.82
C ASN C 633 -25.29 -7.00 14.32
N PRO C 634 -24.90 -5.99 13.51
CA PRO C 634 -24.90 -6.13 12.05
C PRO C 634 -23.73 -6.93 11.50
N SER C 635 -23.42 -8.06 12.15
CA SER C 635 -22.45 -9.01 11.64
C SER C 635 -22.88 -10.46 11.85
N GLU C 636 -24.05 -10.70 12.41
CA GLU C 636 -24.57 -12.04 12.62
C GLU C 636 -26.10 -11.98 12.66
N PRO C 637 -26.73 -11.53 11.58
CA PRO C 637 -28.19 -11.37 11.62
C PRO C 637 -28.94 -12.65 11.90
N ILE C 638 -28.44 -13.80 11.44
CA ILE C 638 -29.14 -15.06 11.67
C ILE C 638 -29.32 -15.30 13.16
N GLU C 639 -28.27 -15.04 13.95
CA GLU C 639 -28.38 -15.19 15.40
C GLU C 639 -29.44 -14.25 15.96
N TYR C 640 -29.45 -12.99 15.49
CA TYR C 640 -30.47 -12.05 15.95
C TYR C 640 -31.86 -12.52 15.55
N LEU C 641 -32.01 -13.01 14.31
CA LEU C 641 -33.31 -13.48 13.84
C LEU C 641 -33.76 -14.72 14.59
N LYS C 642 -32.85 -15.47 15.19
CA LYS C 642 -33.18 -16.69 15.92
C LYS C 642 -33.44 -16.42 17.40
N SER C 643 -33.29 -15.19 17.87
CA SER C 643 -33.47 -14.84 19.27
C SER C 643 -34.77 -14.10 19.52
N LEU C 644 -35.67 -14.04 18.55
CA LEU C 644 -36.94 -13.35 18.69
C LEU C 644 -38.03 -14.36 19.04
N GLU C 645 -38.82 -14.02 20.07
CA GLU C 645 -39.81 -14.98 20.58
C GLU C 645 -40.85 -15.34 19.51
N ILE C 646 -41.36 -14.34 18.80
CA ILE C 646 -42.41 -14.55 17.80
C ILE C 646 -41.80 -14.40 16.43
N ARG C 647 -41.93 -15.45 15.61
CA ARG C 647 -41.42 -15.42 14.25
C ARG C 647 -42.00 -16.61 13.50
N ARG C 648 -41.67 -16.70 12.22
CA ARG C 648 -42.01 -17.84 11.38
C ARG C 648 -40.76 -18.65 11.10
N GLN C 649 -40.97 -19.87 10.59
CA GLN C 649 -39.88 -20.80 10.37
C GLN C 649 -38.78 -20.14 9.54
N ILE C 650 -37.58 -20.09 10.12
CA ILE C 650 -36.44 -19.48 9.44
C ILE C 650 -35.94 -20.43 8.35
N ARG C 651 -35.82 -19.91 7.13
CA ARG C 651 -35.33 -20.69 5.99
C ARG C 651 -34.28 -19.88 5.26
N ILE C 652 -33.07 -20.40 5.20
CA ILE C 652 -31.91 -19.69 4.63
C ILE C 652 -31.59 -20.30 3.28
N GLU C 653 -31.50 -19.45 2.27
CA GLU C 653 -31.14 -19.89 0.92
C GLU C 653 -30.52 -18.71 0.17
N GLU C 654 -29.82 -19.01 -0.91
CA GLU C 654 -29.13 -17.99 -1.67
C GLU C 654 -30.07 -17.40 -2.72
N VAL C 655 -30.33 -16.11 -2.63
CA VAL C 655 -31.21 -15.42 -3.57
C VAL C 655 -30.35 -14.91 -4.73
N PHE C 656 -30.69 -15.32 -5.94
CA PHE C 656 -29.96 -14.94 -7.15
C PHE C 656 -30.79 -13.95 -7.94
N ILE C 657 -30.15 -12.84 -8.35
CA ILE C 657 -30.81 -11.77 -9.08
C ILE C 657 -30.06 -11.57 -10.39
N SER C 658 -30.80 -11.58 -11.50
CA SER C 658 -30.20 -11.34 -12.80
C SER C 658 -29.67 -9.91 -12.89
N SER C 659 -28.56 -9.75 -13.62
CA SER C 659 -27.95 -8.43 -13.76
C SER C 659 -28.88 -7.45 -14.46
N GLY C 660 -29.83 -7.93 -15.25
CA GLY C 660 -30.76 -7.07 -15.96
C GLY C 660 -31.34 -7.71 -17.20
N THR D 17 -5.59 -51.31 -19.04
CA THR D 17 -4.27 -50.94 -18.56
C THR D 17 -3.91 -51.70 -17.28
N ASP D 18 -2.73 -52.33 -17.28
CA ASP D 18 -2.27 -53.11 -16.14
C ASP D 18 -0.92 -52.71 -15.57
N ASN D 19 0.08 -52.44 -16.41
CA ASN D 19 1.46 -52.29 -15.98
C ASN D 19 2.08 -51.03 -16.55
N PHE D 20 1.39 -49.91 -16.39
CA PHE D 20 1.94 -48.61 -16.80
C PHE D 20 3.08 -48.27 -15.84
N LEU D 21 3.59 -47.04 -15.93
CA LEU D 21 4.78 -46.62 -15.20
C LEU D 21 4.83 -47.22 -13.81
N VAL D 22 5.95 -47.86 -13.49
CA VAL D 22 6.15 -48.55 -12.22
C VAL D 22 7.51 -48.16 -11.66
N VAL D 23 7.58 -48.03 -10.34
CA VAL D 23 8.83 -47.76 -9.64
C VAL D 23 9.10 -48.96 -8.72
N GLU D 24 10.25 -49.59 -8.90
CA GLU D 24 10.58 -50.84 -8.23
C GLU D 24 11.75 -50.59 -7.26
N GLY D 25 11.42 -50.19 -6.04
CA GLY D 25 12.42 -50.10 -4.98
C GLY D 25 13.58 -49.20 -5.30
N VAL D 26 13.32 -48.05 -5.93
CA VAL D 26 14.39 -47.12 -6.25
C VAL D 26 14.93 -46.49 -4.96
N SER D 27 16.23 -46.17 -4.98
CA SER D 27 16.86 -45.55 -3.82
C SER D 27 18.14 -44.87 -4.29
N LYS D 28 18.22 -43.55 -4.12
CA LYS D 28 19.37 -42.76 -4.53
C LYS D 28 20.20 -42.38 -3.30
N ILE D 29 21.50 -42.62 -3.37
CA ILE D 29 22.43 -42.30 -2.30
C ILE D 29 23.35 -41.19 -2.81
N TYR D 30 23.29 -40.03 -2.16
CA TYR D 30 24.15 -38.91 -2.55
C TYR D 30 25.55 -39.08 -1.97
N PRO D 31 26.55 -38.41 -2.56
CA PRO D 31 27.92 -38.57 -2.06
C PRO D 31 28.04 -38.20 -0.58
N THR D 32 27.72 -36.94 -0.25
CA THR D 32 27.73 -36.48 1.13
C THR D 32 29.03 -36.88 1.80
N PRO D 33 30.15 -36.19 1.50
CA PRO D 33 31.45 -36.60 2.03
C PRO D 33 31.43 -37.01 3.49
N GLU D 34 30.50 -36.47 4.27
CA GLU D 34 30.37 -36.83 5.68
C GLU D 34 29.84 -38.24 5.87
N GLY D 35 29.33 -38.89 4.82
CA GLY D 35 28.78 -40.22 4.93
C GLY D 35 27.67 -40.46 3.94
N PRO D 36 26.74 -41.35 4.27
CA PRO D 36 25.57 -41.56 3.42
C PRO D 36 24.40 -40.68 3.84
N TYR D 37 23.49 -40.46 2.88
CA TYR D 37 22.29 -39.69 3.15
C TYR D 37 21.04 -40.46 2.72
N THR D 38 21.16 -41.25 1.65
CA THR D 38 20.08 -42.10 1.17
C THR D 38 18.75 -41.35 1.15
N VAL D 39 18.67 -40.29 0.35
CA VAL D 39 17.49 -39.43 0.35
C VAL D 39 16.24 -40.24 0.03
N LEU D 40 16.36 -41.24 -0.84
CA LEU D 40 15.28 -42.15 -1.17
C LEU D 40 15.60 -43.54 -0.64
N ASP D 41 14.56 -44.31 -0.32
CA ASP D 41 14.76 -45.66 0.20
C ASP D 41 13.47 -46.44 0.07
N GLY D 42 13.51 -47.56 -0.65
CA GLY D 42 12.41 -48.50 -0.68
C GLY D 42 11.09 -47.93 -1.19
N ILE D 43 11.13 -47.21 -2.30
CA ILE D 43 9.92 -46.65 -2.90
C ILE D 43 9.29 -47.69 -3.81
N ASP D 44 7.99 -47.93 -3.64
CA ASP D 44 7.24 -48.89 -4.45
C ASP D 44 5.93 -48.21 -4.88
N LEU D 45 5.89 -47.74 -6.12
CA LEU D 45 4.74 -47.04 -6.66
C LEU D 45 4.27 -47.74 -7.93
N LYS D 46 2.96 -47.80 -8.11
CA LYS D 46 2.34 -48.43 -9.28
C LYS D 46 1.27 -47.47 -9.82
N VAL D 47 1.68 -46.62 -10.75
CA VAL D 47 0.77 -45.65 -11.36
C VAL D 47 0.03 -46.34 -12.50
N ARG D 48 -1.29 -46.23 -12.49
CA ARG D 48 -2.11 -46.76 -13.58
C ARG D 48 -2.36 -45.68 -14.62
N GLU D 49 -2.59 -46.12 -15.86
CA GLU D 49 -2.83 -45.17 -16.93
C GLU D 49 -4.06 -44.33 -16.64
N GLY D 50 -3.99 -43.05 -16.99
CA GLY D 50 -5.10 -42.14 -16.76
C GLY D 50 -5.39 -41.88 -15.30
N GLU D 51 -4.35 -41.70 -14.49
CA GLU D 51 -4.49 -41.34 -13.08
C GLU D 51 -3.96 -39.92 -12.87
N PHE D 52 -4.06 -39.45 -11.62
CA PHE D 52 -3.62 -38.12 -11.24
C PHE D 52 -2.84 -38.19 -9.94
N VAL D 53 -1.88 -39.11 -9.88
CA VAL D 53 -1.10 -39.32 -8.66
C VAL D 53 -0.50 -38.00 -8.20
N CYS D 54 -0.48 -37.80 -6.87
CA CYS D 54 0.08 -36.61 -6.26
C CYS D 54 1.04 -37.03 -5.16
N LEU D 55 2.13 -36.27 -5.02
CA LEU D 55 3.21 -36.59 -4.10
C LEU D 55 3.35 -35.53 -3.00
N ILE D 56 2.22 -35.13 -2.42
CA ILE D 56 2.26 -34.14 -1.35
C ILE D 56 3.16 -34.64 -0.23
N GLY D 57 4.07 -33.77 0.20
CA GLY D 57 4.98 -34.11 1.30
C GLY D 57 5.73 -32.88 1.74
N HIS D 58 6.46 -33.04 2.84
CA HIS D 58 7.24 -31.94 3.39
C HIS D 58 8.29 -31.47 2.40
N SER D 59 8.78 -30.25 2.62
CA SER D 59 9.94 -29.79 1.87
C SER D 59 11.17 -30.60 2.25
N GLY D 60 12.00 -30.90 1.26
CA GLY D 60 13.20 -31.68 1.51
C GLY D 60 12.95 -33.10 1.95
N CYS D 61 11.90 -33.73 1.44
CA CYS D 61 11.63 -35.14 1.68
C CYS D 61 12.00 -36.02 0.49
N GLY D 62 12.61 -35.43 -0.54
CA GLY D 62 12.96 -36.16 -1.73
C GLY D 62 11.85 -36.32 -2.74
N LYS D 63 10.69 -35.68 -2.52
CA LYS D 63 9.60 -35.82 -3.48
C LYS D 63 9.99 -35.29 -4.85
N SER D 64 10.63 -34.12 -4.89
CA SER D 64 11.08 -33.58 -6.17
C SER D 64 12.09 -34.51 -6.83
N THR D 65 13.02 -35.05 -6.04
CA THR D 65 14.00 -35.98 -6.59
C THR D 65 13.31 -37.19 -7.22
N LEU D 66 12.19 -37.64 -6.62
CA LEU D 66 11.54 -38.84 -7.12
C LEU D 66 11.05 -38.64 -8.55
N LEU D 67 10.28 -37.57 -8.80
CA LEU D 67 9.86 -37.29 -10.17
C LEU D 67 11.04 -36.86 -11.03
N ASN D 68 11.96 -36.07 -10.47
CA ASN D 68 13.17 -35.73 -11.21
C ASN D 68 13.98 -36.96 -11.58
N MET D 69 13.63 -38.13 -11.04
CA MET D 69 14.30 -39.38 -11.36
C MET D 69 13.58 -40.15 -12.46
N ILE D 70 12.26 -40.30 -12.37
CA ILE D 70 11.52 -40.94 -13.45
C ILE D 70 11.53 -40.07 -14.70
N SER D 71 11.59 -38.75 -14.53
CA SER D 71 11.67 -37.86 -15.68
C SER D 71 12.94 -38.09 -16.49
N GLY D 72 13.94 -38.75 -15.91
CA GLY D 72 15.17 -39.06 -16.60
C GLY D 72 16.34 -38.15 -16.27
N PHE D 73 16.18 -37.23 -15.32
CA PHE D 73 17.25 -36.32 -14.95
C PHE D 73 18.20 -36.90 -13.92
N ASN D 74 17.96 -38.12 -13.46
CA ASN D 74 18.81 -38.75 -12.46
C ASN D 74 18.77 -40.26 -12.65
N THR D 75 19.72 -40.95 -12.01
CA THR D 75 19.80 -42.40 -12.06
C THR D 75 19.49 -42.96 -10.67
N PRO D 76 18.61 -43.95 -10.56
CA PRO D 76 18.24 -44.44 -9.21
C PRO D 76 19.43 -44.89 -8.38
N SER D 77 20.40 -45.56 -8.99
CA SER D 77 21.59 -46.05 -8.30
C SER D 77 21.27 -47.25 -7.41
N GLU D 78 19.99 -47.62 -7.32
CA GLU D 78 19.60 -48.83 -6.60
C GLU D 78 18.50 -49.64 -7.28
N GLY D 79 17.68 -49.05 -8.14
CA GLY D 79 16.61 -49.77 -8.80
C GLY D 79 16.31 -49.23 -10.18
N VAL D 80 15.16 -49.59 -10.75
CA VAL D 80 14.77 -49.16 -12.07
C VAL D 80 13.30 -48.75 -12.05
N VAL D 81 12.94 -47.89 -13.00
CA VAL D 81 11.56 -47.45 -13.19
C VAL D 81 11.13 -47.85 -14.59
N LEU D 82 10.03 -48.59 -14.68
CA LEU D 82 9.61 -49.23 -15.92
C LEU D 82 8.37 -48.52 -16.45
N LEU D 83 8.46 -48.02 -17.68
CA LEU D 83 7.33 -47.43 -18.39
C LEU D 83 6.95 -48.38 -19.51
N GLN D 84 5.90 -49.16 -19.30
CA GLN D 84 5.47 -50.19 -20.25
C GLN D 84 6.57 -51.24 -20.46
N ASP D 85 7.35 -51.52 -19.41
CA ASP D 85 8.43 -52.49 -19.40
C ASP D 85 9.69 -51.94 -20.09
N LYS D 86 9.72 -50.66 -20.43
CA LYS D 86 10.91 -50.04 -21.02
C LYS D 86 11.56 -49.14 -19.96
N PRO D 87 12.69 -49.53 -19.39
CA PRO D 87 13.29 -48.71 -18.32
C PRO D 87 13.61 -47.31 -18.82
N ILE D 88 13.42 -46.34 -17.94
CA ILE D 88 13.71 -44.94 -18.25
C ILE D 88 15.13 -44.63 -17.79
N THR D 89 15.93 -44.11 -18.71
CA THR D 89 17.31 -43.74 -18.39
C THR D 89 17.72 -42.37 -18.91
N GLU D 90 16.96 -41.77 -19.83
CA GLU D 90 17.30 -40.46 -20.38
C GLU D 90 16.05 -39.63 -20.50
N PRO D 91 16.17 -38.30 -20.45
CA PRO D 91 14.99 -37.46 -20.70
C PRO D 91 14.49 -37.60 -22.12
N GLY D 92 13.19 -37.42 -22.30
CA GLY D 92 12.58 -37.51 -23.61
C GLY D 92 11.27 -36.77 -23.70
N PRO D 93 10.79 -36.56 -24.92
CA PRO D 93 9.49 -35.88 -25.08
C PRO D 93 8.33 -36.69 -24.51
N ASP D 94 8.48 -37.99 -24.33
CA ASP D 94 7.39 -38.79 -23.78
C ASP D 94 7.05 -38.37 -22.36
N ARG D 95 8.07 -38.22 -21.52
CA ARG D 95 7.87 -37.79 -20.13
C ARG D 95 8.00 -36.27 -20.05
N MET D 96 7.16 -35.59 -20.83
CA MET D 96 7.22 -34.13 -20.87
C MET D 96 7.01 -33.56 -19.47
N MET D 97 7.82 -32.56 -19.13
CA MET D 97 7.93 -32.05 -17.78
C MET D 97 7.51 -30.59 -17.73
N VAL D 98 7.08 -30.16 -16.54
CA VAL D 98 6.65 -28.79 -16.31
C VAL D 98 7.33 -28.31 -15.03
N PHE D 99 8.25 -27.36 -15.15
CA PHE D 99 9.04 -26.92 -14.02
C PHE D 99 8.29 -25.84 -13.23
N GLN D 100 8.82 -25.55 -12.03
CA GLN D 100 8.18 -24.58 -11.15
C GLN D 100 8.43 -23.15 -11.59
N ASN D 101 9.60 -22.86 -12.16
CA ASN D 101 9.94 -21.51 -12.60
C ASN D 101 9.44 -21.21 -14.01
N TYR D 102 8.56 -22.06 -14.54
CA TYR D 102 7.92 -21.84 -15.84
C TYR D 102 8.85 -22.12 -17.01
N CYS D 103 10.15 -22.28 -16.75
CA CYS D 103 11.12 -22.69 -17.75
C CYS D 103 10.83 -22.10 -19.13
N LEU D 104 10.54 -20.80 -19.18
CA LEU D 104 10.12 -20.16 -20.42
C LEU D 104 11.23 -19.26 -20.96
N LEU D 105 11.50 -19.39 -22.25
CA LEU D 105 12.52 -18.58 -22.89
C LEU D 105 12.04 -17.15 -23.03
N PRO D 106 12.73 -16.15 -22.48
CA PRO D 106 12.25 -14.76 -22.57
C PRO D 106 12.37 -14.15 -23.96
N TRP D 107 13.06 -14.80 -24.89
CA TRP D 107 13.24 -14.22 -26.22
C TRP D 107 12.02 -14.50 -27.10
N LEU D 108 11.68 -15.77 -27.26
CA LEU D 108 10.55 -16.14 -28.09
C LEU D 108 9.24 -15.70 -27.43
N ASN D 109 8.30 -15.24 -28.26
CA ASN D 109 6.98 -14.90 -27.77
C ASN D 109 6.24 -16.18 -27.35
N VAL D 110 5.03 -16.02 -26.83
CA VAL D 110 4.28 -17.17 -26.34
C VAL D 110 4.03 -18.17 -27.47
N PHE D 111 3.65 -17.66 -28.66
CA PHE D 111 3.41 -18.56 -29.78
C PHE D 111 4.70 -19.31 -30.15
N GLU D 112 5.79 -18.57 -30.36
CA GLU D 112 7.04 -19.22 -30.73
C GLU D 112 7.54 -20.15 -29.64
N ASN D 113 7.13 -19.92 -28.38
CA ASN D 113 7.51 -20.84 -27.31
C ASN D 113 6.94 -22.23 -27.55
N VAL D 114 5.64 -22.30 -27.87
CA VAL D 114 5.01 -23.59 -28.12
C VAL D 114 5.59 -24.21 -29.39
N TYR D 115 5.80 -23.41 -30.42
CA TYR D 115 6.34 -23.94 -31.68
C TYR D 115 7.71 -24.58 -31.47
N LEU D 116 8.46 -24.13 -30.47
CA LEU D 116 9.75 -24.74 -30.18
C LEU D 116 9.58 -26.20 -29.79
N ALA D 117 8.61 -26.49 -28.92
CA ALA D 117 8.39 -27.87 -28.49
C ALA D 117 7.92 -28.74 -29.64
N VAL D 118 6.98 -28.24 -30.45
CA VAL D 118 6.44 -29.04 -31.55
C VAL D 118 7.52 -29.31 -32.57
N ASP D 119 8.32 -28.30 -32.92
CA ASP D 119 9.37 -28.48 -33.91
C ASP D 119 10.38 -29.52 -33.45
N ALA D 120 10.79 -29.45 -32.18
CA ALA D 120 11.81 -30.36 -31.67
C ALA D 120 11.32 -31.80 -31.61
N VAL D 121 10.00 -32.02 -31.64
CA VAL D 121 9.44 -33.36 -31.59
C VAL D 121 8.82 -33.80 -32.91
N PHE D 122 8.48 -32.87 -33.80
CA PHE D 122 7.93 -33.17 -35.11
C PHE D 122 8.74 -32.43 -36.17
N PRO D 123 9.97 -32.89 -36.43
CA PRO D 123 10.82 -32.13 -37.37
C PRO D 123 10.40 -32.29 -38.82
N ASN D 124 9.97 -33.47 -39.22
CA ASN D 124 9.61 -33.75 -40.61
C ASN D 124 8.17 -33.37 -40.95
N LYS D 125 7.38 -32.96 -39.97
CA LYS D 125 6.00 -32.61 -40.24
C LYS D 125 5.95 -31.41 -41.19
N PRO D 126 4.98 -31.35 -42.10
CA PRO D 126 4.95 -30.24 -43.06
C PRO D 126 4.82 -28.89 -42.36
N GLN D 127 5.51 -27.90 -42.90
CA GLN D 127 5.37 -26.53 -42.41
C GLN D 127 3.96 -26.03 -42.69
N ALA D 128 3.50 -25.12 -41.83
CA ALA D 128 2.16 -24.55 -41.81
C ALA D 128 1.14 -25.53 -41.26
N GLU D 129 1.50 -26.78 -41.01
CA GLU D 129 0.66 -27.71 -40.26
C GLU D 129 0.98 -27.66 -38.77
N LYS D 130 2.27 -27.56 -38.43
CA LYS D 130 2.64 -27.33 -37.04
C LYS D 130 2.07 -26.00 -36.56
N ARG D 131 2.02 -25.00 -37.43
CA ARG D 131 1.38 -23.74 -37.08
C ARG D 131 -0.06 -23.97 -36.63
N ALA D 132 -0.75 -24.96 -37.21
CA ALA D 132 -2.09 -25.28 -36.78
C ALA D 132 -2.09 -26.03 -35.44
N ILE D 133 -1.14 -26.94 -35.26
CA ILE D 133 -1.08 -27.73 -34.03
C ILE D 133 -0.86 -26.81 -32.83
N VAL D 134 0.09 -25.89 -32.95
CA VAL D 134 0.35 -24.98 -31.83
C VAL D 134 -0.81 -24.01 -31.63
N ARG D 135 -1.43 -23.57 -32.73
CA ARG D 135 -2.56 -22.66 -32.60
C ARG D 135 -3.76 -23.33 -31.96
N GLU D 136 -4.03 -24.58 -32.32
CA GLU D 136 -5.17 -25.29 -31.74
C GLU D 136 -4.88 -25.75 -30.31
N HIS D 137 -3.61 -25.98 -29.97
CA HIS D 137 -3.22 -26.16 -28.57
C HIS D 137 -2.83 -24.84 -27.94
N LEU D 138 -3.67 -23.82 -28.16
CA LEU D 138 -3.56 -22.58 -27.41
C LEU D 138 -4.92 -22.01 -27.04
N ALA D 139 -6.02 -22.64 -27.45
CA ALA D 139 -7.36 -22.25 -27.05
C ALA D 139 -7.91 -23.11 -25.93
N MET D 140 -7.47 -24.36 -25.82
CA MET D 140 -7.85 -25.19 -24.68
C MET D 140 -7.33 -24.60 -23.38
N VAL D 141 -6.26 -23.81 -23.43
CA VAL D 141 -5.75 -23.11 -22.27
C VAL D 141 -6.16 -21.65 -22.24
N GLY D 142 -6.97 -21.20 -23.19
CA GLY D 142 -7.45 -19.83 -23.21
C GLY D 142 -6.34 -18.81 -23.38
N LEU D 143 -5.44 -19.05 -24.32
CA LEU D 143 -4.30 -18.18 -24.54
C LEU D 143 -4.15 -17.70 -25.99
N THR D 144 -5.05 -18.09 -26.89
CA THR D 144 -4.93 -17.66 -28.27
C THR D 144 -5.07 -16.15 -28.42
N GLU D 145 -5.72 -15.48 -27.48
CA GLU D 145 -5.88 -14.03 -27.55
C GLU D 145 -4.52 -13.33 -27.52
N ALA D 146 -3.62 -13.79 -26.66
CA ALA D 146 -2.28 -13.24 -26.53
C ALA D 146 -1.31 -14.25 -27.12
N ALA D 147 -1.09 -14.15 -28.44
CA ALA D 147 -0.19 -15.04 -29.15
C ALA D 147 1.04 -14.32 -29.67
N GLU D 148 1.30 -13.10 -29.20
CA GLU D 148 2.48 -12.35 -29.63
C GLU D 148 3.25 -11.72 -28.48
N LYS D 149 2.64 -11.51 -27.31
CA LYS D 149 3.34 -10.90 -26.19
C LYS D 149 4.50 -11.78 -25.73
N LYS D 150 5.60 -11.14 -25.38
CA LYS D 150 6.73 -11.88 -24.82
C LYS D 150 6.45 -12.25 -23.37
N PRO D 151 7.09 -13.31 -22.86
CA PRO D 151 6.81 -13.71 -21.47
C PRO D 151 7.05 -12.59 -20.46
N SER D 152 8.05 -11.75 -20.68
CA SER D 152 8.31 -10.66 -19.73
C SER D 152 7.18 -9.64 -19.71
N GLN D 153 6.29 -9.65 -20.70
CA GLN D 153 5.19 -8.70 -20.79
C GLN D 153 3.83 -9.36 -20.58
N ILE D 154 3.78 -10.49 -19.89
CA ILE D 154 2.55 -11.21 -19.65
C ILE D 154 2.43 -11.50 -18.16
N SER D 155 1.20 -11.72 -17.71
CA SER D 155 0.93 -11.95 -16.30
C SER D 155 1.55 -13.26 -15.84
N GLY D 156 1.85 -13.32 -14.54
CA GLY D 156 2.45 -14.53 -14.00
C GLY D 156 1.56 -15.74 -14.14
N GLY D 157 0.26 -15.57 -13.88
CA GLY D 157 -0.66 -16.69 -14.05
C GLY D 157 -0.71 -17.18 -15.47
N MET D 158 -0.82 -16.25 -16.43
CA MET D 158 -0.82 -16.64 -17.83
C MET D 158 0.54 -17.20 -18.25
N LYS D 159 1.62 -16.77 -17.61
CA LYS D 159 2.93 -17.31 -17.91
C LYS D 159 2.97 -18.81 -17.65
N GLN D 160 2.46 -19.25 -16.51
CA GLN D 160 2.34 -20.67 -16.24
C GLN D 160 1.36 -21.34 -17.19
N ARG D 161 0.43 -20.58 -17.77
CA ARG D 161 -0.53 -21.17 -18.70
C ARG D 161 0.18 -21.78 -19.90
N VAL D 162 1.14 -21.04 -20.48
CA VAL D 162 1.97 -21.66 -21.52
C VAL D 162 3.19 -22.28 -20.84
N ALA D 163 2.96 -23.36 -20.11
CA ALA D 163 3.95 -24.39 -19.84
C ALA D 163 3.36 -25.78 -19.90
N ILE D 164 2.06 -25.92 -19.67
CA ILE D 164 1.35 -27.16 -19.95
C ILE D 164 0.82 -27.16 -21.38
N ALA D 165 0.47 -25.97 -21.91
CA ALA D 165 0.13 -25.88 -23.32
C ALA D 165 1.29 -26.30 -24.20
N ARG D 166 2.50 -25.82 -23.88
CA ARG D 166 3.68 -26.33 -24.56
C ARG D 166 3.87 -27.81 -24.32
N ALA D 167 3.71 -28.24 -23.06
CA ALA D 167 3.88 -29.65 -22.75
C ALA D 167 2.77 -30.50 -23.34
N LEU D 168 1.61 -29.92 -23.63
CA LEU D 168 0.53 -30.63 -24.30
C LEU D 168 0.59 -30.50 -25.82
N SER D 169 1.46 -29.63 -26.34
CA SER D 169 1.63 -29.55 -27.79
C SER D 169 2.09 -30.88 -28.35
N ILE D 170 3.04 -31.53 -27.68
CA ILE D 170 3.45 -32.89 -28.00
C ILE D 170 2.31 -33.81 -27.58
N ARG D 171 2.39 -35.08 -27.94
CA ARG D 171 1.47 -36.09 -27.43
C ARG D 171 2.22 -36.95 -26.42
N PRO D 172 2.31 -36.53 -25.15
CA PRO D 172 3.06 -37.30 -24.17
C PRO D 172 2.20 -38.35 -23.48
N GLN D 173 2.89 -39.35 -22.93
CA GLN D 173 2.22 -40.40 -22.16
C GLN D 173 2.13 -40.05 -20.69
N VAL D 174 3.23 -39.61 -20.10
CA VAL D 174 3.28 -39.19 -18.70
C VAL D 174 3.69 -37.71 -18.68
N LEU D 175 2.86 -36.89 -18.05
CA LEU D 175 3.09 -35.45 -17.96
C LEU D 175 3.46 -35.13 -16.51
N ILE D 176 4.75 -35.23 -16.20
CA ILE D 176 5.22 -34.94 -14.85
C ILE D 176 5.04 -33.46 -14.56
N LEU D 177 4.40 -33.15 -13.45
CA LEU D 177 4.09 -31.78 -13.06
C LEU D 177 4.77 -31.47 -11.73
N ASP D 178 5.95 -30.86 -11.77
CA ASP D 178 6.47 -30.26 -10.56
C ASP D 178 5.56 -29.13 -10.11
N GLU D 179 5.67 -28.76 -8.84
CA GLU D 179 4.74 -27.80 -8.25
C GLU D 179 4.61 -26.59 -9.17
N PRO D 180 3.49 -26.46 -9.91
CA PRO D 180 3.34 -25.31 -10.81
C PRO D 180 2.73 -24.10 -10.12
N PHE D 181 1.91 -24.35 -9.10
CA PHE D 181 1.17 -23.29 -8.42
C PHE D 181 1.87 -22.85 -7.15
N GLY D 182 3.14 -22.50 -7.26
CA GLY D 182 3.91 -22.07 -6.11
C GLY D 182 3.94 -20.56 -5.93
N ALA D 183 3.50 -19.84 -6.97
CA ALA D 183 3.50 -18.38 -6.95
C ALA D 183 2.16 -17.76 -7.29
N LEU D 184 1.23 -18.53 -7.87
CA LEU D 184 -0.06 -17.97 -8.25
C LEU D 184 -0.86 -17.58 -7.02
N ASP D 185 -1.52 -16.43 -7.09
CA ASP D 185 -2.37 -15.99 -6.00
C ASP D 185 -3.51 -16.99 -5.77
N ALA D 186 -4.20 -16.83 -4.63
CA ALA D 186 -5.26 -17.75 -4.27
C ALA D 186 -6.45 -17.70 -5.22
N ILE D 187 -6.55 -16.67 -6.05
CA ILE D 187 -7.68 -16.55 -6.97
C ILE D 187 -7.39 -17.21 -8.31
N THR D 188 -6.16 -17.07 -8.81
CA THR D 188 -5.84 -17.67 -10.10
C THR D 188 -5.78 -19.18 -10.02
N LYS D 189 -5.44 -19.74 -8.86
CA LYS D 189 -5.40 -21.18 -8.72
C LYS D 189 -6.76 -21.80 -8.98
N GLU D 190 -7.82 -21.20 -8.43
CA GLU D 190 -9.16 -21.75 -8.61
C GLU D 190 -9.53 -21.83 -10.08
N GLU D 191 -9.16 -20.80 -10.86
CA GLU D 191 -9.44 -20.82 -12.29
C GLU D 191 -8.50 -21.78 -13.03
N LEU D 192 -7.24 -21.83 -12.61
CA LEU D 192 -6.27 -22.65 -13.33
C LEU D 192 -6.46 -24.14 -13.07
N GLN D 193 -6.79 -24.51 -11.82
CA GLN D 193 -6.98 -25.92 -11.52
C GLN D 193 -8.09 -26.51 -12.36
N GLU D 194 -9.21 -25.81 -12.51
CA GLU D 194 -10.30 -26.31 -13.33
C GLU D 194 -9.86 -26.45 -14.77
N GLU D 195 -9.13 -25.47 -15.31
CA GLU D 195 -8.64 -25.58 -16.67
C GLU D 195 -7.71 -26.78 -16.83
N LEU D 196 -6.79 -26.98 -15.87
CA LEU D 196 -5.92 -28.14 -15.94
C LEU D 196 -6.71 -29.43 -15.83
N LEU D 197 -7.68 -29.48 -14.92
CA LEU D 197 -8.51 -30.67 -14.79
C LEU D 197 -9.34 -30.91 -16.05
N GLN D 198 -9.86 -29.84 -16.65
CA GLN D 198 -10.71 -29.99 -17.83
C GLN D 198 -9.93 -30.64 -18.97
N ILE D 199 -8.70 -30.17 -19.22
CA ILE D 199 -7.93 -30.72 -20.33
C ILE D 199 -7.37 -32.10 -19.99
N TRP D 200 -7.32 -32.47 -18.71
CA TRP D 200 -6.88 -33.82 -18.38
C TRP D 200 -7.87 -34.85 -18.93
N SER D 201 -9.17 -34.59 -18.82
CA SER D 201 -10.18 -35.48 -19.37
C SER D 201 -10.49 -35.12 -20.82
N ASP D 202 -9.43 -34.92 -21.59
CA ASP D 202 -9.48 -34.79 -23.05
C ASP D 202 -8.47 -35.68 -23.74
N HIS D 203 -7.30 -35.87 -23.13
CA HIS D 203 -6.24 -36.70 -23.67
C HIS D 203 -5.99 -37.97 -22.87
N GLN D 204 -6.34 -37.98 -21.59
CA GLN D 204 -6.09 -39.12 -20.71
C GLN D 204 -4.60 -39.45 -20.65
N VAL D 205 -3.83 -38.50 -20.15
CA VAL D 205 -2.39 -38.63 -20.00
C VAL D 205 -2.07 -38.75 -18.51
N THR D 206 -1.32 -39.79 -18.15
CA THR D 206 -0.90 -39.96 -16.76
C THR D 206 -0.13 -38.73 -16.30
N VAL D 207 -0.43 -38.26 -15.09
CA VAL D 207 0.15 -37.05 -14.55
C VAL D 207 0.51 -37.30 -13.09
N LEU D 208 1.66 -36.77 -12.67
CA LEU D 208 2.25 -37.05 -11.37
C LEU D 208 2.56 -35.76 -10.62
N MET D 209 1.55 -34.88 -10.54
CA MET D 209 1.73 -33.58 -9.92
C MET D 209 2.40 -33.69 -8.55
N ILE D 210 3.20 -32.69 -8.24
CA ILE D 210 3.71 -32.46 -6.89
C ILE D 210 3.00 -31.21 -6.35
N THR D 211 2.24 -31.39 -5.28
CA THR D 211 1.47 -30.29 -4.70
C THR D 211 1.68 -30.26 -3.19
N HIS D 212 1.87 -29.06 -2.66
CA HIS D 212 2.00 -28.87 -1.21
C HIS D 212 0.63 -28.67 -0.55
N ASP D 213 -0.19 -27.78 -1.11
CA ASP D 213 -1.49 -27.50 -0.53
C ASP D 213 -2.34 -28.76 -0.52
N ILE D 214 -2.65 -29.25 0.68
CA ILE D 214 -3.37 -30.52 0.80
C ILE D 214 -4.76 -30.39 0.20
N ASP D 215 -5.48 -29.30 0.51
CA ASP D 215 -6.84 -29.16 0.02
C ASP D 215 -6.91 -29.17 -1.50
N GLU D 216 -5.84 -28.75 -2.17
CA GLU D 216 -5.79 -28.84 -3.62
C GLU D 216 -5.79 -30.28 -4.08
N ALA D 217 -4.97 -31.13 -3.45
CA ALA D 217 -4.82 -32.51 -3.90
C ALA D 217 -6.14 -33.26 -3.80
N LEU D 218 -6.85 -33.12 -2.69
CA LEU D 218 -8.09 -33.86 -2.52
C LEU D 218 -9.11 -33.47 -3.59
N PHE D 219 -9.23 -32.19 -3.90
CA PHE D 219 -10.13 -31.78 -4.97
C PHE D 219 -9.65 -32.28 -6.31
N LEU D 220 -8.34 -32.27 -6.54
CA LEU D 220 -7.73 -32.57 -7.84
C LEU D 220 -6.76 -33.73 -7.66
N ALA D 221 -7.27 -34.96 -7.73
CA ALA D 221 -6.44 -36.15 -7.62
C ALA D 221 -7.32 -37.38 -7.82
N ASP D 222 -6.66 -38.52 -7.98
CA ASP D 222 -7.35 -39.80 -8.03
C ASP D 222 -6.76 -40.74 -6.99
N ARG D 223 -5.46 -40.63 -6.74
CA ARG D 223 -4.79 -41.42 -5.72
C ARG D 223 -3.57 -40.64 -5.24
N VAL D 224 -3.71 -39.96 -4.11
CA VAL D 224 -2.64 -39.13 -3.55
C VAL D 224 -1.81 -39.99 -2.61
N VAL D 225 -0.50 -39.91 -2.74
CA VAL D 225 0.44 -40.68 -1.93
C VAL D 225 1.31 -39.72 -1.13
N MET D 226 1.36 -39.93 0.18
CA MET D 226 2.19 -39.14 1.07
C MET D 226 3.40 -39.96 1.48
N MET D 227 4.59 -39.40 1.28
CA MET D 227 5.84 -40.07 1.61
C MET D 227 6.38 -39.51 2.91
N THR D 228 6.80 -40.42 3.81
CA THR D 228 7.34 -40.01 5.10
C THR D 228 8.59 -39.17 4.89
N ASN D 229 8.68 -38.06 5.61
CA ASN D 229 9.84 -37.18 5.49
C ASN D 229 11.04 -37.79 6.19
N GLY D 230 12.13 -37.03 6.29
CA GLY D 230 13.33 -37.51 6.94
C GLY D 230 14.37 -37.97 5.96
N PRO D 231 15.46 -38.55 6.45
CA PRO D 231 16.53 -39.00 5.56
C PRO D 231 16.12 -40.19 4.70
N ALA D 232 15.44 -41.16 5.30
CA ALA D 232 15.00 -42.37 4.61
C ALA D 232 13.51 -42.22 4.29
N ALA D 233 13.22 -41.52 3.20
CA ALA D 233 11.83 -41.32 2.79
C ALA D 233 11.25 -42.60 2.22
N GLN D 234 9.98 -42.86 2.55
CA GLN D 234 9.27 -44.02 2.05
C GLN D 234 7.81 -43.65 1.79
N ILE D 235 7.26 -44.17 0.70
CA ILE D 235 5.85 -43.95 0.40
C ILE D 235 5.00 -44.69 1.42
N GLY D 236 4.05 -43.98 2.01
CA GLY D 236 3.20 -44.57 3.03
C GLY D 236 1.81 -43.96 3.00
N GLU D 237 0.82 -44.80 3.31
CA GLU D 237 -0.57 -44.39 3.43
C GLU D 237 -1.07 -43.75 2.14
N ILE D 238 -1.12 -44.57 1.10
CA ILE D 238 -1.65 -44.15 -0.20
C ILE D 238 -3.15 -43.99 -0.06
N LEU D 239 -3.63 -42.75 -0.08
CA LEU D 239 -5.06 -42.48 0.05
C LEU D 239 -5.79 -42.83 -1.23
N ASP D 240 -7.10 -42.63 -1.22
CA ASP D 240 -7.92 -42.74 -2.42
C ASP D 240 -9.04 -41.71 -2.34
N ILE D 241 -9.24 -40.98 -3.43
CA ILE D 241 -10.24 -39.91 -3.48
C ILE D 241 -11.47 -40.46 -4.19
N PRO D 242 -12.59 -40.70 -3.49
CA PRO D 242 -13.76 -41.29 -4.14
C PRO D 242 -14.78 -40.29 -4.68
N PHE D 243 -14.46 -39.00 -4.73
CA PHE D 243 -15.42 -38.02 -5.21
C PHE D 243 -15.69 -38.23 -6.70
N ASP D 244 -16.86 -37.77 -7.15
CA ASP D 244 -17.27 -37.96 -8.52
C ASP D 244 -16.30 -37.26 -9.47
N ARG D 245 -16.09 -37.89 -10.63
CA ARG D 245 -15.08 -37.38 -11.57
C ARG D 245 -15.35 -35.95 -12.01
N PRO D 246 -16.57 -35.58 -12.42
CA PRO D 246 -16.80 -34.17 -12.74
C PRO D 246 -16.79 -33.31 -11.48
N ARG D 247 -15.59 -33.06 -10.97
CA ARG D 247 -15.45 -32.43 -9.67
C ARG D 247 -16.12 -31.06 -9.64
N ASN D 248 -16.90 -30.82 -8.59
CA ASN D 248 -17.45 -29.51 -8.30
C ASN D 248 -16.76 -28.99 -7.05
N ARG D 249 -16.10 -27.83 -7.17
CA ARG D 249 -15.27 -27.34 -6.08
C ARG D 249 -16.10 -27.11 -4.82
N ARG D 250 -17.29 -26.54 -4.96
CA ARG D 250 -18.10 -26.17 -3.81
C ARG D 250 -19.02 -27.27 -3.33
N ARG D 251 -19.12 -28.38 -4.05
CA ARG D 251 -19.98 -29.48 -3.65
C ARG D 251 -19.26 -30.54 -2.82
N ILE D 252 -17.93 -30.52 -2.78
CA ILE D 252 -17.16 -31.50 -2.05
C ILE D 252 -16.71 -30.98 -0.69
N MET D 253 -16.37 -29.70 -0.61
CA MET D 253 -15.89 -29.14 0.65
C MET D 253 -16.96 -29.25 1.72
N GLU D 254 -18.21 -28.96 1.38
CA GLU D 254 -19.31 -29.11 2.32
C GLU D 254 -19.74 -30.57 2.49
N ASP D 255 -19.24 -31.47 1.66
CA ASP D 255 -19.59 -32.89 1.79
C ASP D 255 -19.02 -33.43 3.10
N PRO D 256 -19.79 -34.22 3.86
CA PRO D 256 -19.26 -34.73 5.13
C PRO D 256 -18.42 -35.99 4.96
N LYS D 257 -17.59 -36.01 3.92
CA LYS D 257 -16.55 -37.03 3.77
C LYS D 257 -15.21 -36.44 3.39
N TYR D 258 -15.16 -35.25 2.79
CA TYR D 258 -13.91 -34.55 2.57
C TYR D 258 -13.31 -34.05 3.88
N TYR D 259 -14.14 -33.87 4.92
CA TYR D 259 -13.61 -33.56 6.25
C TYR D 259 -12.83 -34.75 6.80
N ASP D 260 -13.41 -35.94 6.76
CA ASP D 260 -12.76 -37.10 7.34
C ASP D 260 -11.46 -37.45 6.62
N LEU D 261 -11.26 -36.95 5.41
CA LEU D 261 -10.04 -37.21 4.67
C LEU D 261 -8.99 -36.13 4.91
N ARG D 262 -9.37 -34.86 4.78
CA ARG D 262 -8.40 -33.78 4.94
C ARG D 262 -7.78 -33.79 6.33
N ASN D 263 -8.62 -33.82 7.37
CA ASN D 263 -8.08 -33.83 8.72
C ASN D 263 -7.30 -35.11 9.00
N TYR D 264 -7.54 -36.18 8.24
CA TYR D 264 -6.72 -37.38 8.35
C TYR D 264 -5.36 -37.19 7.71
N ALA D 265 -5.30 -36.51 6.56
CA ALA D 265 -4.01 -36.20 5.96
C ALA D 265 -3.19 -35.28 6.85
N LEU D 266 -3.82 -34.27 7.46
CA LEU D 266 -3.12 -33.41 8.39
C LEU D 266 -2.57 -34.20 9.57
N ASP D 267 -3.21 -35.32 9.92
CA ASP D 267 -2.73 -36.19 10.98
C ASP D 267 -1.56 -37.06 10.54
N PHE D 268 -1.22 -37.04 9.25
CA PHE D 268 -0.10 -37.83 8.75
C PHE D 268 1.06 -36.95 8.31
N LEU D 269 0.92 -35.63 8.41
CA LEU D 269 1.97 -34.70 7.99
C LEU D 269 2.49 -33.86 9.14
N PHE D 270 1.62 -33.38 10.02
CA PHE D 270 2.03 -32.52 11.13
C PHE D 270 2.12 -33.28 12.44
N ASN D 271 1.10 -34.06 12.79
CA ASN D 271 1.10 -34.83 14.03
C ASN D 271 2.25 -35.84 14.03
N ARG D 272 2.22 -36.78 13.09
CA ARG D 272 3.21 -37.84 13.09
C ARG D 272 4.59 -37.32 12.75
N PHE D 273 4.69 -36.53 11.67
CA PHE D 273 5.98 -36.04 11.19
C PHE D 273 6.09 -34.52 11.36
N MET E 1 -33.27 27.62 25.27
CA MET E 1 -32.85 27.44 26.69
C MET E 1 -31.68 26.48 26.80
N LYS E 2 -31.02 26.20 25.69
CA LYS E 2 -29.86 25.31 25.65
C LYS E 2 -28.63 26.10 25.23
N LYS E 3 -27.47 25.63 25.70
CA LYS E 3 -26.22 26.38 25.63
C LYS E 3 -25.18 25.54 24.88
N VAL E 4 -24.94 25.88 23.61
CA VAL E 4 -23.93 25.19 22.84
C VAL E 4 -22.55 25.70 23.23
N GLU E 5 -21.58 24.79 23.31
CA GLU E 5 -20.18 25.13 23.59
C GLU E 5 -19.32 24.24 22.69
N ALA E 6 -18.99 24.76 21.51
CA ALA E 6 -18.33 23.97 20.47
C ALA E 6 -16.83 24.30 20.47
N ILE E 7 -16.03 23.38 20.98
CA ILE E 7 -14.58 23.49 20.86
C ILE E 7 -14.20 23.14 19.42
N ILE E 8 -13.60 24.10 18.72
CA ILE E 8 -13.29 23.95 17.30
C ILE E 8 -11.81 24.20 17.09
N ARG E 9 -11.36 23.96 15.86
CA ARG E 9 -9.96 24.13 15.51
C ARG E 9 -9.56 25.59 15.65
N PRO E 10 -8.26 25.87 15.85
CA PRO E 10 -7.86 27.26 16.12
C PRO E 10 -8.20 28.21 14.97
N PHE E 11 -8.11 27.75 13.73
CA PHE E 11 -8.28 28.62 12.56
C PHE E 11 -9.64 28.48 11.90
N LYS E 12 -10.43 27.47 12.26
CA LYS E 12 -11.69 27.23 11.57
C LYS E 12 -12.67 28.37 11.77
N LEU E 13 -12.42 29.26 12.73
CA LEU E 13 -13.23 30.47 12.82
C LEU E 13 -13.15 31.24 11.51
N ASP E 14 -14.12 32.14 11.31
CA ASP E 14 -14.32 32.84 10.05
C ASP E 14 -15.00 31.94 9.03
N GLU E 15 -15.16 30.66 9.36
CA GLU E 15 -16.02 29.75 8.62
C GLU E 15 -17.24 29.33 9.43
N VAL E 16 -17.23 29.58 10.74
CA VAL E 16 -18.36 29.21 11.59
C VAL E 16 -19.36 30.36 11.63
N LYS E 17 -18.90 31.55 12.01
CA LYS E 17 -19.80 32.70 12.10
C LYS E 17 -20.33 33.13 10.75
N ILE E 18 -19.53 33.02 9.68
CA ILE E 18 -20.02 33.36 8.36
C ILE E 18 -21.19 32.45 7.98
N ALA E 19 -21.10 31.16 8.32
CA ALA E 19 -22.20 30.24 8.04
C ALA E 19 -23.24 30.27 9.14
N LEU E 20 -22.81 30.31 10.40
CA LEU E 20 -23.73 30.29 11.53
C LEU E 20 -24.62 31.53 11.59
N VAL E 21 -24.10 32.69 11.18
CA VAL E 21 -24.90 33.91 11.22
C VAL E 21 -26.13 33.77 10.33
N ASN E 22 -26.05 32.94 9.29
CA ASN E 22 -27.19 32.73 8.41
C ASN E 22 -28.31 31.94 9.07
N ALA E 23 -28.08 31.38 10.26
CA ALA E 23 -29.07 30.58 10.96
C ALA E 23 -29.92 31.40 11.93
N GLY E 24 -29.75 32.73 11.93
CA GLY E 24 -30.51 33.59 12.81
C GLY E 24 -29.90 33.81 14.17
N ILE E 25 -28.74 33.21 14.46
CA ILE E 25 -28.04 33.41 15.73
C ILE E 25 -27.06 34.55 15.52
N VAL E 26 -27.19 35.59 16.35
CA VAL E 26 -26.39 36.81 16.19
C VAL E 26 -25.41 36.93 17.34
N GLY E 27 -25.75 36.38 18.50
CA GLY E 27 -24.94 36.50 19.69
C GLY E 27 -24.03 35.30 19.87
N MET E 28 -22.74 35.59 20.08
CA MET E 28 -21.74 34.56 20.30
C MET E 28 -20.75 35.05 21.34
N THR E 29 -20.11 34.11 22.02
CA THR E 29 -19.19 34.38 23.12
C THR E 29 -17.91 33.57 22.96
N VAL E 30 -17.33 33.62 21.76
CA VAL E 30 -16.12 32.87 21.45
C VAL E 30 -15.05 33.15 22.51
N SER E 31 -14.20 32.16 22.78
CA SER E 31 -13.14 32.30 23.77
C SER E 31 -11.93 31.50 23.28
N GLU E 32 -10.90 31.45 24.12
CA GLU E 32 -9.67 30.73 23.82
C GLU E 32 -9.34 29.81 24.97
N VAL E 33 -8.99 28.56 24.65
CA VAL E 33 -8.64 27.56 25.67
C VAL E 33 -7.53 26.69 25.12
N ARG E 34 -6.87 25.97 26.02
CA ARG E 34 -5.83 25.01 25.66
C ARG E 34 -6.38 23.61 25.80
N GLY E 35 -6.22 22.80 24.75
CA GLY E 35 -6.84 21.48 24.68
C GLY E 35 -5.81 20.38 24.68
N PHE E 36 -6.21 19.21 25.18
CA PHE E 36 -5.35 18.03 25.22
C PHE E 36 -6.22 16.80 24.98
N GLY E 37 -5.96 16.09 23.90
CA GLY E 37 -6.75 14.93 23.55
C GLY E 37 -5.97 13.86 22.81
N ARG E 38 -6.57 13.29 21.78
CA ARG E 38 -5.96 12.22 21.01
C ARG E 38 -5.06 12.73 19.89
N GLN E 39 -4.92 14.05 19.73
CA GLN E 39 -4.04 14.59 18.71
C GLN E 39 -2.60 14.56 19.19
N LYS E 40 -1.67 14.52 18.24
CA LYS E 40 -0.25 14.46 18.52
C LYS E 40 0.36 15.85 18.36
N GLY E 41 0.84 16.41 19.47
CA GLY E 41 1.48 17.71 19.46
C GLY E 41 0.70 18.76 18.70
N VAL E 53 3.44 20.75 22.13
CA VAL E 53 3.73 19.35 21.82
C VAL E 53 2.93 18.44 22.75
N GLU E 54 2.34 19.02 23.79
CA GLU E 54 1.56 18.25 24.76
C GLU E 54 0.16 18.84 24.91
N PHE E 55 0.06 20.17 24.83
CA PHE E 55 -1.21 20.87 24.93
C PHE E 55 -1.42 21.70 23.67
N LEU E 56 -2.60 21.59 23.08
CA LEU E 56 -2.93 22.30 21.85
C LEU E 56 -3.83 23.49 22.13
N GLN E 57 -4.01 24.31 21.11
CA GLN E 57 -4.83 25.52 21.19
C GLN E 57 -6.13 25.33 20.44
N LYS E 58 -7.25 25.62 21.11
CA LYS E 58 -8.57 25.52 20.51
C LYS E 58 -9.42 26.69 20.97
N LEU E 59 -10.42 27.04 20.17
CA LEU E 59 -11.37 28.08 20.50
C LEU E 59 -12.64 27.45 21.06
N LYS E 60 -13.09 27.95 22.21
CA LYS E 60 -14.27 27.41 22.88
C LYS E 60 -15.49 28.26 22.53
N VAL E 61 -15.91 28.14 21.26
CA VAL E 61 -17.09 28.86 20.82
C VAL E 61 -18.26 28.51 21.73
N GLU E 62 -18.95 29.54 22.21
CA GLU E 62 -19.97 29.39 23.24
C GLU E 62 -21.21 30.14 22.81
N ILE E 63 -22.31 29.42 22.57
CA ILE E 63 -23.54 29.98 22.03
C ILE E 63 -24.71 29.50 22.87
N VAL E 64 -25.68 30.38 23.08
CA VAL E 64 -26.96 30.02 23.71
C VAL E 64 -28.04 30.17 22.66
N VAL E 65 -28.82 29.11 22.45
CA VAL E 65 -29.81 29.05 21.39
C VAL E 65 -31.13 28.55 21.95
N GLU E 66 -32.20 28.81 21.20
CA GLU E 66 -33.51 28.28 21.55
C GLU E 66 -33.55 26.77 21.28
N ASP E 67 -34.38 26.08 22.06
CA ASP E 67 -34.46 24.62 21.92
C ASP E 67 -34.89 24.21 20.52
N ASN E 68 -35.65 25.06 19.82
CA ASN E 68 -36.12 24.70 18.49
C ASN E 68 -34.97 24.52 17.51
N GLN E 69 -33.99 25.43 17.53
CA GLN E 69 -32.90 25.43 16.58
C GLN E 69 -31.60 24.89 17.14
N VAL E 70 -31.64 24.26 18.33
CA VAL E 70 -30.43 23.67 18.89
C VAL E 70 -29.91 22.57 17.98
N ASP E 71 -30.82 21.74 17.46
CA ASP E 71 -30.41 20.65 16.58
C ASP E 71 -29.97 21.14 15.21
N MET E 72 -30.32 22.37 14.84
CA MET E 72 -29.92 22.93 13.55
C MET E 72 -28.65 23.77 13.65
N VAL E 73 -28.46 24.49 14.74
CA VAL E 73 -27.22 25.24 14.93
C VAL E 73 -26.04 24.29 15.03
N VAL E 74 -26.20 23.19 15.75
CA VAL E 74 -25.12 22.21 15.89
C VAL E 74 -24.74 21.65 14.52
N ASP E 75 -25.74 21.43 13.65
CA ASP E 75 -25.44 20.92 12.31
C ASP E 75 -24.61 21.92 11.52
N LYS E 76 -24.94 23.21 11.63
CA LYS E 76 -24.19 24.22 10.87
C LYS E 76 -22.74 24.26 11.30
N ILE E 77 -22.47 24.17 12.60
CA ILE E 77 -21.09 24.18 13.08
C ILE E 77 -20.34 22.94 12.61
N ILE E 78 -21.00 21.79 12.63
CA ILE E 78 -20.32 20.55 12.26
C ILE E 78 -19.82 20.62 10.83
N ALA E 79 -20.66 21.08 9.90
CA ALA E 79 -20.24 21.18 8.50
C ALA E 79 -19.12 22.20 8.34
N ALA E 80 -19.22 23.34 9.01
CA ALA E 80 -18.23 24.40 8.83
C ALA E 80 -16.90 24.04 9.47
N ALA E 81 -16.94 23.53 10.71
CA ALA E 81 -15.72 23.31 11.48
C ALA E 81 -15.06 21.97 11.22
N ARG E 82 -15.71 21.08 10.48
CA ARG E 82 -15.13 19.76 10.24
C ARG E 82 -13.86 19.87 9.40
N THR E 83 -12.92 18.98 9.68
CA THR E 83 -11.66 18.91 8.94
C THR E 83 -11.37 17.52 8.39
N GLY E 84 -11.74 16.47 9.13
CA GLY E 84 -11.48 15.11 8.70
C GLY E 84 -10.43 14.43 9.55
N GLU E 85 -9.34 15.15 9.84
CA GLU E 85 -8.34 14.63 10.75
C GLU E 85 -8.80 14.82 12.19
N ILE E 86 -8.33 13.93 13.07
CA ILE E 86 -8.79 13.98 14.45
C ILE E 86 -8.30 15.26 15.12
N GLY E 87 -8.90 15.57 16.26
CA GLY E 87 -8.60 16.79 16.97
C GLY E 87 -9.47 17.97 16.60
N ASP E 88 -10.65 17.75 16.05
CA ASP E 88 -11.54 18.83 15.66
C ASP E 88 -12.46 19.29 16.77
N GLY E 89 -12.47 18.60 17.91
CA GLY E 89 -13.21 19.06 19.07
C GLY E 89 -14.51 18.36 19.33
N LYS E 90 -15.45 19.06 19.97
CA LYS E 90 -16.72 18.48 20.38
C LYS E 90 -17.74 19.60 20.49
N ILE E 91 -18.97 19.24 20.89
CA ILE E 91 -20.02 20.22 21.16
C ILE E 91 -20.81 19.76 22.38
N PHE E 92 -20.59 20.42 23.52
CA PHE E 92 -21.29 20.12 24.76
C PHE E 92 -22.49 21.05 24.88
N ILE E 93 -23.69 20.47 24.89
CA ILE E 93 -24.93 21.23 25.00
C ILE E 93 -25.42 21.12 26.44
N SER E 94 -25.55 22.26 27.10
CA SER E 94 -25.96 22.31 28.50
C SER E 94 -27.14 23.26 28.65
N PRO E 95 -27.95 23.08 29.69
CA PRO E 95 -29.15 23.91 29.85
C PRO E 95 -28.86 25.21 30.58
N VAL E 96 -29.78 26.16 30.38
CA VAL E 96 -29.77 27.43 31.09
C VAL E 96 -31.19 27.73 31.52
N GLU E 97 -31.35 28.20 32.76
CA GLU E 97 -32.66 28.33 33.38
C GLU E 97 -33.24 29.74 33.27
N GLN E 98 -32.46 30.77 33.60
CA GLN E 98 -32.96 32.13 33.77
C GLN E 98 -32.06 33.11 33.02
N VAL E 99 -31.80 32.83 31.75
CA VAL E 99 -31.01 33.76 30.93
C VAL E 99 -31.62 35.16 31.03
N ILE E 100 -30.80 36.11 31.48
CA ILE E 100 -31.24 37.49 31.68
C ILE E 100 -30.39 38.39 30.81
N ARG E 101 -31.04 39.30 30.08
CA ARG E 101 -30.37 40.30 29.26
C ARG E 101 -30.49 41.65 29.96
N ILE E 102 -29.35 42.19 30.39
CA ILE E 102 -29.37 43.36 31.26
C ILE E 102 -29.84 44.63 30.55
N ARG E 103 -30.13 44.56 29.25
CA ARG E 103 -30.76 45.69 28.58
C ARG E 103 -32.13 45.99 29.18
N THR E 104 -32.91 44.94 29.45
CA THR E 104 -34.25 45.10 30.01
C THR E 104 -34.56 44.14 31.14
N GLY E 105 -33.72 43.16 31.43
CA GLY E 105 -34.06 42.20 32.47
C GLY E 105 -35.31 41.40 32.15
N GLU E 106 -35.44 40.94 30.91
CA GLU E 106 -36.64 40.26 30.46
C GLU E 106 -36.73 38.83 30.99
N LYS E 107 -37.70 38.08 30.51
CA LYS E 107 -37.93 36.72 30.98
C LYS E 107 -36.96 35.77 30.29
N ASN E 108 -37.23 34.46 30.40
CA ASN E 108 -36.31 33.44 29.90
C ASN E 108 -36.00 33.64 28.43
N THR E 109 -36.92 34.21 27.66
CA THR E 109 -36.73 34.34 26.22
C THR E 109 -35.46 35.13 25.91
N GLU E 110 -34.73 34.67 24.89
CA GLU E 110 -33.50 35.35 24.51
C GLU E 110 -33.75 36.78 24.07
N ALA E 111 -34.81 36.99 23.28
CA ALA E 111 -35.09 38.31 22.69
C ALA E 111 -33.91 38.77 21.83
N VAL E 112 -33.25 37.82 21.17
CA VAL E 112 -32.11 38.13 20.32
C VAL E 112 -31.90 37.00 19.32
N MET F 1 -24.18 11.58 30.22
CA MET F 1 -22.95 12.42 30.27
C MET F 1 -23.09 13.53 31.29
N LYS F 2 -22.06 13.71 32.12
CA LYS F 2 -22.03 14.76 33.12
C LYS F 2 -20.71 15.50 33.03
N LYS F 3 -20.76 16.80 33.33
CA LYS F 3 -19.61 17.68 33.23
C LYS F 3 -18.90 17.80 34.57
N VAL F 4 -17.57 17.72 34.53
CA VAL F 4 -16.76 17.96 35.72
C VAL F 4 -15.82 19.12 35.45
N GLU F 5 -15.86 20.13 36.31
CA GLU F 5 -15.12 21.37 36.12
C GLU F 5 -14.42 21.75 37.43
N ALA F 6 -13.11 21.98 37.33
CA ALA F 6 -12.30 22.23 38.51
C ALA F 6 -11.38 23.41 38.27
N ILE F 7 -11.00 24.07 39.35
CA ILE F 7 -10.06 25.19 39.32
C ILE F 7 -8.87 24.80 40.17
N ILE F 8 -7.68 24.84 39.57
CA ILE F 8 -6.45 24.42 40.24
C ILE F 8 -5.36 25.46 39.98
N ARG F 9 -4.32 25.42 40.80
CA ARG F 9 -3.23 26.35 40.67
C ARG F 9 -2.49 26.13 39.36
N PRO F 10 -1.91 27.18 38.78
CA PRO F 10 -1.35 27.05 37.42
C PRO F 10 -0.25 26.00 37.31
N PHE F 11 0.57 25.83 38.33
CA PHE F 11 1.70 24.90 38.27
C PHE F 11 1.31 23.47 38.60
N LYS F 12 0.05 23.22 38.93
CA LYS F 12 -0.44 21.88 39.22
C LYS F 12 -0.95 21.14 37.98
N LEU F 13 -0.80 21.74 36.79
CA LEU F 13 -1.32 21.11 35.58
C LEU F 13 -0.78 19.69 35.41
N ASP F 14 0.53 19.52 35.56
CA ASP F 14 1.13 18.19 35.40
C ASP F 14 1.06 17.41 36.71
N GLU F 15 -0.11 17.44 37.35
CA GLU F 15 -0.45 16.55 38.45
C GLU F 15 -1.83 15.95 38.32
N VAL F 16 -2.75 16.59 37.59
CA VAL F 16 -4.05 15.98 37.30
C VAL F 16 -4.02 15.30 35.94
N LYS F 17 -3.35 15.91 34.96
CA LYS F 17 -3.18 15.25 33.66
C LYS F 17 -2.42 13.94 33.83
N ILE F 18 -1.35 13.94 34.62
CA ILE F 18 -0.64 12.71 34.91
C ILE F 18 -1.53 11.74 35.69
N ALA F 19 -2.29 12.27 36.65
CA ALA F 19 -3.21 11.43 37.41
C ALA F 19 -4.43 11.01 36.60
N LEU F 20 -4.71 11.69 35.49
CA LEU F 20 -5.85 11.34 34.64
C LEU F 20 -5.46 10.57 33.39
N VAL F 21 -4.27 10.80 32.85
CA VAL F 21 -3.84 10.08 31.66
C VAL F 21 -3.79 8.58 31.93
N ASN F 22 -3.27 8.19 33.09
CA ASN F 22 -3.23 6.79 33.49
C ASN F 22 -4.54 6.31 34.10
N ALA F 23 -5.53 7.20 34.24
CA ALA F 23 -6.84 6.83 34.75
C ALA F 23 -7.83 6.51 33.64
N GLY F 24 -7.38 6.42 32.40
CA GLY F 24 -8.26 6.14 31.28
C GLY F 24 -9.24 7.24 30.97
N ILE F 25 -8.82 8.50 31.10
CA ILE F 25 -9.64 9.65 30.74
C ILE F 25 -8.75 10.58 29.92
N VAL F 26 -8.83 10.46 28.61
CA VAL F 26 -8.07 11.30 27.68
C VAL F 26 -9.01 12.36 27.14
N GLY F 27 -8.64 13.63 27.33
CA GLY F 27 -9.48 14.74 26.92
C GLY F 27 -9.72 15.71 28.04
N MET F 28 -9.38 16.98 27.82
CA MET F 28 -9.57 18.01 28.83
C MET F 28 -9.22 19.36 28.23
N THR F 29 -10.00 20.38 28.58
CA THR F 29 -9.75 21.75 28.15
C THR F 29 -9.35 22.57 29.36
N VAL F 30 -8.19 23.21 29.27
CA VAL F 30 -7.65 24.03 30.35
C VAL F 30 -7.52 25.46 29.86
N SER F 31 -8.09 26.40 30.61
CA SER F 31 -8.07 27.81 30.24
C SER F 31 -7.73 28.64 31.47
N GLU F 32 -7.02 29.75 31.24
CA GLU F 32 -6.63 30.62 32.34
C GLU F 32 -7.82 31.38 32.88
N VAL F 33 -7.73 31.76 34.15
CA VAL F 33 -8.75 32.54 34.83
C VAL F 33 -8.05 33.53 35.75
N ARG F 34 -8.83 34.42 36.36
CA ARG F 34 -8.31 35.44 37.28
C ARG F 34 -9.28 35.51 38.46
N GLY F 35 -9.02 34.70 39.47
CA GLY F 35 -9.91 34.61 40.62
C GLY F 35 -9.71 35.74 41.61
N PHE F 36 -10.62 35.78 42.59
CA PHE F 36 -10.54 36.77 43.65
C PHE F 36 -10.30 36.11 45.01
N GLY F 37 -11.20 35.23 45.42
CA GLY F 37 -11.07 34.53 46.68
C GLY F 37 -11.05 35.48 47.86
N ARG F 38 -11.00 34.88 49.06
CA ARG F 38 -10.94 35.64 50.30
C ARG F 38 -12.20 36.51 50.46
N GLU F 54 -4.17 40.95 44.19
CA GLU F 54 -5.59 41.20 43.99
C GLU F 54 -6.25 39.99 43.33
N PHE F 55 -5.96 39.79 42.04
CA PHE F 55 -6.47 38.66 41.27
C PHE F 55 -5.34 37.67 41.04
N LEU F 56 -5.63 36.39 41.28
CA LEU F 56 -4.64 35.33 41.08
C LEU F 56 -4.56 35.01 39.59
N GLN F 57 -3.82 33.97 39.25
CA GLN F 57 -3.65 33.51 37.87
C GLN F 57 -3.89 32.00 37.80
N LYS F 58 -5.00 31.56 38.39
CA LYS F 58 -5.30 30.14 38.52
C LYS F 58 -5.57 29.52 37.15
N LEU F 59 -5.89 28.23 37.14
CA LEU F 59 -6.18 27.50 35.92
C LEU F 59 -7.56 26.85 36.05
N LYS F 60 -8.17 26.57 34.90
CA LYS F 60 -9.56 26.11 34.82
C LYS F 60 -9.58 24.82 34.00
N VAL F 61 -9.42 23.68 34.66
CA VAL F 61 -9.50 22.39 33.99
C VAL F 61 -10.95 22.00 33.81
N GLU F 62 -11.29 21.51 32.63
CA GLU F 62 -12.68 21.25 32.24
C GLU F 62 -12.75 19.91 31.54
N ILE F 63 -13.55 18.98 32.08
CA ILE F 63 -13.72 17.66 31.50
C ILE F 63 -15.20 17.28 31.56
N VAL F 64 -15.60 16.38 30.67
CA VAL F 64 -16.94 15.82 30.66
C VAL F 64 -16.81 14.30 30.61
N VAL F 65 -17.53 13.61 31.50
CA VAL F 65 -17.46 12.15 31.60
C VAL F 65 -18.84 11.61 31.95
N GLU F 66 -18.97 10.30 31.82
CA GLU F 66 -20.23 9.64 32.15
C GLU F 66 -20.50 9.75 33.65
N ASP F 67 -21.75 9.41 34.03
CA ASP F 67 -22.16 9.54 35.42
C ASP F 67 -21.30 8.68 36.34
N ASN F 68 -21.03 7.43 35.93
CA ASN F 68 -20.28 6.53 36.80
C ASN F 68 -18.87 7.04 37.05
N GLN F 69 -18.21 7.58 36.02
CA GLN F 69 -16.82 8.00 36.13
C GLN F 69 -16.63 9.25 36.98
N VAL F 70 -17.71 9.94 37.37
CA VAL F 70 -17.57 11.17 38.13
C VAL F 70 -16.89 10.90 39.47
N ASP F 71 -17.33 9.86 40.17
CA ASP F 71 -16.73 9.54 41.47
C ASP F 71 -15.26 9.16 41.33
N MET F 72 -14.94 8.39 40.28
CA MET F 72 -13.56 7.97 40.08
C MET F 72 -12.69 9.15 39.69
N VAL F 73 -13.15 9.97 38.73
CA VAL F 73 -12.33 11.08 38.25
C VAL F 73 -12.22 12.16 39.32
N VAL F 74 -13.31 12.45 40.03
CA VAL F 74 -13.29 13.53 41.01
C VAL F 74 -12.29 13.23 42.11
N ASP F 75 -12.22 11.97 42.54
CA ASP F 75 -11.25 11.60 43.57
C ASP F 75 -9.82 11.84 43.09
N LYS F 76 -9.54 11.50 41.84
CA LYS F 76 -8.19 11.69 41.31
C LYS F 76 -7.83 13.16 41.25
N ILE F 77 -8.77 14.02 40.85
CA ILE F 77 -8.47 15.44 40.73
C ILE F 77 -8.13 16.03 42.09
N ILE F 78 -8.94 15.71 43.11
CA ILE F 78 -8.66 16.24 44.44
C ILE F 78 -7.35 15.68 44.97
N ALA F 79 -7.05 14.41 44.69
CA ALA F 79 -5.81 13.80 45.13
C ALA F 79 -4.60 14.29 44.34
N ALA F 80 -4.80 15.01 43.24
CA ALA F 80 -3.70 15.52 42.43
C ALA F 80 -3.09 16.76 43.06
N ALA F 81 -3.86 17.84 43.14
CA ALA F 81 -3.42 19.08 43.78
C ALA F 81 -4.03 19.13 45.17
N ARG F 82 -3.39 18.42 46.10
CA ARG F 82 -3.85 18.31 47.49
C ARG F 82 -2.74 18.87 48.38
N THR F 83 -2.76 20.19 48.57
CA THR F 83 -1.86 20.87 49.49
C THR F 83 -2.68 21.87 50.29
N GLY F 84 -2.71 21.71 51.61
CA GLY F 84 -3.55 22.57 52.41
C GLY F 84 -3.08 24.00 52.42
N GLU F 85 -3.78 24.84 51.66
CA GLU F 85 -3.55 26.29 51.67
C GLU F 85 -4.82 26.92 51.10
N ILE F 86 -5.43 27.82 51.86
CA ILE F 86 -6.67 28.47 51.43
C ILE F 86 -6.44 29.12 50.07
N GLY F 87 -7.39 28.93 49.16
CA GLY F 87 -7.28 29.50 47.83
C GLY F 87 -6.78 28.51 46.80
N ASP F 88 -7.36 27.31 46.78
CA ASP F 88 -6.95 26.28 45.83
C ASP F 88 -8.06 25.82 44.90
N GLY F 89 -9.26 26.42 44.98
CA GLY F 89 -10.31 26.13 44.03
C GLY F 89 -11.29 25.08 44.50
N LYS F 90 -12.24 24.78 43.62
CA LYS F 90 -13.27 23.77 43.88
C LYS F 90 -13.49 22.96 42.61
N ILE F 91 -14.50 22.10 42.63
CA ILE F 91 -14.80 21.19 41.52
C ILE F 91 -16.26 21.41 41.15
N PHE F 92 -16.50 22.27 40.16
CA PHE F 92 -17.85 22.45 39.65
C PHE F 92 -18.21 21.32 38.69
N ILE F 93 -19.43 20.82 38.80
CA ILE F 93 -19.93 19.77 37.92
C ILE F 93 -21.31 20.19 37.43
N SER F 94 -21.57 20.00 36.14
CA SER F 94 -22.82 20.40 35.53
C SER F 94 -23.36 19.28 34.63
N PRO F 95 -24.67 19.24 34.39
CA PRO F 95 -25.22 18.24 33.48
C PRO F 95 -24.91 18.59 32.03
N VAL F 96 -24.96 17.56 31.19
CA VAL F 96 -24.73 17.69 29.75
C VAL F 96 -25.71 16.77 29.04
N GLU F 97 -26.60 17.35 28.23
CA GLU F 97 -27.58 16.54 27.52
C GLU F 97 -26.94 15.75 26.38
N GLN F 98 -26.05 16.38 25.61
CA GLN F 98 -25.45 15.73 24.45
C GLN F 98 -23.97 16.11 24.36
N VAL F 99 -23.20 15.23 23.74
CA VAL F 99 -21.78 15.48 23.46
C VAL F 99 -21.51 15.02 22.03
N ILE F 100 -21.53 15.96 21.09
CA ILE F 100 -21.46 15.65 19.67
C ILE F 100 -20.02 15.84 19.20
N ARG F 101 -19.44 14.80 18.62
CA ARG F 101 -18.15 14.92 17.99
C ARG F 101 -18.27 15.77 16.73
N ILE F 102 -17.12 16.17 16.18
CA ILE F 102 -17.06 16.94 14.94
C ILE F 102 -16.61 16.07 13.78
N ARG F 103 -15.60 15.23 14.00
CA ARG F 103 -15.09 14.38 12.93
C ARG F 103 -16.16 13.42 12.45
N THR F 104 -16.96 12.87 13.36
CA THR F 104 -17.95 11.86 13.03
C THR F 104 -19.38 12.38 13.03
N GLY F 105 -19.71 13.30 13.94
CA GLY F 105 -21.08 13.79 14.02
C GLY F 105 -22.01 12.93 14.82
N GLU F 106 -21.50 11.94 15.55
CA GLU F 106 -22.35 11.07 16.35
C GLU F 106 -22.99 11.87 17.49
N LYS F 107 -23.81 11.19 18.28
CA LYS F 107 -24.57 11.83 19.34
C LYS F 107 -24.39 11.05 20.64
N ASN F 108 -24.46 11.77 21.75
CA ASN F 108 -24.34 11.15 23.08
C ASN F 108 -23.09 10.31 23.19
N MET G 1 -25.62 27.76 44.01
CA MET G 1 -25.82 26.48 43.26
C MET G 1 -26.09 26.76 41.79
N LYS G 2 -26.36 28.02 41.47
CA LYS G 2 -26.59 28.45 40.08
C LYS G 2 -25.33 29.15 39.58
N LYS G 3 -24.81 28.68 38.45
CA LYS G 3 -23.54 29.16 37.91
C LYS G 3 -23.78 30.43 37.07
N VAL G 4 -24.02 31.54 37.78
CA VAL G 4 -24.16 32.84 37.14
C VAL G 4 -22.91 33.09 36.31
N GLU G 5 -23.07 33.32 35.02
CA GLU G 5 -21.98 33.40 34.07
C GLU G 5 -22.13 34.65 33.20
N ALA G 6 -22.34 35.78 33.85
CA ALA G 6 -22.63 37.03 33.14
C ALA G 6 -21.42 37.46 32.31
N ILE G 7 -21.70 38.19 31.23
CA ILE G 7 -20.69 38.76 30.36
C ILE G 7 -20.81 40.28 30.45
N ILE G 8 -19.70 40.94 30.81
CA ILE G 8 -19.68 42.37 31.04
C ILE G 8 -18.52 42.99 30.28
N ARG G 9 -18.61 44.31 30.08
CA ARG G 9 -17.54 45.04 29.43
C ARG G 9 -16.31 45.07 30.34
N PRO G 10 -15.11 45.19 29.77
CA PRO G 10 -13.91 45.24 30.60
C PRO G 10 -13.89 46.43 31.56
N PHE G 11 -14.47 47.57 31.16
CA PHE G 11 -14.38 48.77 31.98
C PHE G 11 -15.28 48.71 33.21
N LYS G 12 -16.26 47.81 33.23
CA LYS G 12 -17.20 47.71 34.33
C LYS G 12 -16.84 46.60 35.31
N LEU G 13 -15.54 46.35 35.51
CA LEU G 13 -15.09 45.27 36.38
C LEU G 13 -14.85 45.76 37.81
N ASP G 14 -14.15 46.88 37.97
CA ASP G 14 -13.86 47.35 39.32
C ASP G 14 -15.10 47.86 40.03
N GLU G 15 -16.11 48.33 39.29
CA GLU G 15 -17.30 48.86 39.92
C GLU G 15 -18.05 47.78 40.69
N VAL G 16 -18.17 46.59 40.11
CA VAL G 16 -18.94 45.51 40.74
C VAL G 16 -18.28 44.99 42.01
N LYS G 17 -17.04 45.38 42.29
CA LYS G 17 -16.36 44.90 43.48
C LYS G 17 -17.14 45.24 44.74
N ILE G 18 -17.56 46.50 44.87
CA ILE G 18 -18.31 46.91 46.06
C ILE G 18 -19.64 46.16 46.11
N ALA G 19 -20.34 46.08 44.99
CA ALA G 19 -21.60 45.36 44.96
C ALA G 19 -21.39 43.88 45.21
N LEU G 20 -20.36 43.29 44.59
CA LEU G 20 -20.12 41.86 44.73
C LEU G 20 -19.83 41.49 46.18
N VAL G 21 -18.95 42.25 46.83
CA VAL G 21 -18.63 41.96 48.22
C VAL G 21 -19.81 42.29 49.13
N ASN G 22 -20.51 43.40 48.85
CA ASN G 22 -21.64 43.77 49.68
C ASN G 22 -22.75 42.74 49.62
N ALA G 23 -22.84 41.99 48.52
CA ALA G 23 -23.88 40.97 48.38
C ALA G 23 -23.70 39.84 49.37
N GLY G 24 -22.54 39.73 50.01
CA GLY G 24 -22.24 38.67 50.94
C GLY G 24 -21.42 37.54 50.35
N ILE G 25 -21.38 37.42 49.04
CA ILE G 25 -20.54 36.43 48.34
C ILE G 25 -19.63 37.23 47.41
N VAL G 26 -18.33 37.20 47.67
CA VAL G 26 -17.38 38.01 46.95
C VAL G 26 -16.50 37.18 46.01
N GLY G 27 -16.13 35.97 46.43
CA GLY G 27 -15.28 35.14 45.59
C GLY G 27 -15.96 34.80 44.28
N MET G 28 -15.18 34.75 43.21
CA MET G 28 -15.70 34.45 41.89
C MET G 28 -14.54 34.07 40.98
N THR G 29 -14.85 33.84 39.71
CA THR G 29 -13.87 33.52 38.68
C THR G 29 -14.11 34.46 37.49
N VAL G 30 -13.01 34.88 36.86
CA VAL G 30 -13.07 35.84 35.77
C VAL G 30 -12.24 35.31 34.60
N SER G 31 -12.56 35.79 33.41
CA SER G 31 -11.86 35.40 32.20
C SER G 31 -12.15 36.44 31.12
N GLU G 32 -11.52 36.25 29.96
CA GLU G 32 -11.66 37.16 28.83
C GLU G 32 -12.33 36.42 27.67
N VAL G 33 -13.23 37.10 26.98
CA VAL G 33 -13.96 36.53 25.86
C VAL G 33 -14.05 37.58 24.75
N ARG G 34 -13.84 37.13 23.50
CA ARG G 34 -13.99 38.01 22.35
C ARG G 34 -15.45 38.00 21.89
N GLY G 35 -16.28 38.65 22.69
CA GLY G 35 -17.71 38.69 22.45
C GLY G 35 -18.07 39.16 21.06
N PHE G 36 -19.24 38.74 20.57
CA PHE G 36 -19.70 39.14 19.24
C PHE G 36 -21.21 39.23 19.17
N GLY G 37 -21.76 40.42 19.37
CA GLY G 37 -23.18 40.63 19.19
C GLY G 37 -23.48 42.03 18.68
N ARG G 38 -24.16 42.11 17.54
CA ARG G 38 -24.48 43.41 16.92
C ARG G 38 -23.28 44.34 16.98
N GLN G 39 -23.31 45.33 17.87
CA GLN G 39 -22.20 46.26 18.04
C GLN G 39 -21.89 46.97 16.72
N GLU G 54 -17.46 43.47 14.35
CA GLU G 54 -16.49 42.39 14.50
C GLU G 54 -16.34 42.01 15.97
N PHE G 55 -15.34 41.19 16.28
CA PHE G 55 -15.10 40.77 17.65
C PHE G 55 -14.54 41.92 18.47
N LEU G 56 -15.01 42.04 19.71
CA LEU G 56 -14.50 43.02 20.66
C LEU G 56 -14.31 42.35 22.00
N GLN G 57 -13.21 42.69 22.67
CA GLN G 57 -12.84 42.01 23.91
C GLN G 57 -13.84 42.30 25.01
N LYS G 58 -14.25 41.26 25.72
CA LYS G 58 -15.09 41.36 26.91
C LYS G 58 -14.52 40.43 27.97
N LEU G 59 -15.21 40.35 29.11
CA LEU G 59 -14.82 39.44 30.18
C LEU G 59 -16.04 38.68 30.66
N LYS G 60 -15.80 37.43 31.08
CA LYS G 60 -16.85 36.54 31.56
C LYS G 60 -16.59 36.24 33.03
N VAL G 61 -17.60 36.50 33.86
CA VAL G 61 -17.49 36.31 35.31
C VAL G 61 -18.38 35.14 35.70
N GLU G 62 -17.81 34.18 36.41
CA GLU G 62 -18.53 33.00 36.89
C GLU G 62 -18.65 33.09 38.40
N ILE G 63 -19.90 33.07 38.89
CA ILE G 63 -20.17 33.12 40.32
C ILE G 63 -21.14 32.00 40.64
N VAL G 64 -20.72 31.06 41.48
CA VAL G 64 -21.60 29.97 41.91
C VAL G 64 -22.30 30.47 43.17
N VAL G 65 -23.38 31.20 42.95
CA VAL G 65 -24.15 31.76 44.05
C VAL G 65 -25.16 30.72 44.53
N GLU G 66 -25.53 30.80 45.81
CA GLU G 66 -26.54 29.90 46.33
C GLU G 66 -27.87 30.14 45.64
N ASP G 67 -28.64 29.07 45.46
CA ASP G 67 -29.89 29.17 44.71
C ASP G 67 -30.86 30.12 45.38
N ASN G 68 -30.95 30.09 46.71
CA ASN G 68 -31.93 30.92 47.41
C ASN G 68 -31.63 32.41 47.31
N GLN G 69 -30.45 32.81 46.86
CA GLN G 69 -30.06 34.21 46.79
C GLN G 69 -29.68 34.62 45.37
N VAL G 70 -30.23 33.92 44.37
CA VAL G 70 -29.91 34.26 42.98
C VAL G 70 -30.45 35.64 42.63
N ASP G 71 -31.65 35.97 43.12
CA ASP G 71 -32.22 37.28 42.84
C ASP G 71 -31.37 38.40 43.45
N MET G 72 -30.87 38.18 44.68
CA MET G 72 -30.14 39.24 45.37
C MET G 72 -28.84 39.61 44.68
N VAL G 73 -28.32 38.75 43.81
CA VAL G 73 -27.04 38.99 43.16
C VAL G 73 -27.22 39.49 41.73
N VAL G 74 -28.24 38.99 41.02
CA VAL G 74 -28.43 39.40 39.63
C VAL G 74 -28.76 40.89 39.54
N ASP G 75 -29.61 41.38 40.45
CA ASP G 75 -29.99 42.78 40.41
C ASP G 75 -28.80 43.69 40.66
N LYS G 76 -27.91 43.30 41.57
CA LYS G 76 -26.73 44.12 41.86
C LYS G 76 -25.83 44.23 40.63
N ILE G 77 -25.63 43.11 39.91
CA ILE G 77 -24.71 43.12 38.78
C ILE G 77 -25.23 44.08 37.69
N ILE G 78 -26.51 43.99 37.38
CA ILE G 78 -27.08 44.86 36.34
C ILE G 78 -26.99 46.32 36.79
N ALA G 79 -27.26 46.59 38.08
CA ALA G 79 -27.20 47.95 38.56
C ALA G 79 -25.81 48.55 38.39
N ALA G 80 -24.78 47.78 38.70
CA ALA G 80 -23.40 48.24 38.53
C ALA G 80 -22.90 48.09 37.10
N ALA G 81 -23.57 47.26 36.29
CA ALA G 81 -23.17 47.04 34.90
C ALA G 81 -24.04 47.81 33.91
N ARG G 82 -24.97 48.62 34.39
CA ARG G 82 -25.84 49.39 33.50
C ARG G 82 -25.01 50.40 32.73
N THR G 83 -25.05 50.33 31.41
CA THR G 83 -24.30 51.24 30.54
C THR G 83 -25.18 51.93 29.50
N GLY G 84 -26.16 51.24 28.95
CA GLY G 84 -27.06 51.80 27.96
C GLY G 84 -26.63 51.59 26.52
N GLU G 85 -25.39 51.92 26.20
CA GLU G 85 -24.89 51.78 24.84
C GLU G 85 -24.84 50.32 24.43
N ILE G 86 -24.53 50.10 23.15
CA ILE G 86 -24.48 48.74 22.61
C ILE G 86 -23.39 47.95 23.32
N GLY G 87 -23.51 46.62 23.30
CA GLY G 87 -22.58 45.77 24.01
C GLY G 87 -22.80 45.75 25.50
N ASP G 88 -24.03 45.95 25.97
CA ASP G 88 -24.29 46.01 27.41
C ASP G 88 -23.87 44.72 28.09
N GLY G 89 -24.34 43.58 27.60
CA GLY G 89 -24.01 42.28 28.14
C GLY G 89 -25.25 41.47 28.45
N LYS G 90 -25.00 40.23 28.88
CA LYS G 90 -26.05 39.28 29.20
C LYS G 90 -25.68 38.52 30.47
N ILE G 91 -26.67 37.92 31.10
CA ILE G 91 -26.49 37.11 32.30
C ILE G 91 -27.11 35.75 32.06
N PHE G 92 -26.33 34.69 32.30
CA PHE G 92 -26.80 33.32 32.20
C PHE G 92 -26.94 32.74 33.60
N ILE G 93 -27.80 31.72 33.72
CA ILE G 93 -28.04 31.04 34.99
C ILE G 93 -28.06 29.54 34.68
N SER G 94 -26.91 28.86 34.92
CA SER G 94 -26.80 27.44 34.68
C SER G 94 -26.90 26.67 36.00
N PRO G 95 -27.41 25.44 35.99
CA PRO G 95 -27.60 24.70 37.25
C PRO G 95 -26.41 23.84 37.63
N VAL G 96 -26.36 23.52 38.92
CA VAL G 96 -25.37 22.62 39.49
C VAL G 96 -26.06 21.75 40.52
N GLU G 97 -25.62 20.49 40.64
CA GLU G 97 -26.22 19.56 41.59
C GLU G 97 -25.42 19.43 42.89
N GLN G 98 -24.08 19.45 42.83
CA GLN G 98 -23.29 19.49 44.05
C GLN G 98 -21.84 19.83 43.74
N VAL G 99 -21.29 20.80 44.48
CA VAL G 99 -19.90 21.21 44.33
C VAL G 99 -19.13 20.75 45.56
N ILE G 100 -17.82 20.55 45.38
CA ILE G 100 -16.95 20.10 46.46
C ILE G 100 -15.74 21.01 46.53
N ARG G 101 -15.13 21.08 47.71
CA ARG G 101 -13.95 21.89 47.93
C ARG G 101 -12.70 21.03 47.80
N ILE G 102 -11.83 21.40 46.86
CA ILE G 102 -10.62 20.62 46.63
C ILE G 102 -9.73 20.62 47.88
N ARG G 103 -9.75 21.73 48.63
CA ARG G 103 -8.94 21.81 49.84
C ARG G 103 -9.39 20.76 50.86
N THR G 104 -10.70 20.59 51.03
CA THR G 104 -11.26 19.66 52.00
C THR G 104 -11.97 18.49 51.32
N GLY G 105 -12.92 18.77 50.43
CA GLY G 105 -13.64 17.72 49.74
C GLY G 105 -14.93 17.32 50.43
N GLU G 106 -15.76 18.31 50.75
CA GLU G 106 -17.03 18.07 51.42
C GLU G 106 -18.18 18.26 50.42
N LYS G 107 -19.10 17.31 50.40
CA LYS G 107 -20.25 17.39 49.52
C LYS G 107 -21.09 18.62 49.89
N ASN G 108 -21.52 19.36 48.87
CA ASN G 108 -22.35 20.54 49.07
C ASN G 108 -23.59 20.49 48.18
PB ADP H . -4.10 -4.94 -1.37
O1B ADP H . -4.56 -3.71 -0.64
O2B ADP H . -3.09 -5.77 -0.61
O3B ADP H . -5.21 -5.74 -2.01
PA ADP H . -2.29 -3.10 -2.45
O1A ADP H . -1.10 -3.30 -3.35
O2A ADP H . -2.08 -2.86 -0.98
O3A ADP H . -3.26 -4.37 -2.62
O5' ADP H . -3.16 -1.88 -3.06
C5' ADP H . -4.50 -1.64 -2.64
C4' ADP H . -5.10 -0.54 -3.51
O4' ADP H . -4.37 0.68 -3.34
C3' ADP H . -5.06 -0.90 -4.98
O3' ADP H . -6.39 -1.13 -5.48
C2' ADP H . -4.41 0.27 -5.68
O2' ADP H . -5.23 0.77 -6.74
C1' ADP H . -4.21 1.33 -4.60
N9 ADP H . -2.86 1.94 -4.72
C8 ADP H . -1.74 1.49 -4.13
N7 ADP H . -0.68 2.28 -4.44
C5 ADP H . -1.13 3.26 -5.25
C6 ADP H . -0.53 4.43 -5.95
N6 ADP H . 0.79 4.72 -5.83
N1 ADP H . -1.35 5.20 -6.69
C2 ADP H . -2.68 4.93 -6.82
N3 ADP H . -3.26 3.89 -6.21
C4 ADP H . -2.57 3.03 -5.43
H5'1 ADP H . -4.51 -1.34 -1.59
H5'2 ADP H . -5.09 -2.55 -2.74
H4' ADP H . -6.15 -0.39 -3.21
H3' ADP H . -4.45 -1.80 -5.12
HO3' ADP H . -6.34 -1.47 -6.37
H2' ADP H . -3.43 -0.03 -6.07
HO2' ADP H . -5.26 0.13 -7.47
H1' ADP H . -4.98 2.11 -4.72
H8 ADP H . -1.69 0.61 -3.49
HN61 ADP H . 1.38 4.13 -5.27
HN62 ADP H . 1.16 5.51 -6.31
H2 ADP H . -3.27 5.58 -7.43
PB ADP I . 12.15 -30.41 -2.59
O1B ADP I . 11.87 -30.18 -1.13
O2B ADP I . 11.27 -31.47 -3.21
O3B ADP I . 12.29 -29.15 -3.41
PA ADP I . 13.79 -32.64 -2.29
O1A ADP I . 12.89 -32.98 -1.13
O2A ADP I . 13.65 -33.40 -3.59
O3A ADP I . 13.61 -31.07 -2.61
O5' ADP I . 15.32 -32.75 -1.79
C5' ADP I . 15.78 -34.02 -1.32
C4' ADP I . 17.09 -33.92 -0.56
O4' ADP I . 18.22 -34.05 -1.42
C3' ADP I . 17.30 -32.62 0.21
O3' ADP I . 16.93 -32.76 1.58
C2' ADP I . 18.77 -32.31 0.07
O2' ADP I . 19.42 -32.26 1.34
C1' ADP I . 19.34 -33.43 -0.78
N9 ADP I . 20.34 -32.94 -1.76
C8 ADP I . 20.08 -32.19 -2.86
N7 ADP I . 21.24 -31.92 -3.52
C5 ADP I . 22.26 -32.48 -2.84
C6 ADP I . 23.72 -32.59 -2.99
N6 ADP I . 24.37 -31.99 -4.03
N1 ADP I . 24.41 -33.28 -2.05
C2 ADP I . 23.79 -33.87 -1.01
N3 ADP I . 22.46 -33.82 -0.82
C4 ADP I . 21.65 -33.15 -1.69
H5'1 ADP I . 15.91 -34.69 -2.17
H5'2 ADP I . 15.02 -34.46 -0.67
H4' ADP I . 17.12 -34.74 0.17
H3' ADP I . 16.72 -31.81 -0.26
HO3' ADP I . 16.93 -31.91 2.01
H2' ADP I . 18.90 -31.36 -0.46
HO2' ADP I . 19.12 -31.49 1.84
H1' ADP I . 19.83 -34.17 -0.12
H8 ADP I . 19.11 -31.87 -3.16
HN61 ADP I . 23.85 -31.48 -4.71
HN62 ADP I . 25.37 -32.08 -4.11
H2 ADP I . 24.40 -34.42 -0.29
PB ADP J . -11.52 14.33 18.19
O1B ADP J . -12.41 15.41 18.74
O2B ADP J . -11.99 12.93 18.51
O3B ADP J . -11.09 14.54 16.77
PA ADP J . -10.18 14.30 20.64
O1A ADP J . -9.02 13.42 21.03
O2A ADP J . -11.58 13.89 21.01
O3A ADP J . -10.15 14.47 19.03
O5' ADP J . -9.89 15.77 21.21
C5' ADP J . -9.96 16.94 20.40
C4' ADP J . -10.39 18.11 21.25
O4' ADP J . -11.60 17.78 21.95
C3' ADP J . -9.36 18.46 22.31
O3' ADP J . -8.68 19.67 21.95
C2' ADP J . -10.12 18.63 23.61
O2' ADP J . -10.06 19.98 24.07
C1' ADP J . -11.56 18.24 23.30
N9 ADP J . -11.99 17.18 24.22
C8 ADP J . -11.80 15.85 24.03
N7 ADP J . -12.30 15.14 25.06
C5 ADP J . -12.83 16.02 25.94
C6 ADP J . -13.52 15.93 27.24
N6 ADP J . -13.76 14.73 27.82
N1 ADP J . -13.91 17.08 27.83
C2 ADP J . -13.68 18.28 27.26
N3 ADP J . -13.05 18.43 26.08
C4 ADP J . -12.61 17.35 25.38
H5'1 ADP J . -10.67 16.78 19.58
H5'2 ADP J . -8.98 17.14 19.98
H4' ADP J . -10.56 18.98 20.61
H3' ADP J . -8.63 17.63 22.41
HO3' ADP J . -7.91 19.78 22.51
H2' ADP J . -9.72 17.93 24.36
HO2' ADP J . -9.16 20.17 24.38
H1' ADP J . -12.20 19.13 23.41
H8 ADP J . -11.30 15.43 23.16
HN61 ADP J . -14.24 14.69 28.71
HN62 ADP J . -13.47 13.88 27.36
H2 ADP J . -14.02 19.16 27.77
PB ADP K . -26.01 44.30 24.08
O1B ADP K . -25.92 45.75 23.70
O2B ADP K . -24.71 43.72 24.57
O3B ADP K . -27.19 43.96 24.95
PA ADP K . -25.18 43.23 21.60
O1A ADP K . -24.63 44.52 21.07
O2A ADP K . -25.72 42.18 20.66
O3A ADP K . -26.33 43.55 22.69
O5' ADP K . -24.03 42.51 22.48
C5' ADP K . -24.35 41.30 23.17
C4' ADP K . -23.14 40.78 23.93
O4' ADP K . -23.58 39.77 24.85
C3' ADP K . -22.11 40.14 23.01
O3' ADP K . -20.82 40.71 23.21
C2' ADP K . -22.11 38.66 23.34
O2' ADP K . -20.82 38.23 23.78
C1' ADP K . -23.13 38.48 24.46
N9 ADP K . -24.28 37.71 23.95
C8 ADP K . -25.53 38.19 23.82
N7 ADP K . -26.37 37.25 23.32
C5 ADP K . -25.64 36.13 23.13
C6 ADP K . -25.90 34.76 22.62
N6 ADP K . -27.14 34.41 22.23
N1 ADP K . -24.87 33.90 22.58
C2 ADP K . -23.63 34.25 22.98
N3 ADP K . -23.32 35.47 23.44
C4 ADP K . -24.27 36.44 23.55
H5'1 ADP K . -24.67 40.55 22.45
H5'2 ADP K . -25.17 41.47 23.87
H4' ADP K . -22.67 41.60 24.48
H3' ADP K . -22.44 40.27 21.96
HO3' ADP K . -20.20 40.38 22.54
H2' ADP K . -22.43 38.10 22.45
HO2' ADP K . -20.23 38.19 23.01
H1' ADP K . -22.65 37.96 25.31
H8 ADP K . -25.83 39.20 24.08
HN61 ADP K . -27.90 35.07 22.26
HN62 ADP K . -27.32 33.47 21.88
H2 ADP K . -22.84 33.51 22.92
PB ADP L . -12.34 30.52 50.22
O1B ADP L . -11.53 31.47 49.38
O2B ADP L . -11.79 30.31 51.61
O3B ADP L . -13.83 30.76 50.18
PA ADP L . -10.73 28.60 48.98
O1A ADP L . -10.62 27.11 49.20
O2A ADP L . -9.67 29.52 49.55
O3A ADP L . -12.16 29.09 49.51
O5' ADP L . -10.84 28.85 47.39
C5' ADP L . -11.13 30.15 46.87
C4' ADP L . -11.24 30.09 45.35
O4' ADP L . -12.55 29.68 44.97
C3' ADP L . -10.98 31.44 44.72
O3' ADP L . -9.67 31.51 44.17
C2' ADP L . -12.05 31.61 43.66
O2' ADP L . -11.48 31.55 42.35
C1' ADP L . -13.03 30.47 43.87
N9 ADP L . -14.38 31.01 44.18
C8 ADP L . -14.70 31.66 45.30
N7 ADP L . -16.02 32.02 45.29
C5 ADP L . -16.54 31.60 44.13
C6 ADP L . -17.86 31.65 43.48
N6 ADP L . -18.91 32.25 44.08
N1 ADP L . -17.98 31.08 42.26
C2 ADP L . -16.95 30.48 41.63
N3 ADP L . -15.71 30.40 42.18
C4 ADP L . -15.45 30.93 43.40
H5'1 ADP L . -10.34 30.85 47.15
H5'2 ADP L . -12.08 30.50 47.29
H4' ADP L . -10.50 29.36 44.98
H3' ADP L . -11.11 32.22 45.49
HO3' ADP L . -9.47 32.41 43.91
H2' ADP L . -12.56 32.57 43.82
HO2' ADP L . -10.95 32.34 42.20
H1' ADP L . -13.06 29.86 42.96
H8 ADP L . -14.03 31.86 46.12
HN61 ADP L . -18.79 32.66 45.00
HN62 ADP L . -19.81 32.28 43.62
H2 ADP L . -17.11 30.05 40.66
#